data_6Z7T
#
_entry.id   6Z7T
#
_cell.length_a   56.681
_cell.length_b   174.395
_cell.length_c   100.252
_cell.angle_alpha   90.000
_cell.angle_beta   106.384
_cell.angle_gamma   90.000
#
_symmetry.space_group_name_H-M   'P 1 21 1'
#
loop_
_entity.id
_entity.type
_entity.pdbx_description
1 polymer 'Myosin-2 heavy chain'
2 non-polymer 'MAGNESIUM ION'
3 non-polymer 1,2-ETHANEDIOL
4 non-polymer GLYCEROL
5 non-polymer 'TRIETHYLENE GLYCOL'
6 non-polymer DI(HYDROXYETHYL)ETHER
7 water water
#
_entity_poly.entity_id   1
_entity_poly.type   'polypeptide(L)'
_entity_poly.pdbx_seq_one_letter_code
;MHHHHHHHDGTENPIHDRTSDYHKYLKVKQGDSDLFKLTVSDKRYIWYNPDPKERDSYECGEIVSETSDSFTFKTVDGQD
RQVKKDDANQRNPIKFDGVEDMSELSYLNEPAVFHNLRVRYNQDLIYTYSGLFLVAVNPFKRIPIYTQEMVDIFKGRRRN
EVAPHIFAISDVAYRSMLDDRQNQSLLITGESGAGKTENTKKVIQYLASVAGRNQANGSGVLEQQILQANPILEAFGNAK
TTRNNNSSRFGKFIEIQFNSAGFISGASIQSYLLEKSRVVFQSETERNYHIFYQLLAGATAEEKKALHLAGPESFNYLNQ
SGCVDIKGVSDSEEFKITRQAMDIVGFSQEEQMSIFKIIAGILHLGNIKFEKGAGEGAVLKDKTALNAASTVFGVNPSVL
EKALMEPRILAGRDLVAQHLNVEKSSSSRDALVKALYGRLFLWLVKKINNVLCQERKAYFIGVLDISGFEIFKVNSFEQL
CINYTNEKLQQFFNHHMFKLEQEEYLKEKINWTFIDFGLDSQATIDLIDGRQPPGILALLDEQSVFPNATDNTLITKLHS
HFSKKNAKYEEPRFSKTEFGVTHYAGQVMYEIQDWLEKNKDPLQQDLELCFKDSSDNVVTKLFNDPNIASRAKKGANFIT
VAAQYKEQLASLMATLETTNPHFVRCIIPNNKQLPAKLEDKVVLDQLRCNGVLEGIRITRKGFPNRIIYADFVKRYYLLA
PNVPRDAEDSQKATDAVLKHLNIDPEQYRFGITKIFFRAGQLARIEEAREQRLESNEPPMDFDDDIPF
;
_entity_poly.pdbx_strand_id   A,B
#
loop_
_chem_comp.id
_chem_comp.type
_chem_comp.name
_chem_comp.formula
EDO non-polymer 1,2-ETHANEDIOL 'C2 H6 O2'
GOL non-polymer GLYCEROL 'C3 H8 O3'
MG non-polymer 'MAGNESIUM ION' 'Mg 2'
PEG non-polymer DI(HYDROXYETHYL)ETHER 'C4 H10 O3'
PGE non-polymer 'TRIETHYLENE GLYCOL' 'C6 H14 O4'
#
# COMPACT_ATOMS: atom_id res chain seq x y z
N THR A 39 -24.09 -33.22 34.92
CA THR A 39 -23.92 -31.89 35.52
C THR A 39 -24.02 -30.76 34.49
N VAL A 40 -25.13 -30.04 34.47
CA VAL A 40 -25.38 -29.16 33.32
C VAL A 40 -24.39 -28.02 33.27
N SER A 41 -24.13 -27.37 34.41
CA SER A 41 -23.51 -26.04 34.33
C SER A 41 -21.99 -26.09 34.17
N ASP A 42 -21.38 -27.25 34.18
CA ASP A 42 -19.96 -27.36 33.86
CA ASP A 42 -19.96 -27.21 33.87
C ASP A 42 -19.68 -27.24 32.36
N LYS A 43 -20.70 -27.35 31.52
CA LYS A 43 -20.50 -27.52 30.10
C LYS A 43 -20.39 -26.19 29.38
N ARG A 44 -19.41 -26.13 28.49
CA ARG A 44 -19.01 -24.96 27.69
CA ARG A 44 -19.14 -24.95 27.68
C ARG A 44 -19.05 -25.37 26.23
N TYR A 45 -19.67 -24.59 25.36
CA TYR A 45 -19.78 -24.94 23.97
C TYR A 45 -19.08 -23.89 23.12
N ILE A 46 -18.79 -24.28 21.88
CA ILE A 46 -18.05 -23.45 20.95
CA ILE A 46 -18.08 -23.42 20.95
C ILE A 46 -18.64 -23.66 19.56
N TRP A 47 -18.55 -22.62 18.73
CA TRP A 47 -18.96 -22.70 17.34
C TRP A 47 -17.68 -22.93 16.52
N TYR A 48 -17.66 -23.94 15.66
CA TYR A 48 -16.44 -24.25 14.91
C TYR A 48 -16.82 -24.64 13.50
N ASN A 49 -15.86 -24.55 12.59
CA ASN A 49 -16.07 -24.97 11.20
C ASN A 49 -15.63 -26.40 11.04
N PRO A 50 -16.50 -27.32 10.59
CA PRO A 50 -16.01 -28.67 10.33
C PRO A 50 -14.94 -28.67 9.26
N ASP A 51 -15.03 -27.76 8.28
CA ASP A 51 -13.99 -27.55 7.29
C ASP A 51 -13.59 -26.08 7.30
N PRO A 52 -12.39 -25.74 7.81
CA PRO A 52 -12.04 -24.32 7.93
C PRO A 52 -12.22 -23.52 6.64
N LYS A 53 -12.04 -24.14 5.46
CA LYS A 53 -12.14 -23.34 4.24
C LYS A 53 -13.58 -22.98 3.89
N GLU A 54 -14.56 -23.75 4.39
CA GLU A 54 -15.97 -23.33 4.38
C GLU A 54 -16.16 -22.57 5.67
N ARG A 55 -15.83 -21.29 5.64
CA ARG A 55 -15.65 -20.57 6.88
C ARG A 55 -16.96 -20.03 7.45
N ASP A 56 -18.04 -20.10 6.68
CA ASP A 56 -19.34 -19.68 7.16
C ASP A 56 -20.27 -20.86 7.44
N SER A 57 -19.76 -22.10 7.38
CA SER A 57 -20.53 -23.29 7.73
C SER A 57 -20.07 -23.78 9.09
N TYR A 58 -20.94 -23.71 10.12
CA TYR A 58 -20.53 -24.01 11.49
C TYR A 58 -21.24 -25.22 12.09
N GLU A 59 -20.62 -25.76 13.12
CA GLU A 59 -21.27 -26.71 14.03
C GLU A 59 -20.97 -26.28 15.47
N CYS A 60 -21.66 -26.95 16.38
CA CYS A 60 -21.52 -26.74 17.81
C CYS A 60 -20.68 -27.86 18.40
N GLY A 61 -19.57 -27.49 19.05
CA GLY A 61 -18.70 -28.46 19.71
C GLY A 61 -18.63 -28.17 21.21
N GLU A 62 -18.03 -29.08 21.94
CA GLU A 62 -18.02 -28.97 23.40
C GLU A 62 -16.59 -28.87 23.92
N ILE A 63 -16.32 -27.78 24.64
CA ILE A 63 -15.00 -27.54 25.21
C ILE A 63 -14.74 -28.55 26.32
N VAL A 64 -13.54 -29.09 26.37
CA VAL A 64 -13.28 -30.11 27.39
C VAL A 64 -12.09 -29.75 28.26
N SER A 65 -11.15 -28.97 27.72
CA SER A 65 -9.92 -28.63 28.41
C SER A 65 -9.54 -27.20 28.11
N GLU A 66 -8.76 -26.60 29.01
CA GLU A 66 -8.39 -25.21 28.84
C GLU A 66 -6.98 -24.94 29.32
N THR A 67 -6.18 -24.28 28.47
CA THR A 67 -4.87 -23.79 28.86
C THR A 67 -4.83 -22.27 28.80
N SER A 68 -3.64 -21.75 29.04
CA SER A 68 -3.37 -20.31 29.08
C SER A 68 -3.89 -19.55 27.87
N ASP A 69 -3.83 -20.19 26.73
CA ASP A 69 -3.88 -19.53 25.45
C ASP A 69 -4.78 -20.27 24.49
N SER A 70 -5.42 -21.36 24.91
CA SER A 70 -6.15 -22.22 24.00
C SER A 70 -7.29 -22.95 24.70
N PHE A 71 -8.19 -23.47 23.86
CA PHE A 71 -9.20 -24.45 24.22
C PHE A 71 -8.98 -25.73 23.45
N THR A 72 -9.29 -26.86 24.08
CA THR A 72 -9.48 -28.13 23.40
C THR A 72 -10.97 -28.43 23.41
N PHE A 73 -11.51 -28.89 22.28
CA PHE A 73 -12.92 -29.19 22.24
C PHE A 73 -13.16 -30.45 21.42
N LYS A 74 -14.38 -30.93 21.54
CA LYS A 74 -14.84 -32.14 20.88
C LYS A 74 -15.86 -31.76 19.82
N THR A 75 -15.65 -32.29 18.62
CA THR A 75 -16.51 -32.03 17.50
C THR A 75 -17.78 -32.85 17.63
N VAL A 76 -18.70 -32.64 16.70
CA VAL A 76 -19.99 -33.30 16.80
C VAL A 76 -19.82 -34.81 16.67
N ASP A 77 -18.83 -35.29 15.90
CA ASP A 77 -18.55 -36.70 15.69
CA ASP A 77 -18.63 -36.73 15.74
C ASP A 77 -17.58 -37.30 16.71
N GLY A 78 -16.86 -36.47 17.45
CA GLY A 78 -16.05 -36.94 18.55
C GLY A 78 -14.58 -36.59 18.49
N GLN A 79 -14.06 -36.12 17.36
CA GLN A 79 -12.65 -35.78 17.30
C GLN A 79 -12.37 -34.62 18.23
N ASP A 80 -11.18 -34.63 18.83
CA ASP A 80 -10.73 -33.49 19.60
C ASP A 80 -9.99 -32.52 18.68
N ARG A 81 -10.20 -31.23 18.92
CA ARG A 81 -9.46 -30.20 18.23
C ARG A 81 -9.02 -29.16 19.26
N GLN A 82 -8.01 -28.39 18.89
CA GLN A 82 -7.55 -27.27 19.69
C GLN A 82 -7.84 -25.99 18.93
N VAL A 83 -7.91 -24.88 19.67
CA VAL A 83 -8.10 -23.58 19.04
C VAL A 83 -7.52 -22.54 20.01
N LYS A 84 -6.88 -21.52 19.47
CA LYS A 84 -6.38 -20.46 20.34
C LYS A 84 -7.55 -19.67 20.86
N LYS A 85 -7.42 -19.18 22.09
CA LYS A 85 -8.45 -18.34 22.67
C LYS A 85 -8.66 -17.09 21.85
N ASP A 86 -7.62 -16.54 21.24
CA ASP A 86 -7.82 -15.37 20.38
C ASP A 86 -8.68 -15.68 19.15
N ASP A 87 -8.73 -16.93 18.69
CA ASP A 87 -9.55 -17.30 17.54
C ASP A 87 -10.88 -17.97 17.91
N ALA A 88 -11.07 -18.32 19.16
CA ALA A 88 -12.19 -19.19 19.51
C ALA A 88 -13.51 -18.43 19.44
N ASN A 89 -14.55 -19.14 19.01
CA ASN A 89 -15.90 -18.57 18.94
C ASN A 89 -16.77 -19.24 20.00
N GLN A 90 -16.68 -18.75 21.23
CA GLN A 90 -17.47 -19.39 22.28
C GLN A 90 -18.94 -19.12 22.04
N ARG A 91 -19.77 -19.98 22.64
CA ARG A 91 -21.21 -19.90 22.48
C ARG A 91 -21.80 -19.16 23.66
N ASN A 92 -22.71 -18.24 23.38
CA ASN A 92 -23.24 -17.43 24.46
C ASN A 92 -24.13 -18.26 25.37
N PRO A 93 -24.14 -18.00 26.67
CA PRO A 93 -25.14 -18.62 27.54
C PRO A 93 -26.55 -18.34 27.04
N ILE A 94 -27.48 -19.21 27.42
CA ILE A 94 -28.84 -19.19 26.89
C ILE A 94 -29.58 -17.89 27.20
N LYS A 95 -29.23 -17.22 28.28
CA LYS A 95 -29.87 -15.92 28.55
C LYS A 95 -29.70 -14.95 27.39
N PHE A 96 -28.63 -15.07 26.64
CA PHE A 96 -28.36 -14.14 25.55
C PHE A 96 -29.09 -14.48 24.26
N ASP A 97 -29.77 -15.61 24.21
CA ASP A 97 -30.43 -16.05 22.99
C ASP A 97 -31.68 -15.20 22.80
N GLY A 98 -31.79 -14.59 21.64
CA GLY A 98 -32.96 -13.81 21.30
C GLY A 98 -32.84 -12.33 21.59
N VAL A 99 -31.66 -11.85 21.98
CA VAL A 99 -31.55 -10.42 22.28
C VAL A 99 -31.90 -9.58 21.03
N GLU A 100 -32.50 -8.42 21.29
CA GLU A 100 -32.97 -7.53 20.23
C GLU A 100 -31.87 -6.74 19.57
N ASP A 101 -30.69 -6.67 20.17
CA ASP A 101 -29.54 -5.97 19.60
C ASP A 101 -28.33 -6.87 19.73
N MET A 102 -27.70 -7.23 18.61
CA MET A 102 -26.52 -8.11 18.64
C MET A 102 -25.41 -7.57 19.53
N SER A 103 -25.35 -6.26 19.74
CA SER A 103 -24.30 -5.71 20.60
C SER A 103 -24.46 -6.08 22.05
N GLU A 104 -25.60 -6.63 22.43
CA GLU A 104 -25.80 -7.16 23.76
C GLU A 104 -25.19 -8.54 23.94
N LEU A 105 -24.79 -9.22 22.86
CA LEU A 105 -24.11 -10.50 22.97
C LEU A 105 -22.76 -10.29 23.62
N SER A 106 -22.39 -11.21 24.49
CA SER A 106 -21.09 -11.08 25.14
C SER A 106 -19.97 -11.73 24.34
N TYR A 107 -20.20 -12.92 23.80
CA TYR A 107 -19.30 -13.53 22.83
C TYR A 107 -19.82 -13.01 21.51
N LEU A 108 -19.23 -11.89 21.07
CA LEU A 108 -19.66 -11.24 19.86
C LEU A 108 -18.79 -11.76 18.73
N ASN A 109 -19.29 -12.74 18.00
CA ASN A 109 -18.52 -13.41 16.97
C ASN A 109 -19.48 -13.84 15.87
N GLU A 110 -18.94 -14.20 14.71
CA GLU A 110 -19.80 -14.34 13.54
C GLU A 110 -20.81 -15.46 13.70
N PRO A 111 -20.44 -16.67 14.12
CA PRO A 111 -21.45 -17.71 14.30
C PRO A 111 -22.42 -17.39 15.42
N ALA A 112 -21.97 -16.68 16.46
CA ALA A 112 -22.90 -16.26 17.51
C ALA A 112 -23.91 -15.27 16.99
N VAL A 113 -23.49 -14.42 16.06
CA VAL A 113 -24.44 -13.47 15.45
C VAL A 113 -25.47 -14.24 14.64
N PHE A 114 -25.00 -15.18 13.82
CA PHE A 114 -25.94 -16.01 13.07
C PHE A 114 -26.91 -16.72 14.03
N HIS A 115 -26.38 -17.27 15.12
CA HIS A 115 -27.23 -18.04 16.01
C HIS A 115 -28.33 -17.16 16.58
N ASN A 116 -27.99 -15.93 16.97
CA ASN A 116 -29.03 -15.05 17.51
C ASN A 116 -30.09 -14.71 16.46
N LEU A 117 -29.66 -14.47 15.24
CA LEU A 117 -30.59 -14.19 14.17
C LEU A 117 -31.51 -15.37 13.96
N ARG A 118 -30.97 -16.57 14.09
CA ARG A 118 -31.75 -17.77 13.89
C ARG A 118 -32.77 -17.96 15.03
N VAL A 119 -32.36 -17.75 16.27
CA VAL A 119 -33.29 -17.88 17.39
C VAL A 119 -34.48 -16.94 17.22
N ARG A 120 -34.22 -15.71 16.73
CA ARG A 120 -35.32 -14.76 16.54
C ARG A 120 -36.15 -15.17 15.33
N TYR A 121 -35.50 -15.57 14.25
CA TYR A 121 -36.21 -15.97 13.05
C TYR A 121 -37.14 -17.14 13.32
N ASN A 122 -36.71 -18.11 14.14
CA ASN A 122 -37.51 -19.28 14.42
C ASN A 122 -38.71 -18.96 15.31
N GLN A 123 -38.80 -17.72 15.79
CA GLN A 123 -39.97 -17.19 16.46
C GLN A 123 -40.73 -16.20 15.60
N ASP A 124 -40.42 -16.16 14.31
CA ASP A 124 -41.02 -15.19 13.39
C ASP A 124 -40.71 -13.75 13.79
N LEU A 125 -39.59 -13.54 14.46
CA LEU A 125 -39.04 -12.20 14.72
C LEU A 125 -37.98 -11.97 13.63
N ILE A 126 -38.38 -11.30 12.54
CA ILE A 126 -37.51 -11.14 11.39
C ILE A 126 -36.62 -9.91 11.49
N TYR A 127 -36.87 -9.00 12.45
CA TYR A 127 -36.12 -7.78 12.63
C TYR A 127 -35.24 -7.91 13.86
N THR A 128 -33.97 -7.49 13.74
CA THR A 128 -33.02 -7.52 14.84
C THR A 128 -32.03 -6.39 14.63
N TYR A 129 -31.65 -5.67 15.69
CA TYR A 129 -30.60 -4.66 15.56
C TYR A 129 -29.22 -5.34 15.66
N SER A 130 -28.22 -4.72 15.05
CA SER A 130 -26.81 -5.09 15.24
C SER A 130 -26.12 -3.74 15.32
N GLY A 131 -26.04 -3.22 16.54
CA GLY A 131 -25.53 -1.86 16.68
C GLY A 131 -26.46 -0.88 15.97
N LEU A 132 -25.90 -0.09 15.07
CA LEU A 132 -26.69 0.85 14.31
C LEU A 132 -27.54 0.18 13.24
N PHE A 133 -27.20 -1.02 12.81
CA PHE A 133 -27.94 -1.65 11.74
C PHE A 133 -29.29 -2.18 12.20
N LEU A 134 -30.28 -2.15 11.32
CA LEU A 134 -31.48 -2.96 11.48
C LEU A 134 -31.35 -4.08 10.46
N VAL A 135 -31.33 -5.31 10.91
CA VAL A 135 -31.27 -6.45 10.01
C VAL A 135 -32.68 -6.99 9.80
N ALA A 136 -33.06 -7.21 8.54
CA ALA A 136 -34.39 -7.71 8.22
C ALA A 136 -34.26 -8.99 7.39
N VAL A 137 -34.70 -10.12 7.94
CA VAL A 137 -34.55 -11.40 7.26
C VAL A 137 -35.88 -11.76 6.59
N ASN A 138 -35.83 -12.12 5.33
CA ASN A 138 -37.07 -12.40 4.60
C ASN A 138 -37.69 -13.67 5.13
N PRO A 139 -38.95 -13.65 5.59
CA PRO A 139 -39.56 -14.89 6.08
C PRO A 139 -40.13 -15.76 4.96
N PHE A 140 -40.19 -15.26 3.73
CA PHE A 140 -40.69 -16.02 2.56
C PHE A 140 -42.09 -16.57 2.84
N LYS A 141 -42.93 -15.74 3.46
CA LYS A 141 -44.31 -16.05 3.79
C LYS A 141 -44.91 -14.75 4.29
N ARG A 142 -46.24 -14.69 4.33
CA ARG A 142 -46.92 -13.51 4.83
C ARG A 142 -46.92 -13.47 6.35
N ILE A 143 -46.58 -12.32 6.92
CA ILE A 143 -46.64 -12.09 8.36
C ILE A 143 -47.42 -10.80 8.60
N PRO A 144 -48.41 -10.78 9.51
CA PRO A 144 -49.19 -9.53 9.65
C PRO A 144 -48.61 -8.56 10.68
N ILE A 145 -47.44 -8.00 10.40
CA ILE A 145 -46.80 -7.07 11.33
C ILE A 145 -46.84 -5.63 10.83
N TYR A 146 -47.49 -5.36 9.68
CA TYR A 146 -47.57 -4.01 9.13
C TYR A 146 -48.98 -3.44 9.13
N THR A 147 -49.77 -3.81 10.13
CA THR A 147 -51.16 -3.37 10.23
C THR A 147 -51.25 -1.96 10.83
N GLN A 148 -52.47 -1.43 10.86
CA GLN A 148 -52.69 -0.11 11.45
C GLN A 148 -52.52 -0.12 12.96
N GLU A 149 -52.82 -1.23 13.61
CA GLU A 149 -52.56 -1.35 15.04
C GLU A 149 -51.07 -1.32 15.32
N MET A 150 -50.27 -1.92 14.43
CA MET A 150 -48.83 -1.93 14.63
C MET A 150 -48.23 -0.54 14.37
N VAL A 151 -48.69 0.15 13.32
CA VAL A 151 -48.23 1.53 13.12
C VAL A 151 -48.30 2.30 14.43
N ASP A 152 -49.44 2.22 15.12
CA ASP A 152 -49.67 3.13 16.24
C ASP A 152 -48.71 2.88 17.40
N ILE A 153 -48.29 1.63 17.61
CA ILE A 153 -47.36 1.31 18.70
C ILE A 153 -46.04 2.05 18.56
N PHE A 154 -45.61 2.32 17.33
CA PHE A 154 -44.29 2.91 17.08
C PHE A 154 -44.30 4.43 17.14
N LYS A 155 -45.47 5.05 17.14
CA LYS A 155 -45.51 6.51 17.13
C LYS A 155 -44.80 7.13 18.31
N GLY A 156 -43.81 7.95 18.02
CA GLY A 156 -43.06 8.65 19.02
C GLY A 156 -42.22 7.81 19.94
N ARG A 157 -42.03 6.53 19.63
CA ARG A 157 -41.27 5.67 20.52
C ARG A 157 -39.82 5.63 20.07
N ARG A 158 -38.94 5.85 21.03
CA ARG A 158 -37.53 5.65 20.78
C ARG A 158 -37.21 4.17 20.54
N ARG A 159 -36.02 3.95 19.97
CA ARG A 159 -35.61 2.60 19.60
C ARG A 159 -35.63 1.65 20.79
N ASN A 160 -35.29 2.13 21.98
CA ASN A 160 -35.14 1.29 23.15
C ASN A 160 -36.46 1.01 23.87
N GLU A 161 -37.58 1.54 23.39
CA GLU A 161 -38.86 1.31 24.02
C GLU A 161 -39.74 0.31 23.28
N VAL A 162 -39.38 -0.09 22.06
CA VAL A 162 -40.19 -0.99 21.26
C VAL A 162 -39.27 -2.01 20.60
N ALA A 163 -39.86 -3.11 20.12
CA ALA A 163 -39.10 -4.16 19.50
C ALA A 163 -38.47 -3.65 18.20
N PRO A 164 -37.45 -4.33 17.67
CA PRO A 164 -36.90 -3.91 16.38
C PRO A 164 -37.98 -4.00 15.31
N HIS A 165 -38.03 -2.98 14.46
CA HIS A 165 -38.99 -2.93 13.38
C HIS A 165 -38.60 -1.84 12.42
N ILE A 166 -38.97 -2.02 11.15
CA ILE A 166 -38.74 -0.96 10.16
C ILE A 166 -39.54 0.30 10.51
N PHE A 167 -40.71 0.14 11.13
CA PHE A 167 -41.51 1.27 11.57
C PHE A 167 -40.77 2.05 12.63
N ALA A 168 -39.99 1.36 13.44
CA ALA A 168 -39.28 2.04 14.52
C ALA A 168 -38.15 2.89 13.95
N ILE A 169 -37.48 2.36 12.96
CA ILE A 169 -36.44 3.11 12.27
C ILE A 169 -37.04 4.34 11.62
N SER A 170 -38.16 4.16 10.94
CA SER A 170 -38.83 5.25 10.26
C SER A 170 -39.26 6.35 11.24
N ASP A 171 -39.83 5.97 12.40
CA ASP A 171 -40.33 6.97 13.33
C ASP A 171 -39.20 7.79 13.92
N VAL A 172 -38.13 7.13 14.31
CA VAL A 172 -36.98 7.84 14.85
C VAL A 172 -36.43 8.81 13.83
N ALA A 173 -36.35 8.38 12.57
CA ALA A 173 -35.88 9.29 11.52
C ALA A 173 -36.79 10.53 11.44
N TYR A 174 -38.09 10.31 11.44
CA TYR A 174 -39.05 11.41 11.32
C TYR A 174 -38.94 12.36 12.50
N ARG A 175 -38.85 11.83 13.72
CA ARG A 175 -38.78 12.73 14.87
C ARG A 175 -37.45 13.45 14.92
N SER A 176 -36.36 12.76 14.54
CA SER A 176 -35.07 13.43 14.47
C SER A 176 -35.09 14.57 13.47
N MET A 177 -35.71 14.34 12.30
CA MET A 177 -35.75 15.37 11.26
C MET A 177 -36.33 16.66 11.82
N LEU A 178 -37.45 16.54 12.50
CA LEU A 178 -38.13 17.71 13.04
C LEU A 178 -37.41 18.28 14.24
N ASP A 179 -36.90 17.41 15.12
CA ASP A 179 -36.31 17.92 16.35
C ASP A 179 -35.01 18.63 16.07
N ASP A 180 -34.22 18.09 15.16
CA ASP A 180 -32.93 18.64 14.81
C ASP A 180 -32.97 19.51 13.56
N ARG A 181 -34.09 19.53 12.83
CA ARG A 181 -34.20 20.30 11.60
CA ARG A 181 -34.19 20.31 11.61
C ARG A 181 -33.08 19.93 10.64
N GLN A 182 -32.95 18.63 10.43
CA GLN A 182 -31.89 18.03 9.63
C GLN A 182 -32.47 16.95 8.76
N ASN A 183 -32.00 16.90 7.52
CA ASN A 183 -32.40 15.83 6.60
C ASN A 183 -31.88 14.48 7.07
N GLN A 184 -32.58 13.43 6.67
CA GLN A 184 -32.28 12.09 7.10
C GLN A 184 -32.03 11.23 5.87
N SER A 185 -31.22 10.19 6.03
CA SER A 185 -31.09 9.19 4.97
C SER A 185 -31.29 7.80 5.54
N LEU A 186 -31.91 6.95 4.73
CA LEU A 186 -32.06 5.54 5.09
C LEU A 186 -31.32 4.76 4.02
N LEU A 187 -30.23 4.10 4.38
CA LEU A 187 -29.42 3.34 3.43
C LEU A 187 -29.84 1.88 3.57
N ILE A 188 -30.52 1.34 2.56
CA ILE A 188 -31.11 0.02 2.64
CA ILE A 188 -31.12 0.01 2.63
C ILE A 188 -30.44 -0.90 1.62
N THR A 189 -29.93 -2.03 2.11
CA THR A 189 -29.28 -3.04 1.28
C THR A 189 -30.17 -4.26 1.09
N GLY A 190 -29.83 -5.04 0.08
CA GLY A 190 -30.53 -6.30 -0.16
C GLY A 190 -30.71 -6.57 -1.63
N GLU A 191 -30.31 -7.75 -2.08
CA GLU A 191 -30.48 -8.21 -3.45
C GLU A 191 -31.95 -8.55 -3.67
N SER A 192 -32.36 -8.78 -4.91
CA SER A 192 -33.77 -9.08 -5.11
C SER A 192 -34.12 -10.43 -4.48
N GLY A 193 -35.28 -10.45 -3.83
CA GLY A 193 -35.67 -11.53 -2.98
C GLY A 193 -35.46 -11.25 -1.51
N ALA A 194 -34.66 -10.24 -1.18
CA ALA A 194 -34.33 -10.00 0.23
C ALA A 194 -35.37 -9.22 1.00
N GLY A 195 -36.25 -8.46 0.33
CA GLY A 195 -37.20 -7.60 0.99
C GLY A 195 -36.88 -6.13 0.95
N LYS A 196 -35.85 -5.71 0.22
CA LYS A 196 -35.50 -4.29 0.17
C LYS A 196 -36.67 -3.46 -0.35
N THR A 197 -37.29 -3.90 -1.43
CA THR A 197 -38.39 -3.13 -1.99
C THR A 197 -39.59 -3.09 -1.04
N GLU A 198 -39.87 -4.20 -0.37
CA GLU A 198 -40.98 -4.26 0.56
C GLU A 198 -40.72 -3.38 1.77
N ASN A 199 -39.48 -3.36 2.27
CA ASN A 199 -39.20 -2.47 3.40
C ASN A 199 -39.17 -1.00 2.99
N THR A 200 -38.76 -0.69 1.75
CA THR A 200 -38.84 0.70 1.30
C THR A 200 -40.30 1.13 1.26
N LYS A 201 -41.17 0.26 0.76
CA LYS A 201 -42.59 0.55 0.72
C LYS A 201 -43.14 0.76 2.11
N LYS A 202 -42.71 -0.06 3.08
CA LYS A 202 -43.17 0.11 4.47
C LYS A 202 -42.73 1.43 5.06
N VAL A 203 -41.50 1.86 4.76
CA VAL A 203 -41.04 3.17 5.21
C VAL A 203 -41.96 4.26 4.68
N ILE A 204 -42.21 4.22 3.37
CA ILE A 204 -43.02 5.25 2.73
C ILE A 204 -44.42 5.23 3.29
N GLN A 205 -45.01 4.05 3.45
CA GLN A 205 -46.35 3.94 4.01
C GLN A 205 -46.41 4.46 5.43
N TYR A 206 -45.40 4.15 6.23
CA TYR A 206 -45.39 4.66 7.59
C TYR A 206 -45.30 6.18 7.62
N LEU A 207 -44.35 6.74 6.87
CA LEU A 207 -44.18 8.19 6.87
C LEU A 207 -45.47 8.88 6.40
N ALA A 208 -46.12 8.31 5.39
CA ALA A 208 -47.38 8.88 4.92
C ALA A 208 -48.45 8.79 5.99
N SER A 209 -48.41 7.75 6.82
CA SER A 209 -49.40 7.58 7.85
C SER A 209 -49.14 8.52 9.02
N VAL A 210 -47.88 8.82 9.34
CA VAL A 210 -47.61 9.71 10.46
C VAL A 210 -47.49 11.17 10.03
N ALA A 211 -47.25 11.43 8.75
CA ALA A 211 -47.06 12.77 8.27
C ALA A 211 -48.00 13.22 7.18
N GLY A 212 -48.87 12.34 6.69
CA GLY A 212 -49.84 12.74 5.67
C GLY A 212 -50.95 13.60 6.28
N ARG A 213 -51.74 14.22 5.40
CA ARG A 213 -52.73 15.19 5.87
C ARG A 213 -53.99 14.54 6.42
N SER A 219 -52.37 11.79 1.69
CA SER A 219 -51.68 12.06 0.44
C SER A 219 -51.54 10.78 -0.38
N GLY A 220 -52.66 10.10 -0.66
CA GLY A 220 -52.61 8.76 -1.24
C GLY A 220 -52.12 8.73 -2.67
N VAL A 221 -52.33 9.81 -3.42
CA VAL A 221 -51.96 9.81 -4.83
C VAL A 221 -50.46 9.96 -4.97
N LEU A 222 -49.85 10.87 -4.21
CA LEU A 222 -48.40 10.97 -4.19
C LEU A 222 -47.77 9.62 -3.86
N GLU A 223 -48.21 9.01 -2.74
CA GLU A 223 -47.63 7.74 -2.29
C GLU A 223 -47.66 6.70 -3.40
N GLN A 224 -48.77 6.59 -4.12
CA GLN A 224 -48.83 5.62 -5.22
C GLN A 224 -47.89 6.03 -6.34
N GLN A 225 -47.77 7.33 -6.59
CA GLN A 225 -46.86 7.78 -7.63
C GLN A 225 -45.42 7.41 -7.27
N ILE A 226 -45.01 7.70 -6.04
CA ILE A 226 -43.68 7.32 -5.59
C ILE A 226 -43.45 5.84 -5.81
N LEU A 227 -44.38 5.02 -5.33
CA LEU A 227 -44.20 3.57 -5.36
C LEU A 227 -44.15 3.03 -6.78
N GLN A 228 -44.84 3.67 -7.72
CA GLN A 228 -44.90 3.18 -9.10
C GLN A 228 -43.69 3.62 -9.91
N ALA A 229 -42.83 4.45 -9.34
CA ALA A 229 -41.56 4.73 -9.96
C ALA A 229 -40.71 3.46 -10.08
N ASN A 230 -40.71 2.64 -9.03
CA ASN A 230 -39.72 1.55 -8.98
C ASN A 230 -39.87 0.57 -10.14
N PRO A 231 -41.05 0.10 -10.53
CA PRO A 231 -41.12 -0.82 -11.66
C PRO A 231 -40.59 -0.23 -12.94
N ILE A 232 -40.70 1.08 -13.14
CA ILE A 232 -40.19 1.71 -14.35
C ILE A 232 -38.67 1.70 -14.35
N LEU A 233 -38.06 2.23 -13.30
CA LEU A 233 -36.59 2.28 -13.22
C LEU A 233 -35.99 0.88 -13.24
N GLU A 234 -36.65 -0.08 -12.58
CA GLU A 234 -36.13 -1.45 -12.53
C GLU A 234 -36.12 -2.08 -13.90
N ALA A 235 -37.15 -1.80 -14.70
CA ALA A 235 -37.17 -2.34 -16.05
C ALA A 235 -35.98 -1.86 -16.86
N PHE A 236 -35.59 -0.60 -16.67
CA PHE A 236 -34.49 -0.07 -17.44
C PHE A 236 -33.13 -0.12 -16.73
N GLY A 237 -33.08 -0.41 -15.43
CA GLY A 237 -31.85 -0.35 -14.63
C GLY A 237 -31.46 -1.65 -13.97
N ASN A 238 -32.31 -2.67 -14.03
CA ASN A 238 -32.01 -3.99 -13.47
C ASN A 238 -31.80 -5.04 -14.55
N ALA A 239 -31.10 -6.10 -14.18
CA ALA A 239 -30.72 -7.13 -15.13
C ALA A 239 -30.37 -8.41 -14.39
N LYS A 240 -30.52 -9.53 -15.08
CA LYS A 240 -30.05 -10.80 -14.54
C LYS A 240 -28.54 -10.91 -14.68
N THR A 241 -27.85 -11.13 -13.56
CA THR A 241 -26.43 -11.45 -13.52
C THR A 241 -26.31 -12.92 -13.14
N THR A 242 -25.08 -13.38 -12.93
CA THR A 242 -24.90 -14.75 -12.46
C THR A 242 -25.25 -14.89 -10.99
N ARG A 243 -25.29 -13.78 -10.24
CA ARG A 243 -25.58 -13.88 -8.81
C ARG A 243 -27.01 -13.53 -8.46
N ASN A 244 -27.74 -12.79 -9.29
CA ASN A 244 -29.12 -12.46 -8.96
C ASN A 244 -29.91 -12.24 -10.24
N ASN A 245 -31.19 -12.63 -10.18
CA ASN A 245 -32.05 -12.51 -11.35
C ASN A 245 -32.53 -11.08 -11.59
N ASN A 246 -32.43 -10.21 -10.59
CA ASN A 246 -32.99 -8.88 -10.67
C ASN A 246 -32.02 -7.87 -10.02
N SER A 247 -30.78 -7.82 -10.55
CA SER A 247 -29.75 -6.98 -9.96
C SER A 247 -29.88 -5.52 -10.37
N SER A 248 -29.79 -4.62 -9.38
CA SER A 248 -29.79 -3.19 -9.64
C SER A 248 -28.42 -2.76 -10.17
N ARG A 249 -28.38 -2.16 -11.36
CA ARG A 249 -27.11 -1.71 -11.93
C ARG A 249 -27.00 -0.19 -11.91
N PHE A 250 -27.59 0.42 -10.90
CA PHE A 250 -27.58 1.86 -10.73
C PHE A 250 -27.94 2.09 -9.28
N GLY A 251 -27.65 3.31 -8.84
CA GLY A 251 -28.01 3.75 -7.50
C GLY A 251 -29.14 4.75 -7.62
N LYS A 252 -29.94 4.84 -6.57
CA LYS A 252 -31.05 5.79 -6.61
C LYS A 252 -31.33 6.27 -5.20
N PHE A 253 -31.65 7.55 -5.09
CA PHE A 253 -31.96 8.24 -3.84
C PHE A 253 -33.38 8.77 -4.01
N ILE A 254 -34.29 8.26 -3.22
CA ILE A 254 -35.67 8.71 -3.24
C ILE A 254 -35.85 9.64 -2.07
N GLU A 255 -36.19 10.90 -2.35
CA GLU A 255 -36.46 11.89 -1.34
C GLU A 255 -37.94 11.89 -1.00
N ILE A 256 -38.27 11.62 0.25
CA ILE A 256 -39.62 11.88 0.74
C ILE A 256 -39.56 13.27 1.36
N GLN A 257 -40.29 14.22 0.80
CA GLN A 257 -40.10 15.62 1.19
C GLN A 257 -41.18 16.11 2.15
N PHE A 258 -40.77 16.95 3.09
CA PHE A 258 -41.66 17.51 4.09
C PHE A 258 -41.56 19.03 4.15
N ASN A 259 -42.68 19.68 4.51
CA ASN A 259 -42.65 21.13 4.74
C ASN A 259 -42.10 21.40 6.14
N SER A 260 -41.94 22.66 6.47
CA SER A 260 -41.32 23.01 7.74
C SER A 260 -42.18 22.59 8.93
N ALA A 261 -43.49 22.42 8.72
CA ALA A 261 -44.36 21.97 9.80
C ALA A 261 -44.34 20.46 10.00
N GLY A 262 -43.78 19.71 9.07
CA GLY A 262 -43.64 18.28 9.23
C GLY A 262 -44.61 17.44 8.43
N PHE A 263 -45.39 18.05 7.56
CA PHE A 263 -46.30 17.31 6.70
C PHE A 263 -45.57 16.92 5.43
N ILE A 264 -45.90 15.75 4.91
CA ILE A 264 -45.29 15.30 3.66
C ILE A 264 -45.73 16.26 2.58
N SER A 265 -44.77 16.71 1.77
CA SER A 265 -45.06 17.76 0.80
C SER A 265 -44.74 17.38 -0.63
N GLY A 266 -43.99 16.31 -0.87
CA GLY A 266 -43.59 15.94 -2.21
C GLY A 266 -42.61 14.79 -2.16
N ALA A 267 -42.01 14.52 -3.31
CA ALA A 267 -40.93 13.57 -3.40
C ALA A 267 -40.12 13.89 -4.62
N SER A 268 -38.91 13.35 -4.67
CA SER A 268 -38.07 13.44 -5.86
C SER A 268 -37.22 12.18 -5.94
N ILE A 269 -36.66 11.93 -7.11
CA ILE A 269 -35.80 10.78 -7.32
C ILE A 269 -34.55 11.26 -8.02
N GLN A 270 -33.40 10.79 -7.58
CA GLN A 270 -32.16 11.03 -8.26
C GLN A 270 -31.47 9.72 -8.57
N SER A 271 -30.87 9.62 -9.74
CA SER A 271 -30.17 8.40 -10.12
C SER A 271 -28.68 8.68 -10.20
N TYR A 272 -27.93 7.60 -10.02
CA TYR A 272 -26.48 7.63 -10.06
C TYR A 272 -25.95 6.42 -10.79
N LEU A 273 -24.94 6.65 -11.63
CA LEU A 273 -23.96 5.63 -11.96
C LEU A 273 -24.57 4.40 -12.61
N LEU A 274 -25.39 4.62 -13.61
CA LEU A 274 -25.93 3.51 -14.39
C LEU A 274 -24.84 2.84 -15.22
N GLU A 275 -24.86 1.51 -15.27
CA GLU A 275 -23.87 0.69 -15.96
C GLU A 275 -24.25 0.52 -17.44
N LYS A 276 -23.78 1.44 -18.26
CA LYS A 276 -24.20 1.47 -19.65
C LYS A 276 -23.53 0.36 -20.48
N SER A 277 -22.37 -0.16 -20.05
CA SER A 277 -21.71 -1.25 -20.78
C SER A 277 -22.60 -2.48 -21.01
N ARG A 278 -23.52 -2.78 -20.09
CA ARG A 278 -24.38 -3.96 -20.25
C ARG A 278 -25.29 -3.87 -21.47
N VAL A 279 -25.61 -2.64 -21.91
CA VAL A 279 -26.51 -2.49 -23.05
C VAL A 279 -25.93 -3.13 -24.31
N VAL A 280 -24.61 -3.15 -24.43
CA VAL A 280 -23.97 -3.65 -25.65
C VAL A 280 -23.25 -4.97 -25.46
N PHE A 281 -23.04 -5.43 -24.22
CA PHE A 281 -22.40 -6.71 -23.99
C PHE A 281 -22.83 -7.34 -22.67
N GLN A 282 -23.12 -8.64 -22.70
CA GLN A 282 -23.42 -9.41 -21.51
C GLN A 282 -22.51 -10.62 -21.47
N SER A 283 -22.03 -10.93 -20.28
CA SER A 283 -21.29 -12.16 -20.04
C SER A 283 -22.23 -13.35 -20.11
N GLU A 284 -21.63 -14.53 -20.32
CA GLU A 284 -22.41 -15.76 -20.48
C GLU A 284 -23.39 -15.96 -19.33
N THR A 285 -24.62 -16.33 -19.71
CA THR A 285 -25.77 -16.62 -18.86
C THR A 285 -26.40 -15.39 -18.21
N GLU A 286 -25.81 -14.21 -18.37
CA GLU A 286 -26.45 -12.99 -17.89
C GLU A 286 -27.41 -12.45 -18.96
N ARG A 287 -28.11 -11.37 -18.64
CA ARG A 287 -29.01 -10.74 -19.60
C ARG A 287 -28.71 -9.25 -19.72
N ASN A 288 -29.24 -8.66 -20.78
CA ASN A 288 -29.35 -7.22 -20.91
C ASN A 288 -30.39 -6.70 -19.91
N TYR A 289 -30.63 -5.39 -19.94
CA TYR A 289 -31.64 -4.79 -19.08
C TYR A 289 -33.01 -5.39 -19.37
N HIS A 290 -33.82 -5.50 -18.32
CA HIS A 290 -35.09 -6.20 -18.42
C HIS A 290 -35.94 -5.68 -19.57
N ILE A 291 -35.99 -4.35 -19.73
CA ILE A 291 -36.94 -3.73 -20.67
C ILE A 291 -36.89 -4.38 -22.04
N PHE A 292 -35.71 -4.87 -22.46
CA PHE A 292 -35.61 -5.47 -23.78
C PHE A 292 -36.42 -6.75 -23.88
N TYR A 293 -36.32 -7.63 -22.90
CA TYR A 293 -37.08 -8.88 -22.95
C TYR A 293 -38.55 -8.63 -22.66
N GLN A 294 -38.84 -7.63 -21.83
CA GLN A 294 -40.23 -7.27 -21.54
C GLN A 294 -40.93 -6.78 -22.81
N LEU A 295 -40.23 -5.97 -23.61
CA LEU A 295 -40.84 -5.43 -24.81
C LEU A 295 -41.15 -6.54 -25.81
N LEU A 296 -40.18 -7.42 -26.04
CA LEU A 296 -40.33 -8.43 -27.06
C LEU A 296 -41.36 -9.50 -26.68
N ALA A 297 -41.52 -9.76 -25.38
CA ALA A 297 -42.43 -10.82 -24.95
C ALA A 297 -43.87 -10.33 -24.75
N GLY A 298 -44.07 -9.07 -24.41
CA GLY A 298 -45.40 -8.60 -24.07
C GLY A 298 -46.00 -7.59 -25.03
N ALA A 299 -45.26 -7.21 -26.06
CA ALA A 299 -45.79 -6.25 -27.00
C ALA A 299 -46.95 -6.88 -27.80
N THR A 300 -47.79 -6.02 -28.33
CA THR A 300 -48.89 -6.47 -29.17
C THR A 300 -48.38 -6.81 -30.57
N ALA A 301 -49.20 -7.52 -31.33
CA ALA A 301 -48.81 -7.89 -32.69
C ALA A 301 -48.64 -6.66 -33.57
N GLU A 302 -49.53 -5.68 -33.43
CA GLU A 302 -49.38 -4.45 -34.21
C GLU A 302 -48.15 -3.68 -33.76
N GLU A 303 -47.95 -3.53 -32.45
CA GLU A 303 -46.73 -2.90 -31.95
C GLU A 303 -45.50 -3.64 -32.48
N LYS A 304 -45.52 -4.96 -32.41
CA LYS A 304 -44.40 -5.76 -32.94
C LYS A 304 -44.14 -5.44 -34.39
N LYS A 305 -45.20 -5.44 -35.21
CA LYS A 305 -45.03 -5.06 -36.62
C LYS A 305 -44.58 -3.61 -36.74
N ALA A 306 -45.24 -2.71 -36.03
CA ALA A 306 -44.95 -1.28 -36.19
C ALA A 306 -43.48 -0.99 -35.87
N LEU A 307 -42.93 -1.66 -34.86
CA LEU A 307 -41.55 -1.46 -34.47
C LEU A 307 -40.61 -2.52 -35.04
N HIS A 308 -41.13 -3.42 -35.89
CA HIS A 308 -40.31 -4.32 -36.69
C HIS A 308 -39.45 -5.23 -35.82
N LEU A 309 -40.07 -5.89 -34.86
CA LEU A 309 -39.32 -6.66 -33.87
C LEU A 309 -39.67 -8.14 -33.96
N ALA A 310 -38.63 -8.96 -33.87
CA ALA A 310 -38.67 -10.41 -33.79
C ALA A 310 -38.28 -10.82 -32.38
N GLY A 311 -38.05 -12.11 -32.19
CA GLY A 311 -37.64 -12.64 -30.90
C GLY A 311 -36.28 -12.14 -30.45
N PRO A 312 -35.98 -12.32 -29.16
CA PRO A 312 -34.71 -11.79 -28.64
C PRO A 312 -33.50 -12.37 -29.34
N GLU A 313 -33.47 -13.67 -29.58
CA GLU A 313 -32.28 -14.24 -30.20
C GLU A 313 -32.11 -13.82 -31.66
N SER A 314 -33.07 -13.06 -32.20
CA SER A 314 -32.89 -12.38 -33.47
C SER A 314 -32.01 -11.14 -33.37
N PHE A 315 -31.68 -10.69 -32.15
CA PHE A 315 -30.94 -9.45 -31.97
C PHE A 315 -29.59 -9.70 -31.32
N ASN A 316 -28.52 -9.06 -31.78
CA ASN A 316 -27.11 -9.21 -31.35
C ASN A 316 -26.93 -8.85 -29.92
N TYR A 317 -27.61 -7.80 -29.53
CA TYR A 317 -27.45 -7.34 -28.15
C TYR A 317 -28.14 -8.21 -27.12
N LEU A 318 -28.97 -9.16 -27.53
CA LEU A 318 -29.66 -10.02 -26.60
C LEU A 318 -29.38 -11.49 -26.86
N ASN A 319 -28.49 -11.81 -27.80
CA ASN A 319 -28.38 -13.19 -28.26
C ASN A 319 -27.04 -13.86 -28.02
N GLN A 320 -26.08 -13.15 -27.43
CA GLN A 320 -24.76 -13.71 -27.20
C GLN A 320 -24.61 -14.43 -25.87
N SER A 321 -25.37 -14.04 -24.86
CA SER A 321 -25.14 -14.62 -23.53
C SER A 321 -25.63 -16.05 -23.41
N GLY A 322 -26.51 -16.49 -24.30
CA GLY A 322 -27.15 -17.78 -24.19
C GLY A 322 -28.31 -17.84 -23.25
N CYS A 323 -28.72 -16.71 -22.66
CA CYS A 323 -29.84 -16.67 -21.74
C CYS A 323 -30.75 -15.53 -22.17
N VAL A 324 -32.03 -15.85 -22.36
CA VAL A 324 -33.04 -14.85 -22.74
C VAL A 324 -34.25 -14.88 -21.83
N ASP A 325 -34.30 -15.78 -20.84
CA ASP A 325 -35.45 -15.90 -19.96
C ASP A 325 -34.99 -16.27 -18.56
N ILE A 326 -35.79 -15.92 -17.57
CA ILE A 326 -35.47 -16.18 -16.17
C ILE A 326 -36.56 -17.09 -15.62
N LYS A 327 -36.16 -18.24 -15.09
CA LYS A 327 -37.11 -19.19 -14.52
C LYS A 327 -37.93 -18.53 -13.42
N GLY A 328 -39.25 -18.66 -13.51
CA GLY A 328 -40.16 -18.07 -12.56
C GLY A 328 -40.50 -16.62 -12.82
N VAL A 329 -40.03 -16.05 -13.91
CA VAL A 329 -40.30 -14.66 -14.27
C VAL A 329 -40.96 -14.67 -15.63
N SER A 330 -42.04 -13.89 -15.77
CA SER A 330 -42.71 -13.75 -17.05
C SER A 330 -42.45 -12.32 -17.55
N ASP A 331 -41.58 -12.20 -18.55
CA ASP A 331 -41.31 -10.90 -19.14
C ASP A 331 -42.56 -10.26 -19.72
N SER A 332 -43.52 -11.09 -20.16
CA SER A 332 -44.77 -10.53 -20.69
C SER A 332 -45.55 -9.83 -19.59
N GLU A 333 -45.76 -10.52 -18.46
CA GLU A 333 -46.46 -9.90 -17.35
C GLU A 333 -45.68 -8.68 -16.83
N GLU A 334 -44.35 -8.80 -16.67
CA GLU A 334 -43.59 -7.67 -16.18
C GLU A 334 -43.76 -6.45 -17.08
N PHE A 335 -43.83 -6.66 -18.39
CA PHE A 335 -44.06 -5.55 -19.30
C PHE A 335 -45.40 -4.88 -18.99
N LYS A 336 -46.44 -5.68 -18.82
CA LYS A 336 -47.72 -5.09 -18.45
C LYS A 336 -47.56 -4.26 -17.19
N ILE A 337 -46.84 -4.79 -16.20
CA ILE A 337 -46.64 -4.07 -14.95
C ILE A 337 -45.92 -2.75 -15.19
N THR A 338 -44.95 -2.76 -16.10
CA THR A 338 -44.22 -1.55 -16.44
C THR A 338 -45.17 -0.52 -17.06
N ARG A 339 -45.99 -0.94 -18.03
CA ARG A 339 -46.89 -0.02 -18.71
C ARG A 339 -47.84 0.64 -17.71
N GLN A 340 -48.47 -0.17 -16.88
CA GLN A 340 -49.40 0.36 -15.89
C GLN A 340 -48.72 1.38 -15.00
N ALA A 341 -47.50 1.08 -14.54
CA ALA A 341 -46.79 2.06 -13.73
C ALA A 341 -46.60 3.36 -14.49
N MET A 342 -46.29 3.29 -15.77
CA MET A 342 -46.05 4.52 -16.52
C MET A 342 -47.33 5.35 -16.63
N ASP A 343 -48.46 4.67 -16.84
CA ASP A 343 -49.75 5.35 -16.79
C ASP A 343 -49.93 6.02 -15.43
N ILE A 344 -49.70 5.28 -14.35
CA ILE A 344 -49.99 5.81 -13.03
C ILE A 344 -49.18 7.07 -12.77
N VAL A 345 -47.93 7.12 -13.23
CA VAL A 345 -47.08 8.27 -12.93
C VAL A 345 -47.19 9.37 -13.98
N GLY A 346 -48.05 9.21 -14.96
CA GLY A 346 -48.37 10.30 -15.86
C GLY A 346 -47.66 10.31 -17.18
N PHE A 347 -47.22 9.17 -17.68
CA PHE A 347 -46.60 9.12 -19.00
C PHE A 347 -47.67 9.12 -20.06
N SER A 348 -47.60 10.01 -21.03
CA SER A 348 -48.61 9.99 -22.06
C SER A 348 -48.40 8.75 -22.94
N GLN A 349 -49.45 8.35 -23.61
CA GLN A 349 -49.39 7.22 -24.53
C GLN A 349 -48.41 7.53 -25.65
N GLU A 350 -48.36 8.79 -26.04
CA GLU A 350 -47.40 9.27 -27.01
C GLU A 350 -45.96 9.06 -26.51
N GLU A 351 -45.69 9.36 -25.21
CA GLU A 351 -44.35 9.20 -24.64
C GLU A 351 -44.05 7.72 -24.57
N GLN A 352 -45.03 6.94 -24.11
CA GLN A 352 -44.78 5.51 -23.95
C GLN A 352 -44.35 4.89 -25.25
N MET A 353 -44.99 5.27 -26.35
CA MET A 353 -44.63 4.69 -27.64
C MET A 353 -43.24 5.15 -28.08
N SER A 354 -42.86 6.39 -27.79
CA SER A 354 -41.52 6.83 -28.19
C SER A 354 -40.44 6.16 -27.33
N ILE A 355 -40.73 5.90 -26.06
CA ILE A 355 -39.78 5.20 -25.22
C ILE A 355 -39.46 3.85 -25.85
N PHE A 356 -40.50 3.05 -26.13
CA PHE A 356 -40.28 1.75 -26.74
C PHE A 356 -39.71 1.83 -28.13
N LYS A 357 -39.90 2.96 -28.82
CA LYS A 357 -39.24 3.12 -30.09
C LYS A 357 -37.73 3.21 -29.92
N ILE A 358 -37.27 3.91 -28.89
CA ILE A 358 -35.83 4.00 -28.66
C ILE A 358 -35.27 2.66 -28.23
N ILE A 359 -35.97 1.96 -27.32
CA ILE A 359 -35.54 0.62 -26.95
C ILE A 359 -35.41 -0.25 -28.21
N ALA A 360 -36.42 -0.20 -29.07
CA ALA A 360 -36.37 -0.97 -30.33
C ALA A 360 -35.28 -0.44 -31.24
N GLY A 361 -35.13 0.88 -31.32
CA GLY A 361 -34.08 1.44 -32.15
C GLY A 361 -32.70 0.95 -31.75
N ILE A 362 -32.45 0.84 -30.45
CA ILE A 362 -31.15 0.38 -29.98
C ILE A 362 -30.90 -1.04 -30.43
N LEU A 363 -31.93 -1.88 -30.37
CA LEU A 363 -31.81 -3.26 -30.82
C LEU A 363 -31.49 -3.33 -32.31
N HIS A 364 -32.17 -2.53 -33.12
CA HIS A 364 -31.85 -2.52 -34.55
C HIS A 364 -30.43 -2.04 -34.77
N LEU A 365 -30.06 -0.92 -34.14
CA LEU A 365 -28.69 -0.43 -34.27
C LEU A 365 -27.67 -1.50 -33.95
N GLY A 366 -27.99 -2.41 -33.02
CA GLY A 366 -27.05 -3.44 -32.62
C GLY A 366 -26.88 -4.54 -33.65
N ASN A 367 -27.88 -4.75 -34.48
CA ASN A 367 -27.80 -5.76 -35.51
C ASN A 367 -27.18 -5.22 -36.80
N ILE A 368 -26.75 -3.96 -36.80
CA ILE A 368 -26.02 -3.41 -37.94
C ILE A 368 -24.67 -4.11 -38.05
N LYS A 369 -24.44 -4.79 -39.17
CA LYS A 369 -23.18 -5.52 -39.37
C LYS A 369 -22.28 -4.71 -40.30
N PHE A 370 -21.24 -4.11 -39.75
CA PHE A 370 -20.26 -3.42 -40.57
C PHE A 370 -19.37 -4.45 -41.25
N GLU A 371 -19.00 -4.15 -42.49
CA GLU A 371 -18.11 -4.96 -43.32
C GLU A 371 -17.12 -3.98 -43.95
N LYS A 372 -15.86 -4.34 -43.92
CA LYS A 372 -14.86 -3.54 -44.61
C LYS A 372 -14.92 -3.84 -46.09
N GLY A 373 -15.69 -3.02 -46.78
CA GLY A 373 -15.60 -2.96 -48.21
C GLY A 373 -14.13 -2.74 -48.48
N ALA A 374 -13.46 -3.70 -49.13
CA ALA A 374 -12.01 -3.80 -49.03
C ALA A 374 -11.33 -2.45 -49.25
N GLY A 375 -10.41 -2.16 -48.36
CA GLY A 375 -9.82 -0.85 -48.22
C GLY A 375 -9.75 -0.52 -46.75
N GLU A 376 -9.37 0.72 -46.43
CA GLU A 376 -9.28 1.08 -45.02
C GLU A 376 -10.65 1.05 -44.36
N GLY A 377 -11.70 1.43 -45.09
CA GLY A 377 -12.98 1.77 -44.51
C GLY A 377 -14.04 0.67 -44.52
N ALA A 378 -15.14 0.99 -43.85
CA ALA A 378 -16.28 0.11 -43.67
C ALA A 378 -17.42 0.59 -44.56
N VAL A 379 -18.32 -0.33 -44.91
CA VAL A 379 -19.36 -0.02 -45.88
C VAL A 379 -20.74 -0.40 -45.34
N LEU A 380 -21.75 0.25 -45.93
CA LEU A 380 -23.11 -0.31 -45.88
C LEU A 380 -23.04 -1.78 -46.32
N LYS A 381 -23.32 -2.69 -45.39
CA LYS A 381 -23.28 -4.07 -45.85
C LYS A 381 -24.67 -4.43 -46.38
N ASP A 382 -25.70 -4.07 -45.62
CA ASP A 382 -27.10 -4.40 -45.83
C ASP A 382 -27.87 -3.34 -45.05
N LYS A 383 -28.87 -2.72 -45.67
CA LYS A 383 -29.45 -1.54 -45.04
C LYS A 383 -30.72 -1.86 -44.26
N THR A 384 -31.00 -3.12 -43.96
CA THR A 384 -32.25 -3.41 -43.29
C THR A 384 -32.24 -2.94 -41.83
N ALA A 385 -31.13 -3.17 -41.11
CA ALA A 385 -31.08 -2.78 -39.70
C ALA A 385 -31.06 -1.27 -39.55
N LEU A 386 -30.26 -0.60 -40.37
CA LEU A 386 -30.20 0.84 -40.29
C LEU A 386 -31.57 1.47 -40.49
N ASN A 387 -32.26 1.12 -41.57
CA ASN A 387 -33.54 1.76 -41.84
C ASN A 387 -34.55 1.44 -40.74
N ALA A 388 -34.52 0.21 -40.21
CA ALA A 388 -35.40 -0.13 -39.09
C ALA A 388 -35.14 0.77 -37.89
N ALA A 389 -33.86 0.97 -37.56
CA ALA A 389 -33.49 1.91 -36.52
C ALA A 389 -33.94 3.32 -36.87
N SER A 390 -33.63 3.76 -38.10
CA SER A 390 -33.98 5.13 -38.51
C SER A 390 -35.48 5.35 -38.54
N THR A 391 -36.24 4.31 -38.88
CA THR A 391 -37.70 4.40 -38.86
C THR A 391 -38.22 4.68 -37.46
N VAL A 392 -37.79 3.88 -36.49
CA VAL A 392 -38.29 4.04 -35.13
C VAL A 392 -37.75 5.30 -34.50
N PHE A 393 -36.49 5.67 -34.82
CA PHE A 393 -35.90 6.85 -34.22
C PHE A 393 -36.48 8.15 -34.80
N GLY A 394 -37.12 8.08 -35.97
CA GLY A 394 -37.51 9.30 -36.67
C GLY A 394 -36.36 10.04 -37.32
N VAL A 395 -35.32 9.31 -37.76
CA VAL A 395 -34.11 9.93 -38.29
C VAL A 395 -33.97 9.55 -39.75
N ASN A 396 -33.30 10.42 -40.50
CA ASN A 396 -33.01 10.14 -41.90
C ASN A 396 -31.93 9.06 -41.97
N PRO A 397 -32.20 7.91 -42.60
CA PRO A 397 -31.21 6.81 -42.54
C PRO A 397 -29.89 7.13 -43.21
N SER A 398 -29.90 7.90 -44.29
CA SER A 398 -28.64 8.17 -45.00
C SER A 398 -27.73 9.05 -44.15
N VAL A 399 -28.32 9.98 -43.40
CA VAL A 399 -27.54 10.79 -42.47
C VAL A 399 -26.86 9.91 -41.42
N LEU A 400 -27.58 8.89 -40.93
CA LEU A 400 -27.05 8.11 -39.82
C LEU A 400 -25.84 7.28 -40.26
N GLU A 401 -25.96 6.56 -41.37
CA GLU A 401 -24.85 5.71 -41.80
C GLU A 401 -23.62 6.55 -42.10
N LYS A 402 -23.79 7.75 -42.64
CA LYS A 402 -22.65 8.62 -42.86
C LYS A 402 -22.00 9.03 -41.56
N ALA A 403 -22.81 9.40 -40.54
CA ALA A 403 -22.25 9.78 -39.25
C ALA A 403 -21.59 8.62 -38.51
N LEU A 404 -21.90 7.38 -38.88
CA LEU A 404 -21.36 6.23 -38.15
C LEU A 404 -19.98 5.85 -38.67
N MET A 405 -19.82 5.75 -40.00
CA MET A 405 -18.57 5.27 -40.59
C MET A 405 -17.68 6.38 -41.12
N GLU A 406 -18.25 7.51 -41.51
CA GLU A 406 -17.49 8.64 -42.06
C GLU A 406 -17.85 9.89 -41.26
N PRO A 407 -17.59 9.89 -39.96
CA PRO A 407 -17.82 11.10 -39.17
C PRO A 407 -16.82 12.18 -39.56
N ARG A 408 -17.14 13.43 -39.53
CA ARG A 408 -16.27 14.53 -39.80
C ARG A 408 -16.00 15.27 -38.46
N ILE A 409 -14.73 15.52 -38.17
CA ILE A 409 -14.22 16.28 -37.05
C ILE A 409 -13.21 17.25 -37.64
N LEU A 410 -13.06 18.42 -37.02
CA LEU A 410 -12.18 19.43 -37.61
C LEU A 410 -10.72 19.00 -37.58
N ALA A 411 -10.14 18.90 -38.77
CA ALA A 411 -8.72 18.68 -38.97
C ALA A 411 -8.14 20.04 -39.33
N GLY A 412 -7.12 20.48 -38.61
CA GLY A 412 -6.74 21.88 -38.68
C GLY A 412 -7.93 22.65 -38.15
N ARG A 413 -8.57 23.48 -38.98
CA ARG A 413 -9.77 24.18 -38.55
C ARG A 413 -10.90 24.00 -39.58
N ASP A 414 -10.88 22.92 -40.36
CA ASP A 414 -11.92 22.65 -41.35
C ASP A 414 -12.39 21.20 -41.21
N LEU A 415 -13.52 20.89 -41.83
CA LEU A 415 -14.07 19.55 -41.77
C LEU A 415 -13.20 18.56 -42.53
N VAL A 416 -13.19 17.31 -42.08
CA VAL A 416 -12.56 16.23 -42.84
C VAL A 416 -13.37 14.94 -42.60
N ALA A 417 -13.87 14.33 -43.67
CA ALA A 417 -14.61 13.08 -43.56
C ALA A 417 -13.65 11.97 -43.18
N GLN A 418 -13.73 11.52 -41.93
CA GLN A 418 -12.88 10.43 -41.45
C GLN A 418 -13.57 9.13 -41.77
N HIS A 419 -13.08 8.41 -42.76
CA HIS A 419 -13.61 7.07 -42.93
C HIS A 419 -12.96 6.16 -41.89
N LEU A 420 -13.80 5.43 -41.18
CA LEU A 420 -13.44 4.54 -40.09
C LEU A 420 -13.52 3.09 -40.56
N ASN A 421 -12.64 2.25 -40.01
CA ASN A 421 -12.70 0.83 -40.31
C ASN A 421 -13.81 0.17 -39.51
N VAL A 422 -13.99 -1.13 -39.74
CA VAL A 422 -15.09 -1.85 -39.11
C VAL A 422 -15.00 -1.77 -37.59
N GLU A 423 -13.80 -1.97 -37.04
CA GLU A 423 -13.65 -1.89 -35.60
C GLU A 423 -14.19 -0.56 -35.06
N LYS A 424 -13.69 0.55 -35.61
CA LYS A 424 -14.06 1.86 -35.05
C LYS A 424 -15.52 2.18 -35.34
N SER A 425 -16.00 1.76 -36.50
CA SER A 425 -17.43 1.92 -36.80
C SER A 425 -18.29 1.22 -35.76
N SER A 426 -17.92 0.01 -35.35
CA SER A 426 -18.73 -0.73 -34.38
C SER A 426 -18.73 -0.04 -33.02
N SER A 427 -17.56 0.45 -32.60
CA SER A 427 -17.46 1.09 -31.29
C SER A 427 -18.26 2.37 -31.26
N SER A 428 -18.15 3.19 -32.32
CA SER A 428 -18.99 4.38 -32.39
C SER A 428 -20.46 3.99 -32.40
N ARG A 429 -20.82 2.92 -33.11
CA ARG A 429 -22.19 2.43 -33.01
C ARG A 429 -22.52 2.04 -31.57
N ASP A 430 -21.57 1.39 -30.88
CA ASP A 430 -21.82 1.01 -29.50
C ASP A 430 -21.92 2.24 -28.59
N ALA A 431 -21.03 3.21 -28.78
CA ALA A 431 -21.09 4.43 -28.00
C ALA A 431 -22.38 5.20 -28.25
N LEU A 432 -22.93 5.10 -29.46
CA LEU A 432 -24.21 5.73 -29.75
C LEU A 432 -25.32 5.10 -28.92
N VAL A 433 -25.35 3.77 -28.90
CA VAL A 433 -26.33 3.04 -28.11
C VAL A 433 -26.22 3.42 -26.65
N LYS A 434 -25.00 3.41 -26.11
CA LYS A 434 -24.80 3.67 -24.69
C LYS A 434 -25.18 5.11 -24.33
N ALA A 435 -24.84 6.07 -25.19
CA ALA A 435 -25.29 7.44 -24.97
C ALA A 435 -26.81 7.52 -25.01
N LEU A 436 -27.43 6.81 -25.94
CA LEU A 436 -28.89 6.87 -26.08
C LEU A 436 -29.58 6.28 -24.86
N TYR A 437 -29.13 5.11 -24.42
CA TYR A 437 -29.74 4.49 -23.24
C TYR A 437 -29.58 5.36 -22.01
N GLY A 438 -28.38 5.93 -21.80
CA GLY A 438 -28.15 6.70 -20.60
C GLY A 438 -28.92 8.01 -20.61
N ARG A 439 -29.03 8.64 -21.78
CA ARG A 439 -29.84 9.82 -21.90
C ARG A 439 -31.31 9.51 -21.70
N LEU A 440 -31.76 8.38 -22.24
CA LEU A 440 -33.12 7.95 -21.98
C LEU A 440 -33.37 7.73 -20.49
N PHE A 441 -32.41 7.13 -19.79
CA PHE A 441 -32.62 6.85 -18.36
C PHE A 441 -32.81 8.14 -17.59
N LEU A 442 -31.96 9.13 -17.88
CA LEU A 442 -32.04 10.43 -17.22
C LEU A 442 -33.35 11.14 -17.55
N TRP A 443 -33.86 10.96 -18.76
CA TRP A 443 -35.14 11.55 -19.14
C TRP A 443 -36.30 10.90 -18.37
N LEU A 444 -36.28 9.57 -18.22
CA LEU A 444 -37.32 8.92 -17.43
C LEU A 444 -37.36 9.46 -16.02
N VAL A 445 -36.18 9.63 -15.41
CA VAL A 445 -36.09 10.19 -14.07
C VAL A 445 -36.68 11.60 -14.03
N LYS A 446 -36.32 12.43 -15.01
CA LYS A 446 -36.81 13.80 -15.04
C LYS A 446 -38.32 13.82 -15.21
N LYS A 447 -38.85 12.91 -16.04
CA LYS A 447 -40.29 12.87 -16.25
C LYS A 447 -41.03 12.42 -15.00
N ILE A 448 -40.46 11.45 -14.30
CA ILE A 448 -41.05 11.02 -13.03
C ILE A 448 -41.02 12.15 -12.03
N ASN A 449 -39.92 12.90 -11.97
CA ASN A 449 -39.85 14.00 -11.01
C ASN A 449 -40.84 15.11 -11.35
N ASN A 450 -41.07 15.35 -12.64
CA ASN A 450 -42.03 16.38 -13.04
C ASN A 450 -43.39 16.13 -12.40
N VAL A 451 -43.84 14.87 -12.34
CA VAL A 451 -45.18 14.62 -11.83
C VAL A 451 -45.22 14.68 -10.30
N LEU A 452 -44.12 14.36 -9.65
CA LEU A 452 -44.09 14.46 -8.20
C LEU A 452 -43.97 15.93 -7.81
N CYS A 453 -44.65 16.32 -6.74
CA CYS A 453 -44.56 17.71 -6.33
C CYS A 453 -43.24 17.95 -5.60
N GLN A 454 -42.73 19.17 -5.69
CA GLN A 454 -41.55 19.56 -4.91
C GLN A 454 -41.72 20.96 -4.30
N GLU A 455 -42.93 21.48 -4.29
CA GLU A 455 -43.14 22.81 -3.71
C GLU A 455 -43.15 22.74 -2.20
N ARG A 456 -42.79 23.85 -1.57
CA ARG A 456 -42.69 23.99 -0.14
C ARG A 456 -41.80 23.00 0.61
N LYS A 457 -40.90 22.31 -0.06
CA LYS A 457 -39.97 21.45 0.68
C LYS A 457 -39.16 22.28 1.68
N ALA A 458 -39.03 21.76 2.90
CA ALA A 458 -38.07 22.18 3.91
C ALA A 458 -37.04 21.10 4.23
N TYR A 459 -37.43 19.83 4.25
CA TYR A 459 -36.58 18.73 4.72
C TYR A 459 -36.85 17.54 3.84
N PHE A 460 -36.00 16.52 3.93
CA PHE A 460 -36.31 15.25 3.29
C PHE A 460 -35.83 14.10 4.16
N ILE A 461 -36.40 12.93 3.91
CA ILE A 461 -35.95 11.67 4.48
C ILE A 461 -35.68 10.91 3.19
N GLY A 462 -34.43 10.56 2.93
CA GLY A 462 -34.04 9.99 1.70
C GLY A 462 -33.71 8.53 1.74
N VAL A 463 -34.22 7.71 0.83
CA VAL A 463 -33.91 6.30 0.85
C VAL A 463 -32.89 6.00 -0.25
N LEU A 464 -31.72 5.48 0.12
CA LEU A 464 -30.65 5.18 -0.84
C LEU A 464 -30.62 3.68 -1.10
N ASP A 465 -30.53 3.34 -2.37
CA ASP A 465 -30.56 1.99 -2.92
C ASP A 465 -29.42 1.98 -3.94
N ILE A 466 -28.33 1.25 -3.66
CA ILE A 466 -27.18 1.17 -4.57
C ILE A 466 -26.81 -0.30 -4.80
N SER A 467 -26.21 -0.56 -5.95
CA SER A 467 -25.64 -1.87 -6.22
C SER A 467 -24.79 -2.33 -5.06
N GLY A 468 -25.06 -3.54 -4.58
CA GLY A 468 -24.31 -4.13 -3.48
C GLY A 468 -22.93 -4.65 -3.88
N PHE A 469 -22.10 -4.89 -2.85
CA PHE A 469 -20.76 -5.43 -3.03
C PHE A 469 -20.85 -6.73 -3.79
N GLU A 470 -20.02 -6.87 -4.80
CA GLU A 470 -20.24 -8.01 -5.68
C GLU A 470 -18.93 -8.63 -6.14
N ILE A 471 -18.90 -9.95 -6.11
CA ILE A 471 -17.76 -10.76 -6.55
C ILE A 471 -18.31 -11.77 -7.54
N PHE A 472 -17.91 -11.66 -8.80
CA PHE A 472 -18.22 -12.64 -9.82
C PHE A 472 -16.99 -13.52 -10.03
N LYS A 473 -17.14 -14.55 -10.88
CA LYS A 473 -16.00 -15.38 -11.27
C LYS A 473 -14.89 -14.53 -11.87
N VAL A 474 -15.26 -13.65 -12.79
CA VAL A 474 -14.38 -12.66 -13.40
C VAL A 474 -14.95 -11.30 -13.05
N ASN A 475 -14.14 -10.46 -12.45
CA ASN A 475 -14.50 -9.09 -12.11
C ASN A 475 -13.75 -8.10 -12.99
N SER A 476 -14.49 -7.11 -13.50
CA SER A 476 -13.95 -6.12 -14.39
C SER A 476 -14.09 -4.74 -13.75
N PHE A 477 -13.84 -3.73 -14.58
CA PHE A 477 -13.89 -2.34 -14.16
C PHE A 477 -15.23 -1.97 -13.52
N GLU A 478 -16.33 -2.52 -14.06
CA GLU A 478 -17.65 -2.26 -13.47
C GLU A 478 -17.71 -2.71 -12.01
N GLN A 479 -17.16 -3.90 -11.72
CA GLN A 479 -17.14 -4.40 -10.36
C GLN A 479 -16.23 -3.56 -9.46
N LEU A 480 -15.08 -3.10 -9.98
CA LEU A 480 -14.21 -2.26 -9.16
C LEU A 480 -14.96 -0.99 -8.75
N CYS A 481 -15.64 -0.35 -9.70
CA CYS A 481 -16.37 0.87 -9.39
C CYS A 481 -17.47 0.61 -8.36
N ILE A 482 -18.23 -0.47 -8.54
CA ILE A 482 -19.27 -0.79 -7.59
C ILE A 482 -18.67 -1.05 -6.22
N ASN A 483 -17.59 -1.82 -6.16
CA ASN A 483 -17.02 -2.16 -4.86
C ASN A 483 -16.37 -0.98 -4.20
N TYR A 484 -15.78 -0.06 -4.99
CA TYR A 484 -15.31 1.21 -4.47
C TYR A 484 -16.44 1.99 -3.80
N THR A 485 -17.58 2.10 -4.47
CA THR A 485 -18.72 2.81 -3.88
C THR A 485 -19.07 2.19 -2.54
N ASN A 486 -19.08 0.86 -2.46
CA ASN A 486 -19.45 0.20 -1.22
C ASN A 486 -18.38 0.40 -0.14
N GLU A 487 -17.11 0.38 -0.51
CA GLU A 487 -16.05 0.71 0.45
C GLU A 487 -16.28 2.09 1.07
N LYS A 488 -16.60 3.08 0.23
CA LYS A 488 -16.84 4.42 0.75
C LYS A 488 -18.09 4.45 1.62
N LEU A 489 -19.14 3.75 1.21
CA LEU A 489 -20.36 3.72 2.03
C LEU A 489 -20.14 3.01 3.37
N GLN A 490 -19.32 1.97 3.40
CA GLN A 490 -19.01 1.32 4.67
C GLN A 490 -18.15 2.23 5.54
N GLN A 491 -17.19 2.94 4.95
CA GLN A 491 -16.45 3.94 5.72
C GLN A 491 -17.38 4.96 6.34
N PHE A 492 -18.37 5.40 5.59
CA PHE A 492 -19.37 6.34 6.10
C PHE A 492 -20.11 5.77 7.31
N PHE A 493 -20.51 4.49 7.24
CA PHE A 493 -21.10 3.83 8.41
C PHE A 493 -20.13 3.82 9.58
N ASN A 494 -18.90 3.34 9.32
CA ASN A 494 -17.93 3.17 10.39
C ASN A 494 -17.67 4.49 11.07
N HIS A 495 -17.55 5.55 10.28
CA HIS A 495 -17.27 6.84 10.85
C HIS A 495 -18.46 7.37 11.64
N HIS A 496 -19.66 7.09 11.17
CA HIS A 496 -20.84 7.52 11.92
C HIS A 496 -20.92 6.79 13.27
N MET A 497 -20.59 5.50 13.23
CA MET A 497 -20.55 4.70 14.46
C MET A 497 -19.53 5.34 15.40
N PHE A 498 -18.37 5.69 14.88
CA PHE A 498 -17.33 6.36 15.66
C PHE A 498 -17.82 7.61 16.37
N LYS A 499 -18.50 8.50 15.63
CA LYS A 499 -18.95 9.73 16.28
C LYS A 499 -19.93 9.42 17.42
N LEU A 500 -20.82 8.44 17.24
CA LEU A 500 -21.78 8.10 18.29
C LEU A 500 -21.11 7.44 19.49
N GLU A 501 -20.13 6.58 19.25
CA GLU A 501 -19.36 5.95 20.32
C GLU A 501 -18.52 6.95 21.09
N GLN A 502 -17.91 7.92 20.40
CA GLN A 502 -17.20 8.97 21.12
C GLN A 502 -18.14 9.68 22.07
N GLU A 503 -19.35 9.99 21.63
CA GLU A 503 -20.28 10.69 22.51
C GLU A 503 -20.73 9.78 23.64
N GLU A 504 -21.02 8.51 23.34
CA GLU A 504 -21.46 7.60 24.41
C GLU A 504 -20.38 7.48 25.49
N TYR A 505 -19.13 7.35 25.10
CA TYR A 505 -18.11 7.20 26.14
C TYR A 505 -17.92 8.50 26.92
N LEU A 506 -18.03 9.63 26.24
CA LEU A 506 -17.92 10.90 26.92
C LEU A 506 -19.03 11.05 27.94
N LYS A 507 -20.27 10.74 27.53
CA LYS A 507 -21.42 10.94 28.39
C LYS A 507 -21.32 10.07 29.64
N GLU A 508 -20.82 8.85 29.49
CA GLU A 508 -20.72 7.91 30.59
C GLU A 508 -19.44 8.07 31.35
N LYS A 509 -18.54 8.96 30.91
CA LYS A 509 -17.27 9.26 31.60
C LYS A 509 -16.36 8.03 31.71
N ILE A 510 -16.21 7.35 30.58
CA ILE A 510 -15.51 6.09 30.52
C ILE A 510 -14.09 6.34 30.09
N ASN A 511 -13.18 5.79 30.87
CA ASN A 511 -11.74 5.98 30.75
C ASN A 511 -11.22 4.99 29.72
N TRP A 512 -11.32 5.37 28.44
CA TRP A 512 -10.91 4.54 27.32
C TRP A 512 -10.90 5.31 26.02
N THR A 513 -9.83 5.24 25.26
CA THR A 513 -9.71 6.04 24.04
C THR A 513 -9.59 5.11 22.85
N PHE A 514 -10.08 5.60 21.72
CA PHE A 514 -10.12 4.80 20.52
C PHE A 514 -10.11 5.75 19.33
N ILE A 515 -9.47 5.33 18.24
CA ILE A 515 -9.34 6.21 17.10
C ILE A 515 -10.44 5.95 16.08
N ASP A 516 -10.60 6.91 15.16
CA ASP A 516 -11.63 6.91 14.15
C ASP A 516 -11.69 5.59 13.39
N PHE A 517 -12.84 4.92 13.53
CA PHE A 517 -13.06 3.66 12.85
C PHE A 517 -12.99 3.79 11.34
N GLY A 518 -13.36 4.95 10.79
CA GLY A 518 -13.25 5.18 9.35
C GLY A 518 -11.83 5.06 8.79
N LEU A 519 -10.83 5.18 9.65
CA LEU A 519 -9.45 5.07 9.20
C LEU A 519 -9.15 3.66 8.70
N ASP A 520 -9.84 2.65 9.24
CA ASP A 520 -9.65 1.26 8.81
C ASP A 520 -9.94 1.07 7.33
N SER A 521 -10.73 1.95 6.75
CA SER A 521 -11.11 1.80 5.35
C SER A 521 -10.21 2.61 4.44
N GLN A 522 -9.37 3.45 4.99
CA GLN A 522 -8.72 4.47 4.16
C GLN A 522 -7.66 3.88 3.24
N ALA A 523 -6.99 2.81 3.66
CA ALA A 523 -5.94 2.24 2.82
C ALA A 523 -6.53 1.72 1.53
N THR A 524 -7.64 0.98 1.63
CA THR A 524 -8.28 0.46 0.42
C THR A 524 -8.83 1.61 -0.45
N ILE A 525 -9.47 2.60 0.16
CA ILE A 525 -10.01 3.71 -0.62
C ILE A 525 -8.88 4.44 -1.35
N ASP A 526 -7.77 4.69 -0.67
CA ASP A 526 -6.64 5.38 -1.30
C ASP A 526 -6.03 4.54 -2.43
N LEU A 527 -5.98 3.22 -2.23
CA LEU A 527 -5.43 2.37 -3.27
C LEU A 527 -6.26 2.49 -4.54
N ILE A 528 -7.56 2.73 -4.39
CA ILE A 528 -8.41 2.86 -5.56
C ILE A 528 -8.39 4.29 -6.11
N ASP A 529 -8.67 5.30 -5.27
CA ASP A 529 -8.94 6.64 -5.76
C ASP A 529 -7.90 7.67 -5.34
N GLY A 530 -6.79 7.25 -4.77
CA GLY A 530 -5.83 8.21 -4.25
C GLY A 530 -5.21 9.07 -5.34
N ARG A 531 -4.66 10.20 -4.93
CA ARG A 531 -3.95 11.09 -5.86
C ARG A 531 -2.44 11.07 -5.66
N GLN A 532 -1.98 11.08 -4.42
CA GLN A 532 -0.54 11.04 -4.11
C GLN A 532 -0.39 10.17 -2.86
N PRO A 533 0.09 8.92 -2.99
CA PRO A 533 0.53 8.23 -4.22
C PRO A 533 -0.69 7.95 -5.07
N PRO A 534 -0.53 7.91 -6.39
CA PRO A 534 -1.69 7.71 -7.25
C PRO A 534 -2.25 6.30 -7.08
N GLY A 535 -3.58 6.22 -7.01
CA GLY A 535 -4.26 4.95 -6.94
C GLY A 535 -4.58 4.38 -8.31
N ILE A 536 -5.31 3.27 -8.28
CA ILE A 536 -5.59 2.51 -9.48
C ILE A 536 -6.26 3.36 -10.53
N LEU A 537 -7.26 4.16 -10.12
CA LEU A 537 -8.02 4.96 -11.08
C LEU A 537 -7.16 6.08 -11.66
N ALA A 538 -6.32 6.70 -10.84
CA ALA A 538 -5.38 7.67 -11.34
C ALA A 538 -4.44 7.03 -12.36
N LEU A 539 -3.94 5.81 -12.09
CA LEU A 539 -3.00 5.20 -13.01
C LEU A 539 -3.68 4.79 -14.31
N LEU A 540 -4.92 4.31 -14.22
CA LEU A 540 -5.72 4.05 -15.41
C LEU A 540 -5.84 5.30 -16.28
N ASP A 541 -6.17 6.41 -15.65
CA ASP A 541 -6.30 7.68 -16.35
C ASP A 541 -4.98 8.06 -17.01
N GLU A 542 -3.87 7.88 -16.29
CA GLU A 542 -2.56 8.25 -16.83
C GLU A 542 -2.21 7.41 -18.05
N GLN A 543 -2.60 6.13 -18.04
CA GLN A 543 -2.36 5.26 -19.17
C GLN A 543 -3.33 5.54 -20.32
N SER A 544 -4.57 5.87 -20.01
CA SER A 544 -5.57 6.10 -21.05
C SER A 544 -5.19 7.21 -22.02
N VAL A 545 -4.44 8.21 -21.57
CA VAL A 545 -4.15 9.29 -22.48
C VAL A 545 -3.19 8.84 -23.58
N PHE A 546 -2.48 7.74 -23.42
CA PHE A 546 -1.58 7.26 -24.49
C PHE A 546 -2.29 6.27 -25.39
N PRO A 547 -2.43 6.56 -26.68
CA PRO A 547 -3.13 5.60 -27.55
C PRO A 547 -2.41 4.27 -27.67
N ASN A 548 -1.10 4.23 -27.40
CA ASN A 548 -0.30 3.02 -27.49
C ASN A 548 -0.22 2.25 -26.18
N ALA A 549 -0.88 2.71 -25.12
CA ALA A 549 -0.95 1.89 -23.91
C ALA A 549 -1.74 0.62 -24.19
N THR A 550 -1.45 -0.43 -23.43
CA THR A 550 -2.14 -1.69 -23.61
C THR A 550 -2.57 -2.26 -22.26
N ASP A 551 -3.37 -3.33 -22.34
CA ASP A 551 -3.74 -4.12 -21.16
C ASP A 551 -2.50 -4.39 -20.34
N ASN A 552 -1.44 -4.82 -21.03
CA ASN A 552 -0.24 -5.26 -20.36
C ASN A 552 0.53 -4.09 -19.77
N THR A 553 0.60 -2.95 -20.46
CA THR A 553 1.32 -1.82 -19.88
C THR A 553 0.59 -1.33 -18.65
N LEU A 554 -0.73 -1.39 -18.67
CA LEU A 554 -1.53 -0.93 -17.55
C LEU A 554 -1.33 -1.81 -16.32
N ILE A 555 -1.45 -3.14 -16.47
CA ILE A 555 -1.29 -4.03 -15.32
C ILE A 555 0.14 -3.97 -14.79
N THR A 556 1.11 -3.85 -15.69
CA THR A 556 2.50 -3.71 -15.26
C THR A 556 2.68 -2.45 -14.42
N LYS A 557 2.05 -1.35 -14.84
CA LYS A 557 2.13 -0.13 -14.05
C LYS A 557 1.48 -0.28 -12.70
N LEU A 558 0.30 -0.92 -12.66
CA LEU A 558 -0.33 -1.21 -11.37
C LEU A 558 0.57 -2.06 -10.47
N HIS A 559 1.12 -3.16 -11.01
CA HIS A 559 2.02 -3.96 -10.18
C HIS A 559 3.25 -3.15 -9.76
N SER A 560 3.84 -2.37 -10.69
CA SER A 560 4.99 -1.53 -10.39
CA SER A 560 5.02 -1.63 -10.32
C SER A 560 4.74 -0.64 -9.18
N HIS A 561 3.53 -0.13 -9.08
CA HIS A 561 3.22 0.82 -8.03
C HIS A 561 2.81 0.15 -6.73
N PHE A 562 2.15 -1.00 -6.80
CA PHE A 562 1.53 -1.57 -5.61
C PHE A 562 2.04 -2.95 -5.18
N SER A 563 2.61 -3.75 -6.06
CA SER A 563 2.93 -5.14 -5.69
C SER A 563 4.03 -5.16 -4.65
N LYS A 564 3.76 -5.81 -3.54
CA LYS A 564 4.65 -5.91 -2.38
C LYS A 564 4.90 -4.59 -1.70
N LYS A 565 4.18 -3.55 -2.10
CA LYS A 565 4.31 -2.23 -1.53
C LYS A 565 3.06 -1.78 -0.78
N ASN A 566 1.91 -2.36 -1.05
CA ASN A 566 0.63 -1.95 -0.45
C ASN A 566 -0.06 -3.20 0.07
N ALA A 567 -0.33 -3.25 1.37
CA ALA A 567 -0.83 -4.47 2.00
C ALA A 567 -2.22 -4.86 1.53
N LYS A 568 -2.94 -3.95 0.89
CA LYS A 568 -4.28 -4.20 0.40
C LYS A 568 -4.30 -4.63 -1.03
N TYR A 569 -3.13 -4.79 -1.67
CA TYR A 569 -3.01 -5.15 -3.08
C TYR A 569 -2.27 -6.47 -3.21
N GLU A 570 -2.61 -7.24 -4.23
CA GLU A 570 -1.93 -8.50 -4.47
C GLU A 570 -1.67 -8.71 -5.96
N GLU A 571 -0.41 -8.93 -6.30
CA GLU A 571 -0.11 -9.45 -7.64
C GLU A 571 -0.14 -10.97 -7.54
N PRO A 572 -1.03 -11.66 -8.22
CA PRO A 572 -1.10 -13.12 -8.03
C PRO A 572 0.06 -13.83 -8.72
N ARG A 573 0.39 -15.03 -8.24
CA ARG A 573 1.58 -15.73 -8.75
C ARG A 573 1.42 -16.29 -10.17
N PHE A 574 0.21 -16.56 -10.62
CA PHE A 574 0.05 -17.22 -11.91
C PHE A 574 -0.78 -16.49 -12.94
N SER A 575 -1.50 -15.46 -12.58
CA SER A 575 -2.19 -14.69 -13.60
C SER A 575 -1.31 -13.49 -13.98
N LYS A 576 -1.32 -13.14 -15.26
CA LYS A 576 -0.64 -11.95 -15.73
C LYS A 576 -1.59 -10.80 -16.02
N THR A 577 -2.90 -11.01 -15.86
CA THR A 577 -3.89 -10.01 -16.20
C THR A 577 -4.80 -9.63 -15.04
N GLU A 578 -4.55 -10.12 -13.83
CA GLU A 578 -5.40 -9.85 -12.67
C GLU A 578 -4.60 -9.25 -11.52
N PHE A 579 -5.27 -8.44 -10.70
CA PHE A 579 -4.71 -7.98 -9.44
C PHE A 579 -5.80 -8.09 -8.38
N GLY A 580 -5.39 -8.21 -7.12
CA GLY A 580 -6.36 -8.33 -6.05
C GLY A 580 -6.42 -7.13 -5.11
N VAL A 581 -7.63 -6.74 -4.68
CA VAL A 581 -7.80 -5.65 -3.74
C VAL A 581 -8.51 -6.19 -2.50
N THR A 582 -7.99 -5.89 -1.32
CA THR A 582 -8.63 -6.37 -0.11
C THR A 582 -9.62 -5.33 0.37
N HIS A 583 -10.90 -5.62 0.16
CA HIS A 583 -12.02 -4.78 0.58
C HIS A 583 -12.47 -5.16 1.99
N TYR A 584 -13.33 -4.28 2.59
CA TYR A 584 -13.86 -4.62 3.89
C TYR A 584 -14.54 -5.98 3.83
N ALA A 585 -15.12 -6.34 2.69
CA ALA A 585 -15.89 -7.56 2.54
C ALA A 585 -15.08 -8.73 2.00
N GLY A 586 -13.80 -8.56 1.75
CA GLY A 586 -12.97 -9.65 1.29
C GLY A 586 -12.14 -9.25 0.09
N GLN A 587 -11.21 -10.12 -0.26
CA GLN A 587 -10.39 -9.88 -1.43
C GLN A 587 -11.19 -10.13 -2.69
N VAL A 588 -11.03 -9.25 -3.66
CA VAL A 588 -11.62 -9.42 -4.98
C VAL A 588 -10.49 -9.37 -6.00
N MET A 589 -10.52 -10.31 -6.95
CA MET A 589 -9.55 -10.37 -8.03
C MET A 589 -10.17 -9.70 -9.26
N TYR A 590 -9.49 -8.71 -9.81
CA TYR A 590 -9.99 -7.93 -10.97
C TYR A 590 -9.17 -8.25 -12.22
N GLU A 591 -9.87 -8.44 -13.33
CA GLU A 591 -9.26 -8.72 -14.62
C GLU A 591 -9.20 -7.43 -15.44
N ILE A 592 -8.01 -7.13 -15.96
CA ILE A 592 -7.74 -5.81 -16.56
C ILE A 592 -8.14 -5.69 -18.02
N GLN A 593 -8.52 -6.78 -18.66
CA GLN A 593 -8.78 -6.73 -20.09
C GLN A 593 -9.77 -5.63 -20.43
N ASP A 594 -9.42 -4.82 -21.41
CA ASP A 594 -10.26 -3.79 -21.98
C ASP A 594 -10.45 -2.56 -21.10
N TRP A 595 -9.76 -2.46 -19.96
CA TRP A 595 -10.05 -1.33 -19.10
C TRP A 595 -9.70 0.00 -19.76
N LEU A 596 -8.66 0.06 -20.61
CA LEU A 596 -8.37 1.34 -21.25
C LEU A 596 -9.51 1.77 -22.14
N GLU A 597 -10.14 0.84 -22.86
CA GLU A 597 -11.27 1.23 -23.69
C GLU A 597 -12.48 1.59 -22.83
N LYS A 598 -12.67 0.87 -21.72
CA LYS A 598 -13.79 1.16 -20.83
C LYS A 598 -13.68 2.51 -20.19
N ASN A 599 -12.48 3.05 -20.08
CA ASN A 599 -12.29 4.34 -19.44
C ASN A 599 -12.55 5.53 -20.36
N LYS A 600 -12.82 5.30 -21.65
CA LYS A 600 -13.12 6.37 -22.60
C LYS A 600 -14.58 6.27 -23.01
N ASP A 601 -15.26 7.41 -23.09
CA ASP A 601 -16.62 7.44 -23.66
C ASP A 601 -16.73 8.65 -24.57
N PRO A 602 -16.08 8.60 -25.72
CA PRO A 602 -16.32 9.61 -26.76
C PRO A 602 -17.60 9.33 -27.52
N LEU A 603 -18.25 10.40 -27.96
CA LEU A 603 -19.35 10.32 -28.93
C LEU A 603 -19.08 11.31 -30.06
N GLN A 604 -19.30 10.84 -31.29
CA GLN A 604 -19.05 11.67 -32.47
C GLN A 604 -20.13 12.75 -32.61
N GLN A 605 -19.68 14.00 -32.73
CA GLN A 605 -20.62 15.11 -32.87
C GLN A 605 -21.59 14.89 -34.03
N ASP A 606 -21.10 14.36 -35.15
CA ASP A 606 -21.98 14.10 -36.29
C ASP A 606 -23.11 13.16 -35.90
N LEU A 607 -22.87 12.24 -34.96
CA LEU A 607 -23.95 11.40 -34.47
C LEU A 607 -24.93 12.22 -33.66
N GLU A 608 -24.39 13.14 -32.85
CA GLU A 608 -25.24 14.03 -32.06
C GLU A 608 -26.05 14.94 -32.98
N LEU A 609 -25.39 15.53 -33.98
CA LEU A 609 -26.13 16.35 -34.93
C LEU A 609 -27.21 15.56 -35.63
N CYS A 610 -26.91 14.30 -36.01
CA CYS A 610 -27.92 13.54 -36.75
C CYS A 610 -29.18 13.36 -35.92
N PHE A 611 -29.03 12.99 -34.65
CA PHE A 611 -30.21 12.70 -33.82
C PHE A 611 -30.93 13.95 -33.35
N LYS A 612 -30.29 15.11 -33.44
CA LYS A 612 -30.99 16.34 -33.10
C LYS A 612 -32.13 16.66 -34.07
N ASP A 613 -32.10 16.12 -35.30
CA ASP A 613 -33.09 16.45 -36.32
C ASP A 613 -34.33 15.58 -36.28
N SER A 614 -34.42 14.63 -35.36
CA SER A 614 -35.37 13.54 -35.51
C SER A 614 -36.83 13.98 -35.31
N SER A 615 -37.73 13.14 -35.83
CA SER A 615 -39.16 13.40 -35.76
C SER A 615 -39.72 13.17 -34.37
N ASP A 616 -39.12 12.27 -33.59
CA ASP A 616 -39.68 11.89 -32.31
C ASP A 616 -39.46 13.00 -31.29
N ASN A 617 -40.54 13.40 -30.60
CA ASN A 617 -40.43 14.48 -29.62
C ASN A 617 -39.48 14.10 -28.50
N VAL A 618 -39.52 12.84 -28.04
CA VAL A 618 -38.64 12.42 -26.96
C VAL A 618 -37.18 12.39 -27.43
N VAL A 619 -36.91 11.79 -28.59
CA VAL A 619 -35.54 11.67 -29.06
C VAL A 619 -34.86 13.03 -29.09
N THR A 620 -35.55 14.02 -29.64
CA THR A 620 -35.01 15.37 -29.73
C THR A 620 -34.58 15.87 -28.36
N LYS A 621 -35.36 15.57 -27.32
CA LYS A 621 -35.02 16.03 -25.98
C LYS A 621 -33.73 15.41 -25.50
N LEU A 622 -33.49 14.15 -25.85
CA LEU A 622 -32.28 13.48 -25.35
C LEU A 622 -31.03 14.21 -25.80
N PHE A 623 -31.10 14.90 -26.93
CA PHE A 623 -29.92 15.51 -27.51
C PHE A 623 -29.88 17.02 -27.45
N ASN A 624 -31.00 17.69 -27.19
CA ASN A 624 -30.98 19.15 -27.14
C ASN A 624 -31.11 19.69 -25.73
N ASP A 625 -31.58 18.91 -24.76
CA ASP A 625 -31.41 19.37 -23.38
C ASP A 625 -29.94 19.13 -22.97
N PRO A 626 -29.25 20.14 -22.41
CA PRO A 626 -27.88 19.95 -21.93
C PRO A 626 -27.85 19.20 -20.60
N PHE A 638 -14.15 14.35 -22.97
CA PHE A 638 -12.85 14.67 -22.42
C PHE A 638 -12.63 14.09 -21.00
N ILE A 639 -13.68 13.98 -20.19
CA ILE A 639 -13.55 13.44 -18.84
C ILE A 639 -13.66 11.93 -18.90
N THR A 640 -12.69 11.25 -18.30
CA THR A 640 -12.68 9.79 -18.37
C THR A 640 -13.86 9.20 -17.57
N VAL A 641 -14.13 7.93 -17.83
CA VAL A 641 -15.20 7.25 -17.08
C VAL A 641 -14.84 7.17 -15.60
N ALA A 642 -13.57 6.87 -15.29
CA ALA A 642 -13.16 6.79 -13.89
C ALA A 642 -13.36 8.12 -13.17
N ALA A 643 -13.04 9.23 -13.83
CA ALA A 643 -13.15 10.53 -13.21
C ALA A 643 -14.60 10.91 -13.02
N GLN A 644 -15.45 10.49 -13.95
CA GLN A 644 -16.88 10.72 -13.86
C GLN A 644 -17.40 9.94 -12.65
N TYR A 645 -17.05 8.67 -12.59
CA TYR A 645 -17.49 7.81 -11.48
C TYR A 645 -17.09 8.42 -10.16
N LYS A 646 -15.85 8.88 -10.07
CA LYS A 646 -15.36 9.45 -8.80
C LYS A 646 -16.15 10.69 -8.42
N GLU A 647 -16.53 11.51 -9.42
CA GLU A 647 -17.19 12.79 -9.15
C GLU A 647 -18.63 12.58 -8.73
N GLN A 648 -19.30 11.65 -9.41
CA GLN A 648 -20.67 11.28 -9.08
C GLN A 648 -20.75 10.66 -7.69
N LEU A 649 -19.80 9.78 -7.36
CA LEU A 649 -19.76 9.22 -6.02
C LEU A 649 -19.51 10.32 -4.99
N ALA A 650 -18.55 11.20 -5.28
CA ALA A 650 -18.27 12.31 -4.36
C ALA A 650 -19.49 13.22 -4.14
N SER A 651 -20.34 13.37 -5.13
CA SER A 651 -21.56 14.15 -4.97
C SER A 651 -22.60 13.40 -4.12
N LEU A 652 -22.71 12.08 -4.31
CA LEU A 652 -23.60 11.32 -3.44
C LEU A 652 -23.13 11.41 -2.00
N MET A 653 -21.83 11.22 -1.78
CA MET A 653 -21.31 11.26 -0.42
C MET A 653 -21.55 12.62 0.22
N ALA A 654 -21.34 13.70 -0.55
CA ALA A 654 -21.61 15.04 -0.03
C ALA A 654 -23.04 15.18 0.46
N THR A 655 -23.98 14.67 -0.35
CA THR A 655 -25.39 14.68 0.04
C THR A 655 -25.60 13.91 1.35
N LEU A 656 -25.01 12.72 1.44
CA LEU A 656 -25.19 11.88 2.60
C LEU A 656 -24.61 12.55 3.85
N GLU A 657 -23.49 13.24 3.67
CA GLU A 657 -22.90 13.96 4.80
C GLU A 657 -23.77 15.06 5.39
N THR A 658 -24.71 15.62 4.62
CA THR A 658 -25.62 16.60 5.21
C THR A 658 -26.75 15.94 5.99
N THR A 659 -26.86 14.61 5.96
CA THR A 659 -27.99 13.90 6.59
C THR A 659 -27.56 13.20 7.88
N ASN A 660 -28.57 12.94 8.73
CA ASN A 660 -28.50 11.95 9.78
C ASN A 660 -28.86 10.58 9.20
N PRO A 661 -27.94 9.59 9.18
CA PRO A 661 -28.21 8.33 8.50
C PRO A 661 -28.74 7.22 9.38
N HIS A 662 -29.52 6.35 8.73
CA HIS A 662 -30.10 5.13 9.30
C HIS A 662 -29.77 3.99 8.34
N PHE A 663 -29.48 2.81 8.91
CA PHE A 663 -28.97 1.70 8.11
C PHE A 663 -29.81 0.42 8.25
N VAL A 664 -30.40 -0.01 7.15
CA VAL A 664 -31.26 -1.19 7.11
C VAL A 664 -30.63 -2.23 6.18
N ARG A 665 -30.58 -3.49 6.61
CA ARG A 665 -29.88 -4.55 5.88
C ARG A 665 -30.88 -5.68 5.64
N CYS A 666 -31.40 -5.80 4.43
CA CYS A 666 -32.36 -6.84 4.13
C CYS A 666 -31.62 -8.05 3.58
N ILE A 667 -31.95 -9.24 4.08
CA ILE A 667 -31.27 -10.45 3.64
C ILE A 667 -32.22 -11.62 3.45
N ILE A 668 -31.79 -12.55 2.60
CA ILE A 668 -32.52 -13.82 2.43
C ILE A 668 -31.90 -14.89 3.31
N PRO A 669 -32.72 -15.76 3.91
CA PRO A 669 -32.22 -16.82 4.77
C PRO A 669 -31.67 -18.01 4.01
N ASN A 670 -32.05 -18.17 2.74
CA ASN A 670 -31.65 -19.28 1.93
C ASN A 670 -31.92 -18.91 0.47
N ASN A 671 -31.36 -19.70 -0.44
CA ASN A 671 -31.47 -19.41 -1.86
C ASN A 671 -32.59 -20.19 -2.55
N LYS A 672 -33.50 -20.79 -1.80
CA LYS A 672 -34.58 -21.61 -2.35
C LYS A 672 -35.95 -20.99 -2.13
N GLN A 673 -36.01 -19.73 -1.69
CA GLN A 673 -37.26 -19.03 -1.37
C GLN A 673 -38.17 -19.85 -0.45
N LEU A 674 -37.56 -20.55 0.49
CA LEU A 674 -38.30 -21.38 1.40
C LEU A 674 -38.48 -20.70 2.74
N PRO A 675 -39.67 -20.77 3.31
CA PRO A 675 -39.85 -20.32 4.69
C PRO A 675 -39.21 -21.32 5.64
N ALA A 676 -38.95 -20.83 6.85
CA ALA A 676 -38.46 -21.62 7.97
C ALA A 676 -37.24 -22.44 7.60
N LYS A 677 -36.26 -21.80 6.98
CA LYS A 677 -35.05 -22.52 6.60
C LYS A 677 -33.90 -21.51 6.55
N LEU A 678 -33.02 -21.57 7.51
CA LEU A 678 -31.85 -20.73 7.51
C LEU A 678 -30.64 -21.52 7.05
N GLU A 679 -29.73 -20.81 6.38
CA GLU A 679 -28.46 -21.38 5.95
C GLU A 679 -27.37 -20.39 6.33
N ASP A 680 -26.47 -20.81 7.22
CA ASP A 680 -25.48 -19.87 7.74
C ASP A 680 -24.58 -19.37 6.61
N LYS A 681 -24.28 -20.23 5.64
CA LYS A 681 -23.43 -19.82 4.53
C LYS A 681 -24.04 -18.68 3.75
N VAL A 682 -25.34 -18.79 3.48
CA VAL A 682 -26.04 -17.77 2.72
C VAL A 682 -26.15 -16.50 3.54
N VAL A 683 -26.52 -16.64 4.82
CA VAL A 683 -26.73 -15.47 5.65
C VAL A 683 -25.44 -14.74 5.88
N LEU A 684 -24.37 -15.46 6.20
CA LEU A 684 -23.13 -14.78 6.53
C LEU A 684 -22.46 -14.12 5.33
N ASP A 685 -22.65 -14.66 4.11
CA ASP A 685 -22.13 -13.97 2.93
C ASP A 685 -22.77 -12.58 2.78
N GLN A 686 -24.09 -12.50 2.95
CA GLN A 686 -24.77 -11.21 2.87
C GLN A 686 -24.33 -10.29 4.00
N LEU A 687 -24.19 -10.80 5.19
CA LEU A 687 -23.77 -9.95 6.29
C LEU A 687 -22.36 -9.44 6.09
N ARG A 688 -21.53 -10.21 5.39
CA ARG A 688 -20.19 -9.73 5.10
C ARG A 688 -20.25 -8.62 4.06
N CYS A 689 -20.95 -8.87 2.97
CA CYS A 689 -21.06 -7.93 1.89
C CYS A 689 -21.75 -6.63 2.28
N ASN A 690 -22.76 -6.67 3.13
CA ASN A 690 -23.52 -5.47 3.47
C ASN A 690 -22.96 -4.76 4.68
N GLY A 691 -21.85 -5.21 5.23
CA GLY A 691 -21.17 -4.48 6.28
C GLY A 691 -21.56 -4.81 7.69
N VAL A 692 -22.52 -5.70 7.92
CA VAL A 692 -22.83 -6.07 9.31
C VAL A 692 -21.63 -6.74 10.00
N LEU A 693 -20.92 -7.62 9.30
CA LEU A 693 -19.79 -8.27 9.95
C LEU A 693 -18.65 -7.28 10.20
N GLU A 694 -18.54 -6.22 9.37
CA GLU A 694 -17.60 -5.14 9.66
C GLU A 694 -17.99 -4.40 10.94
N GLY A 695 -19.27 -4.10 11.11
CA GLY A 695 -19.71 -3.52 12.38
C GLY A 695 -19.39 -4.39 13.57
N ILE A 696 -19.62 -5.70 13.45
CA ILE A 696 -19.28 -6.63 14.51
C ILE A 696 -17.80 -6.55 14.82
N ARG A 697 -16.97 -6.53 13.79
CA ARG A 697 -15.53 -6.49 13.98
C ARG A 697 -15.15 -5.32 14.86
N ILE A 698 -15.77 -4.15 14.62
CA ILE A 698 -15.44 -2.97 15.38
C ILE A 698 -16.02 -3.08 16.78
N THR A 699 -17.30 -3.40 16.86
CA THR A 699 -18.02 -3.49 18.14
C THR A 699 -17.34 -4.42 19.13
N ARG A 700 -16.82 -5.56 18.65
CA ARG A 700 -16.32 -6.55 19.61
C ARG A 700 -15.00 -6.12 20.22
N LYS A 701 -14.39 -5.07 19.70
CA LYS A 701 -13.08 -4.67 20.20
C LYS A 701 -13.07 -3.84 21.47
N GLY A 702 -14.13 -3.12 21.80
CA GLY A 702 -14.00 -2.28 22.97
C GLY A 702 -14.73 -2.86 24.17
N PHE A 703 -15.72 -2.13 24.62
CA PHE A 703 -16.59 -2.52 25.74
C PHE A 703 -18.00 -2.52 25.19
N PRO A 704 -18.42 -3.57 24.50
CA PRO A 704 -19.74 -3.57 23.86
C PRO A 704 -20.93 -3.69 24.79
N ASN A 705 -20.78 -4.35 25.95
CA ASN A 705 -21.92 -4.65 26.82
C ASN A 705 -21.98 -3.63 27.92
N ARG A 706 -23.14 -3.00 28.10
CA ARG A 706 -23.26 -1.82 28.93
C ARG A 706 -24.54 -1.96 29.73
N ILE A 707 -24.40 -2.18 31.05
CA ILE A 707 -25.51 -2.62 31.90
C ILE A 707 -25.78 -1.57 32.96
N ILE A 708 -27.05 -1.17 33.08
CA ILE A 708 -27.46 -0.28 34.17
C ILE A 708 -27.13 -0.97 35.49
N TYR A 709 -26.48 -0.25 36.40
CA TYR A 709 -25.98 -0.88 37.62
C TYR A 709 -27.05 -1.69 38.34
N ALA A 710 -28.24 -1.15 38.47
CA ALA A 710 -29.27 -1.83 39.24
C ALA A 710 -29.68 -3.13 38.59
N ASP A 711 -29.69 -3.17 37.24
CA ASP A 711 -30.02 -4.41 36.56
C ASP A 711 -28.92 -5.43 36.74
N PHE A 712 -27.67 -4.99 36.70
CA PHE A 712 -26.58 -5.90 36.99
C PHE A 712 -26.75 -6.52 38.38
N VAL A 713 -27.07 -5.70 39.38
CA VAL A 713 -27.18 -6.20 40.75
C VAL A 713 -28.38 -7.12 40.86
N LYS A 714 -29.49 -6.76 40.22
CA LYS A 714 -30.67 -7.62 40.33
C LYS A 714 -30.37 -9.03 39.83
N ARG A 715 -29.47 -9.16 38.87
CA ARG A 715 -29.16 -10.46 38.34
C ARG A 715 -28.06 -11.17 39.09
N TYR A 716 -27.03 -10.46 39.55
CA TYR A 716 -25.81 -11.09 39.98
C TYR A 716 -25.47 -10.88 41.46
N TYR A 717 -26.36 -10.24 42.23
CA TYR A 717 -26.17 -10.12 43.67
C TYR A 717 -25.81 -11.47 44.31
N LEU A 718 -26.38 -12.56 43.80
CA LEU A 718 -26.20 -13.86 44.47
C LEU A 718 -24.80 -14.43 44.29
N LEU A 719 -23.94 -13.80 43.46
CA LEU A 719 -22.58 -14.25 43.31
C LEU A 719 -21.64 -13.73 44.41
N ALA A 720 -22.09 -12.84 45.27
CA ALA A 720 -21.28 -12.28 46.35
C ALA A 720 -22.01 -12.36 47.69
N PRO A 721 -21.32 -12.60 48.80
CA PRO A 721 -22.03 -12.67 50.09
C PRO A 721 -22.47 -11.29 50.53
N ASN A 722 -23.70 -11.20 51.04
CA ASN A 722 -24.18 -9.98 51.68
C ASN A 722 -24.26 -8.82 50.69
N VAL A 723 -24.66 -9.14 49.45
CA VAL A 723 -25.08 -8.15 48.50
C VAL A 723 -26.58 -8.37 48.24
N PRO A 724 -27.44 -7.44 48.65
CA PRO A 724 -28.88 -7.64 48.44
C PRO A 724 -29.23 -7.42 46.97
N ARG A 725 -30.29 -8.11 46.53
CA ARG A 725 -30.75 -7.98 45.16
C ARG A 725 -31.15 -6.53 44.84
N ASP A 726 -31.66 -5.80 45.82
CA ASP A 726 -32.13 -4.43 45.63
C ASP A 726 -31.25 -3.43 46.37
N ALA A 727 -29.95 -3.72 46.45
CA ALA A 727 -29.00 -2.87 47.16
C ALA A 727 -29.20 -1.40 46.82
N GLU A 728 -29.16 -0.51 47.83
CA GLU A 728 -29.41 0.90 47.60
C GLU A 728 -28.37 1.58 46.72
N ASP A 729 -27.10 1.26 46.95
CA ASP A 729 -26.02 1.85 46.20
C ASP A 729 -25.63 0.83 45.13
N SER A 730 -26.24 0.95 43.95
CA SER A 730 -26.04 -0.06 42.93
C SER A 730 -24.60 -0.15 42.43
N GLN A 731 -23.87 0.96 42.37
CA GLN A 731 -22.47 0.92 41.93
C GLN A 731 -21.58 0.22 42.93
N LYS A 732 -21.82 0.46 44.19
CA LYS A 732 -21.03 -0.20 45.23
C LYS A 732 -21.31 -1.70 45.23
N ALA A 733 -22.57 -2.09 45.03
CA ALA A 733 -22.89 -3.53 44.99
C ALA A 733 -22.25 -4.18 43.76
N THR A 734 -22.29 -3.49 42.62
CA THR A 734 -21.62 -4.00 41.44
C THR A 734 -20.15 -4.24 41.71
N ASP A 735 -19.49 -3.24 42.29
CA ASP A 735 -18.08 -3.39 42.59
C ASP A 735 -17.84 -4.55 43.57
N ALA A 736 -18.74 -4.73 44.54
CA ALA A 736 -18.57 -5.82 45.48
C ALA A 736 -18.65 -7.18 44.79
N VAL A 737 -19.63 -7.35 43.88
CA VAL A 737 -19.70 -8.59 43.11
C VAL A 737 -18.44 -8.78 42.27
N LEU A 738 -17.99 -7.74 41.57
CA LEU A 738 -16.81 -7.91 40.71
C LEU A 738 -15.56 -8.25 41.52
N LYS A 739 -15.38 -7.58 42.64
CA LYS A 739 -14.21 -7.84 43.46
C LYS A 739 -14.29 -9.23 44.08
N HIS A 740 -15.47 -9.65 44.52
CA HIS A 740 -15.56 -11.01 45.07
C HIS A 740 -15.19 -12.04 44.03
N LEU A 741 -15.63 -11.84 42.79
CA LEU A 741 -15.33 -12.78 41.72
C LEU A 741 -13.91 -12.67 41.21
N ASN A 742 -13.12 -11.72 41.72
CA ASN A 742 -11.74 -11.53 41.26
CA ASN A 742 -11.74 -11.53 41.26
C ASN A 742 -11.68 -11.21 39.77
N ILE A 743 -12.68 -10.47 39.28
CA ILE A 743 -12.69 -10.11 37.87
C ILE A 743 -11.53 -9.16 37.59
N ASP A 744 -10.78 -9.43 36.53
CA ASP A 744 -9.72 -8.54 36.07
C ASP A 744 -10.27 -7.14 35.79
N PRO A 745 -9.85 -6.11 36.51
CA PRO A 745 -10.42 -4.76 36.27
C PRO A 745 -10.18 -4.21 34.87
N GLU A 746 -9.23 -4.75 34.11
CA GLU A 746 -9.06 -4.33 32.73
C GLU A 746 -10.26 -4.71 31.85
N GLN A 747 -11.10 -5.63 32.31
CA GLN A 747 -12.20 -6.12 31.50
C GLN A 747 -13.46 -5.29 31.65
N TYR A 748 -13.46 -4.29 32.50
CA TYR A 748 -14.68 -3.50 32.67
C TYR A 748 -14.30 -2.07 32.96
N ARG A 749 -15.27 -1.18 32.79
CA ARG A 749 -15.13 0.20 33.20
C ARG A 749 -16.42 0.68 33.83
N PHE A 750 -16.29 1.39 34.95
CA PHE A 750 -17.43 2.00 35.60
C PHE A 750 -17.81 3.30 34.89
N GLY A 751 -19.03 3.38 34.39
CA GLY A 751 -19.59 4.60 33.86
C GLY A 751 -20.47 5.29 34.89
N ILE A 752 -21.04 6.43 34.47
CA ILE A 752 -21.89 7.20 35.38
C ILE A 752 -23.16 6.44 35.71
N THR A 753 -23.78 5.83 34.71
CA THR A 753 -24.99 5.03 34.92
C THR A 753 -24.85 3.55 34.58
N LYS A 754 -23.78 3.13 33.89
CA LYS A 754 -23.65 1.76 33.41
C LYS A 754 -22.28 1.18 33.65
N ILE A 755 -22.23 -0.15 33.88
CA ILE A 755 -20.96 -0.87 33.86
C ILE A 755 -20.73 -1.36 32.43
N PHE A 756 -19.54 -1.07 31.90
CA PHE A 756 -19.12 -1.39 30.52
C PHE A 756 -18.23 -2.62 30.59
N PHE A 757 -18.50 -3.63 29.76
CA PHE A 757 -17.70 -4.85 29.75
C PHE A 757 -17.07 -5.12 28.40
N ARG A 758 -15.81 -5.54 28.42
CA ARG A 758 -15.20 -6.14 27.25
C ARG A 758 -15.91 -7.43 26.85
N ALA A 759 -15.77 -7.79 25.59
CA ALA A 759 -16.37 -9.02 25.08
C ALA A 759 -15.96 -10.22 25.92
N GLY A 760 -16.94 -11.08 26.21
CA GLY A 760 -16.70 -12.31 26.92
C GLY A 760 -16.90 -12.20 28.41
N GLN A 761 -16.67 -11.03 28.98
CA GLN A 761 -16.65 -10.93 30.43
C GLN A 761 -18.06 -11.11 31.02
N LEU A 762 -19.06 -10.50 30.42
CA LEU A 762 -20.40 -10.67 30.97
C LEU A 762 -20.86 -12.12 30.83
N ALA A 763 -20.47 -12.78 29.74
CA ALA A 763 -20.77 -14.22 29.60
C ALA A 763 -20.18 -15.04 30.75
N ARG A 764 -18.94 -14.76 31.11
CA ARG A 764 -18.33 -15.53 32.20
C ARG A 764 -19.08 -15.31 33.53
N ILE A 765 -19.54 -14.08 33.78
CA ILE A 765 -20.31 -13.78 34.97
C ILE A 765 -21.63 -14.54 34.93
N GLU A 766 -22.28 -14.51 33.77
CA GLU A 766 -23.49 -15.33 33.58
C GLU A 766 -23.23 -16.82 33.82
N GLU A 767 -22.10 -17.38 33.33
CA GLU A 767 -21.77 -18.79 33.57
C GLU A 767 -21.62 -19.06 35.05
N ALA A 768 -20.99 -18.14 35.77
CA ALA A 768 -20.88 -18.29 37.21
C ALA A 768 -22.26 -18.26 37.88
N ARG A 769 -23.16 -17.42 37.39
CA ARG A 769 -24.52 -17.46 37.94
C ARG A 769 -25.21 -18.79 37.65
N GLU A 770 -25.08 -19.30 36.43
CA GLU A 770 -25.71 -20.56 36.08
C GLU A 770 -25.22 -21.64 37.03
N GLN A 771 -23.92 -21.64 37.30
CA GLN A 771 -23.32 -22.63 38.18
C GLN A 771 -23.74 -22.40 39.62
N ARG A 772 -23.81 -21.16 40.08
CA ARG A 772 -24.16 -20.91 41.48
C ARG A 772 -25.58 -21.37 41.81
N LEU A 773 -26.49 -21.29 40.85
CA LEU A 773 -27.88 -21.61 41.13
C LEU A 773 -28.08 -23.10 41.37
N GLU A 774 -27.27 -23.93 40.74
CA GLU A 774 -27.40 -25.37 40.84
C GLU A 774 -26.35 -25.98 41.75
N SER A 775 -25.66 -25.17 42.54
CA SER A 775 -24.64 -25.67 43.46
C SER A 775 -25.13 -25.68 44.90
N ASN A 776 -24.56 -26.61 45.66
CA ASN A 776 -25.01 -26.73 47.04
C ASN A 776 -24.33 -25.73 47.95
N GLU A 777 -23.23 -25.12 47.52
CA GLU A 777 -22.50 -24.15 48.32
C GLU A 777 -21.67 -23.30 47.35
N PRO A 778 -21.16 -22.16 47.82
CA PRO A 778 -20.37 -21.27 46.94
C PRO A 778 -19.11 -21.98 46.45
N PRO A 779 -18.55 -21.56 45.31
CA PRO A 779 -17.33 -22.23 44.81
C PRO A 779 -16.17 -22.11 45.79
N MET A 780 -15.20 -23.00 45.60
CA MET A 780 -13.95 -22.97 46.36
C MET A 780 -12.94 -22.11 45.62
N THR B 39 46.91 6.26 -41.48
CA THR B 39 45.48 6.47 -41.64
C THR B 39 44.81 6.50 -40.26
N VAL B 40 44.38 7.68 -39.82
CA VAL B 40 43.90 7.80 -38.45
C VAL B 40 42.58 7.03 -38.26
N SER B 41 41.63 7.18 -39.17
CA SER B 41 40.30 6.69 -38.84
C SER B 41 40.09 5.19 -39.08
N ASP B 42 41.08 4.48 -39.60
CA ASP B 42 40.95 3.03 -39.65
C ASP B 42 41.01 2.41 -38.25
N LYS B 43 41.59 3.11 -37.28
CA LYS B 43 42.03 2.48 -36.04
C LYS B 43 40.88 2.36 -35.06
N ARG B 44 40.79 1.22 -34.40
CA ARG B 44 39.77 0.98 -33.43
C ARG B 44 40.50 0.43 -32.22
N TYR B 45 40.13 0.89 -31.05
CA TYR B 45 40.74 0.52 -29.79
C TYR B 45 39.74 -0.18 -28.85
N ILE B 46 40.33 -0.90 -27.88
CA ILE B 46 39.61 -1.77 -26.97
C ILE B 46 40.22 -1.57 -25.59
N TRP B 47 39.38 -1.62 -24.55
CA TRP B 47 39.84 -1.66 -23.17
C TRP B 47 39.98 -3.15 -22.78
N TYR B 48 41.16 -3.54 -22.28
CA TYR B 48 41.36 -4.94 -21.92
C TYR B 48 42.10 -5.02 -20.60
N ASN B 49 42.04 -6.20 -19.95
CA ASN B 49 42.74 -6.43 -18.70
C ASN B 49 44.08 -7.07 -19.02
N PRO B 50 45.21 -6.47 -18.68
CA PRO B 50 46.49 -7.20 -18.87
C PRO B 50 46.44 -8.54 -18.19
N ASP B 51 45.87 -8.61 -17.00
CA ASP B 51 45.63 -9.87 -16.29
C ASP B 51 44.13 -10.03 -16.04
N PRO B 52 43.43 -10.93 -16.69
CA PRO B 52 41.98 -10.97 -16.49
C PRO B 52 41.54 -11.11 -15.01
N LYS B 53 42.37 -11.64 -14.10
CA LYS B 53 41.91 -11.78 -12.71
C LYS B 53 41.98 -10.46 -11.94
N GLU B 54 42.79 -9.49 -12.39
CA GLU B 54 42.69 -8.10 -11.91
C GLU B 54 41.68 -7.43 -12.84
N ARG B 55 40.42 -7.59 -12.49
CA ARG B 55 39.37 -7.36 -13.46
C ARG B 55 39.05 -5.87 -13.62
N ASP B 56 39.48 -5.05 -12.67
CA ASP B 56 39.29 -3.61 -12.74
C ASP B 56 40.55 -2.83 -13.15
N SER B 57 41.60 -3.52 -13.58
CA SER B 57 42.84 -2.88 -13.98
C SER B 57 42.95 -2.99 -15.49
N TYR B 58 42.90 -1.85 -16.19
CA TYR B 58 42.75 -1.91 -17.65
C TYR B 58 43.91 -1.25 -18.39
N GLU B 59 44.05 -1.62 -19.65
CA GLU B 59 44.89 -0.91 -20.59
C GLU B 59 44.15 -0.75 -21.91
N CYS B 60 44.72 0.06 -22.79
CA CYS B 60 44.16 0.32 -24.10
C CYS B 60 44.95 -0.46 -25.15
N GLY B 61 44.26 -1.27 -25.95
CA GLY B 61 44.88 -2.01 -27.04
C GLY B 61 44.17 -1.71 -28.35
N GLU B 62 44.76 -2.17 -29.45
CA GLU B 62 44.32 -1.80 -30.79
C GLU B 62 43.77 -3.02 -31.52
N ILE B 63 42.54 -2.91 -32.02
CA ILE B 63 41.91 -3.99 -32.76
C ILE B 63 42.56 -4.09 -34.14
N VAL B 64 42.91 -5.30 -34.55
CA VAL B 64 43.61 -5.51 -35.80
C VAL B 64 42.88 -6.45 -36.74
N SER B 65 42.02 -7.34 -36.24
CA SER B 65 41.29 -8.29 -37.06
C SER B 65 39.88 -8.45 -36.55
N GLU B 66 39.02 -9.06 -37.36
CA GLU B 66 37.74 -9.44 -36.81
C GLU B 66 37.01 -10.46 -37.69
N THR B 67 36.34 -11.40 -37.02
CA THR B 67 35.40 -12.32 -37.62
C THR B 67 33.99 -11.96 -37.20
N SER B 68 33.04 -12.84 -37.53
CA SER B 68 31.63 -12.60 -37.24
C SER B 68 31.37 -12.48 -35.75
N ASP B 69 32.19 -13.11 -34.92
CA ASP B 69 31.87 -13.23 -33.50
C ASP B 69 33.04 -12.92 -32.58
N SER B 70 34.17 -12.41 -33.08
CA SER B 70 35.29 -12.08 -32.21
C SER B 70 36.06 -10.90 -32.78
N PHE B 71 36.91 -10.32 -31.93
CA PHE B 71 37.98 -9.41 -32.33
C PHE B 71 39.33 -10.03 -31.98
N THR B 72 40.34 -9.65 -32.75
CA THR B 72 41.74 -9.86 -32.42
C THR B 72 42.38 -8.50 -32.23
N PHE B 73 43.12 -8.31 -31.15
CA PHE B 73 43.66 -6.99 -30.83
C PHE B 73 45.10 -7.15 -30.37
N LYS B 74 45.85 -6.06 -30.53
CA LYS B 74 47.22 -5.94 -30.07
C LYS B 74 47.22 -5.29 -28.70
N THR B 75 47.98 -5.89 -27.78
CA THR B 75 48.11 -5.37 -26.44
C THR B 75 49.16 -4.27 -26.43
N VAL B 76 49.31 -3.61 -25.28
CA VAL B 76 50.22 -2.50 -25.21
C VAL B 76 51.64 -2.94 -25.51
N ASP B 77 51.93 -4.23 -25.32
CA ASP B 77 53.27 -4.77 -25.53
C ASP B 77 53.51 -5.19 -26.97
N GLY B 78 52.46 -5.55 -27.70
CA GLY B 78 52.56 -6.05 -29.05
C GLY B 78 51.93 -7.42 -29.23
N GLN B 79 51.70 -8.12 -28.14
CA GLN B 79 51.16 -9.47 -28.22
C GLN B 79 49.74 -9.43 -28.75
N ASP B 80 49.42 -10.44 -29.55
CA ASP B 80 48.08 -10.60 -30.08
C ASP B 80 47.21 -11.30 -29.05
N ARG B 81 45.98 -10.85 -28.93
CA ARG B 81 45.00 -11.55 -28.12
C ARG B 81 43.70 -11.62 -28.92
N GLN B 82 42.82 -12.50 -28.48
CA GLN B 82 41.48 -12.57 -29.00
C GLN B 82 40.46 -12.34 -27.89
N VAL B 83 39.25 -11.94 -28.28
CA VAL B 83 38.15 -11.74 -27.35
C VAL B 83 36.87 -11.90 -28.14
N LYS B 84 35.84 -12.46 -27.51
CA LYS B 84 34.54 -12.57 -28.15
C LYS B 84 33.85 -11.22 -28.13
N LYS B 85 33.23 -10.87 -29.27
CA LYS B 85 32.49 -9.62 -29.37
C LYS B 85 31.52 -9.46 -28.21
N ASP B 86 30.91 -10.56 -27.75
CA ASP B 86 29.98 -10.49 -26.62
C ASP B 86 30.68 -10.17 -25.31
N ASP B 87 32.01 -10.30 -25.24
CA ASP B 87 32.75 -9.88 -24.06
C ASP B 87 33.56 -8.60 -24.28
N ALA B 88 33.64 -8.10 -25.52
CA ALA B 88 34.64 -7.07 -25.81
C ALA B 88 34.22 -5.73 -25.21
N ASN B 89 35.23 -4.96 -24.75
CA ASN B 89 34.99 -3.60 -24.26
C ASN B 89 35.57 -2.56 -25.23
N GLN B 90 34.79 -2.21 -26.23
CA GLN B 90 35.27 -1.26 -27.21
C GLN B 90 35.41 0.13 -26.63
N ARG B 91 36.31 0.89 -27.21
CA ARG B 91 36.57 2.25 -26.79
C ARG B 91 35.70 3.21 -27.55
N ASN B 92 35.11 4.16 -26.83
CA ASN B 92 34.21 5.08 -27.48
C ASN B 92 34.99 6.08 -28.33
N PRO B 93 34.45 6.42 -29.48
CA PRO B 93 35.03 7.53 -30.26
C PRO B 93 35.14 8.80 -29.42
N ILE B 94 36.09 9.67 -29.81
CA ILE B 94 36.46 10.79 -28.98
C ILE B 94 35.31 11.75 -28.76
N LYS B 95 34.36 11.82 -29.70
CA LYS B 95 33.20 12.67 -29.48
C LYS B 95 32.51 12.37 -28.15
N PHE B 96 32.55 11.12 -27.71
CA PHE B 96 31.86 10.68 -26.50
C PHE B 96 32.62 11.01 -25.22
N ASP B 97 33.87 11.46 -25.31
CA ASP B 97 34.67 11.71 -24.11
C ASP B 97 34.20 12.98 -23.45
N GLY B 98 33.84 12.88 -22.18
CA GLY B 98 33.42 14.03 -21.44
C GLY B 98 31.92 14.19 -21.32
N VAL B 99 31.12 13.24 -21.79
CA VAL B 99 29.68 13.44 -21.76
C VAL B 99 29.23 13.55 -20.30
N GLU B 100 28.19 14.35 -20.08
CA GLU B 100 27.68 14.63 -18.75
C GLU B 100 26.86 13.51 -18.14
N ASP B 101 26.37 12.58 -18.95
CA ASP B 101 25.60 11.43 -18.51
C ASP B 101 26.20 10.19 -19.15
N MET B 102 26.61 9.18 -18.38
CA MET B 102 27.21 7.98 -18.93
C MET B 102 26.28 7.26 -19.85
N SER B 103 24.98 7.40 -19.64
CA SER B 103 24.03 6.73 -20.52
C SER B 103 24.11 7.22 -21.95
N GLU B 104 24.81 8.33 -22.23
CA GLU B 104 25.06 8.78 -23.59
C GLU B 104 26.23 8.05 -24.25
N LEU B 105 27.03 7.31 -23.50
CA LEU B 105 28.07 6.47 -24.11
C LEU B 105 27.44 5.38 -24.98
N SER B 106 28.06 5.08 -26.11
CA SER B 106 27.50 4.07 -26.99
C SER B 106 28.03 2.69 -26.67
N TYR B 107 29.35 2.59 -26.46
CA TYR B 107 29.98 1.43 -25.84
C TYR B 107 29.86 1.70 -24.36
N LEU B 108 28.86 1.09 -23.73
CA LEU B 108 28.58 1.30 -22.31
C LEU B 108 29.07 0.07 -21.58
N ASN B 109 30.29 0.14 -21.05
CA ASN B 109 30.97 -0.97 -20.42
C ASN B 109 31.80 -0.35 -19.30
N GLU B 110 32.31 -1.21 -18.41
CA GLU B 110 32.92 -0.71 -17.18
C GLU B 110 34.17 0.14 -17.43
N PRO B 111 35.15 -0.30 -18.20
CA PRO B 111 36.31 0.61 -18.41
C PRO B 111 35.95 1.88 -19.17
N ALA B 112 34.96 1.85 -20.06
CA ALA B 112 34.52 3.09 -20.73
C ALA B 112 33.86 4.09 -19.76
N VAL B 113 33.19 3.57 -18.73
CA VAL B 113 32.64 4.43 -17.68
C VAL B 113 33.77 5.06 -16.88
N PHE B 114 34.72 4.24 -16.45
CA PHE B 114 35.89 4.79 -15.78
C PHE B 114 36.56 5.86 -16.65
N HIS B 115 36.73 5.58 -17.94
CA HIS B 115 37.43 6.55 -18.81
C HIS B 115 36.68 7.88 -18.86
N ASN B 116 35.35 7.83 -19.00
CA ASN B 116 34.59 9.08 -19.04
C ASN B 116 34.73 9.84 -17.72
N LEU B 117 34.65 9.12 -16.61
CA LEU B 117 34.85 9.78 -15.32
C LEU B 117 36.21 10.44 -15.27
N ARG B 118 37.23 9.79 -15.81
CA ARG B 118 38.59 10.33 -15.81
C ARG B 118 38.72 11.58 -16.69
N VAL B 119 38.15 11.56 -17.89
CA VAL B 119 38.24 12.71 -18.75
C VAL B 119 37.64 13.92 -18.04
N ARG B 120 36.52 13.73 -17.35
CA ARG B 120 35.88 14.85 -16.65
C ARG B 120 36.71 15.27 -15.45
N TYR B 121 37.21 14.31 -14.69
CA TYR B 121 37.99 14.59 -13.50
C TYR B 121 39.22 15.44 -13.83
N ASN B 122 39.88 15.11 -14.93
CA ASN B 122 41.10 15.81 -15.35
C ASN B 122 40.83 17.23 -15.86
N GLN B 123 39.56 17.61 -15.89
CA GLN B 123 39.11 18.98 -16.14
C GLN B 123 38.56 19.63 -14.89
N ASP B 124 38.74 18.99 -13.71
CA ASP B 124 38.12 19.36 -12.44
C ASP B 124 36.59 19.38 -12.54
N LEU B 125 36.02 18.49 -13.35
CA LEU B 125 34.58 18.23 -13.40
C LEU B 125 34.35 16.98 -12.54
N ILE B 126 34.07 17.20 -11.27
CA ILE B 126 33.96 16.11 -10.32
C ILE B 126 32.59 15.45 -10.31
N TYR B 127 31.57 16.07 -10.92
CA TYR B 127 30.22 15.54 -10.95
C TYR B 127 29.88 15.03 -12.35
N THR B 128 29.29 13.84 -12.42
CA THR B 128 28.83 13.24 -13.67
C THR B 128 27.59 12.41 -13.38
N TYR B 129 26.63 12.41 -14.28
CA TYR B 129 25.48 11.50 -14.13
C TYR B 129 25.81 10.13 -14.71
N SER B 130 25.20 9.09 -14.16
CA SER B 130 25.20 7.77 -14.79
C SER B 130 23.74 7.35 -14.68
N GLY B 131 22.96 7.68 -15.70
CA GLY B 131 21.54 7.44 -15.65
C GLY B 131 20.95 8.25 -14.51
N LEU B 132 20.32 7.56 -13.58
CA LEU B 132 19.71 8.26 -12.44
C LEU B 132 20.73 8.73 -11.44
N PHE B 133 21.88 8.11 -11.40
CA PHE B 133 22.86 8.43 -10.40
C PHE B 133 23.57 9.74 -10.67
N LEU B 134 23.90 10.45 -9.58
CA LEU B 134 24.88 11.54 -9.63
C LEU B 134 26.14 10.97 -9.01
N VAL B 135 27.22 10.89 -9.77
CA VAL B 135 28.50 10.41 -9.27
C VAL B 135 29.38 11.61 -8.91
N ALA B 136 29.97 11.62 -7.73
CA ALA B 136 30.80 12.73 -7.26
C ALA B 136 32.16 12.21 -6.86
N VAL B 137 33.21 12.66 -7.54
CA VAL B 137 34.55 12.16 -7.27
C VAL B 137 35.33 13.17 -6.44
N ASN B 138 35.86 12.72 -5.31
CA ASN B 138 36.56 13.63 -4.43
C ASN B 138 37.81 14.18 -5.13
N PRO B 139 37.96 15.49 -5.30
CA PRO B 139 39.16 16.02 -5.94
C PRO B 139 40.35 16.15 -5.00
N PHE B 140 40.16 15.89 -3.72
CA PHE B 140 41.20 16.00 -2.69
C PHE B 140 41.93 17.34 -2.77
N LYS B 141 41.15 18.42 -2.92
CA LYS B 141 41.63 19.78 -2.97
C LYS B 141 40.42 20.72 -2.96
N ARG B 142 40.67 21.99 -2.67
CA ARG B 142 39.59 22.97 -2.68
C ARG B 142 39.26 23.36 -4.12
N ILE B 143 37.99 23.69 -4.34
CA ILE B 143 37.42 23.84 -5.67
C ILE B 143 36.23 24.80 -5.55
N PRO B 144 36.24 25.95 -6.22
CA PRO B 144 35.22 26.99 -5.94
C PRO B 144 33.91 26.81 -6.70
N ILE B 145 33.19 25.71 -6.42
CA ILE B 145 31.95 25.42 -7.14
C ILE B 145 30.72 25.44 -6.24
N TYR B 146 30.82 25.94 -5.02
CA TYR B 146 29.69 25.98 -4.10
C TYR B 146 29.31 27.39 -3.69
N THR B 147 29.79 28.37 -4.43
CA THR B 147 29.62 29.77 -4.08
C THR B 147 28.18 30.24 -4.34
N GLN B 148 27.88 31.45 -3.85
CA GLN B 148 26.54 32.01 -4.02
C GLN B 148 26.20 32.22 -5.49
N GLU B 149 27.19 32.63 -6.30
CA GLU B 149 26.93 32.77 -7.72
C GLU B 149 26.57 31.40 -8.30
N MET B 150 27.29 30.37 -7.85
CA MET B 150 27.02 28.98 -8.24
C MET B 150 25.63 28.58 -7.83
N VAL B 151 25.20 28.93 -6.61
CA VAL B 151 23.83 28.56 -6.22
C VAL B 151 22.82 29.09 -7.23
N ASP B 152 22.98 30.36 -7.65
CA ASP B 152 21.93 31.04 -8.40
C ASP B 152 21.66 30.41 -9.75
N ILE B 153 22.68 29.83 -10.37
CA ILE B 153 22.57 29.23 -11.69
C ILE B 153 21.64 28.03 -11.69
N PHE B 154 21.58 27.30 -10.61
CA PHE B 154 20.78 26.08 -10.56
C PHE B 154 19.33 26.31 -10.17
N LYS B 155 18.99 27.52 -9.75
CA LYS B 155 17.63 27.84 -9.35
C LYS B 155 16.57 27.59 -10.45
N GLY B 156 15.66 26.61 -10.25
CA GLY B 156 14.61 26.34 -11.20
C GLY B 156 15.01 25.59 -12.44
N ARG B 157 16.26 25.17 -12.55
CA ARG B 157 16.74 24.56 -13.77
C ARG B 157 16.62 23.05 -13.69
N ARG B 158 15.99 22.46 -14.70
CA ARG B 158 15.97 21.03 -14.83
C ARG B 158 17.36 20.46 -15.03
N ARG B 159 17.46 19.15 -14.82
CA ARG B 159 18.74 18.49 -14.87
C ARG B 159 19.44 18.65 -16.21
N ASN B 160 18.68 18.65 -17.32
CA ASN B 160 19.26 18.73 -18.65
C ASN B 160 19.54 20.17 -19.11
N GLU B 161 19.26 21.18 -18.30
CA GLU B 161 19.58 22.56 -18.62
C GLU B 161 20.91 23.02 -18.05
N VAL B 162 21.46 22.31 -17.06
CA VAL B 162 22.68 22.74 -16.40
C VAL B 162 23.62 21.56 -16.21
N ALA B 163 24.88 21.86 -15.91
CA ALA B 163 25.88 20.82 -15.74
C ALA B 163 25.53 19.94 -14.53
N PRO B 164 26.08 18.74 -14.48
CA PRO B 164 25.86 17.90 -13.31
C PRO B 164 26.38 18.56 -12.06
N HIS B 165 25.59 18.51 -10.97
CA HIS B 165 25.97 19.14 -9.72
C HIS B 165 25.04 18.67 -8.63
N ILE B 166 25.56 18.61 -7.40
CA ILE B 166 24.72 18.34 -6.23
C ILE B 166 23.63 19.40 -6.04
N PHE B 167 23.91 20.67 -6.42
CA PHE B 167 22.89 21.70 -6.40
C PHE B 167 21.78 21.41 -7.39
N ALA B 168 22.13 20.78 -8.51
CA ALA B 168 21.13 20.45 -9.52
C ALA B 168 20.19 19.39 -8.99
N ILE B 169 20.76 18.39 -8.31
CA ILE B 169 19.95 17.33 -7.70
C ILE B 169 19.03 17.94 -6.64
N SER B 170 19.59 18.81 -5.82
CA SER B 170 18.83 19.40 -4.72
C SER B 170 17.65 20.24 -5.25
N ASP B 171 17.89 21.06 -6.27
CA ASP B 171 16.83 21.93 -6.78
C ASP B 171 15.69 21.12 -7.37
N VAL B 172 16.01 20.18 -8.23
CA VAL B 172 15.01 19.31 -8.82
C VAL B 172 14.20 18.60 -7.75
N ALA B 173 14.85 18.13 -6.68
CA ALA B 173 14.09 17.50 -5.59
C ALA B 173 13.12 18.48 -4.96
N TYR B 174 13.61 19.71 -4.73
CA TYR B 174 12.76 20.74 -4.12
C TYR B 174 11.57 21.06 -5.01
N ARG B 175 11.81 21.35 -6.29
CA ARG B 175 10.66 21.67 -7.15
C ARG B 175 9.71 20.49 -7.29
N SER B 176 10.21 19.26 -7.32
CA SER B 176 9.32 18.10 -7.38
C SER B 176 8.44 18.00 -6.15
N MET B 177 9.01 18.25 -4.98
CA MET B 177 8.28 18.22 -3.72
C MET B 177 7.05 19.12 -3.77
N LEU B 178 7.25 20.34 -4.24
CA LEU B 178 6.19 21.33 -4.28
C LEU B 178 5.26 21.06 -5.44
N ASP B 179 5.81 20.66 -6.57
CA ASP B 179 5.00 20.43 -7.77
C ASP B 179 4.12 19.21 -7.61
N ASP B 180 4.65 18.14 -7.01
CA ASP B 180 3.90 16.90 -6.87
C ASP B 180 3.31 16.72 -5.48
N ARG B 181 3.66 17.58 -4.52
CA ARG B 181 3.20 17.47 -3.14
C ARG B 181 3.59 16.12 -2.58
N GLN B 182 4.86 15.76 -2.75
CA GLN B 182 5.37 14.45 -2.45
C GLN B 182 6.72 14.59 -1.75
N ASN B 183 6.90 13.87 -0.66
CA ASN B 183 8.20 13.85 0.00
C ASN B 183 9.28 13.29 -0.92
N GLN B 184 10.51 13.70 -0.66
CA GLN B 184 11.62 13.24 -1.47
C GLN B 184 12.64 12.54 -0.59
N SER B 185 13.44 11.67 -1.20
CA SER B 185 14.60 11.13 -0.49
C SER B 185 15.85 11.26 -1.37
N LEU B 186 16.97 11.55 -0.71
CA LEU B 186 18.29 11.58 -1.33
C LEU B 186 19.12 10.48 -0.70
N LEU B 187 19.42 9.42 -1.47
CA LEU B 187 20.18 8.26 -1.00
C LEU B 187 21.63 8.48 -1.40
N ILE B 188 22.48 8.78 -0.43
CA ILE B 188 23.85 9.17 -0.71
CA ILE B 188 23.86 9.18 -0.69
C ILE B 188 24.81 8.13 -0.13
N THR B 189 25.72 7.66 -0.95
CA THR B 189 26.69 6.66 -0.53
C THR B 189 28.09 7.26 -0.54
N GLY B 190 28.97 6.55 0.14
CA GLY B 190 30.37 6.89 0.23
C GLY B 190 30.88 6.64 1.62
N GLU B 191 32.06 6.08 1.73
CA GLU B 191 32.71 5.87 3.03
C GLU B 191 33.51 7.13 3.36
N SER B 192 34.04 7.22 4.57
CA SER B 192 34.65 8.48 4.94
C SER B 192 35.91 8.73 4.12
N GLY B 193 36.13 10.01 3.80
CA GLY B 193 37.10 10.39 2.81
C GLY B 193 36.50 10.64 1.45
N ALA B 194 35.26 10.20 1.23
CA ALA B 194 34.69 10.24 -0.13
C ALA B 194 33.92 11.51 -0.47
N GLY B 195 33.51 12.29 0.51
CA GLY B 195 32.72 13.48 0.25
C GLY B 195 31.25 13.37 0.59
N LYS B 196 30.82 12.33 1.30
CA LYS B 196 29.41 12.14 1.60
C LYS B 196 28.93 13.19 2.59
N THR B 197 29.71 13.43 3.63
CA THR B 197 29.40 14.46 4.61
C THR B 197 29.34 15.82 3.94
N GLU B 198 30.32 16.10 3.09
CA GLU B 198 30.40 17.42 2.48
C GLU B 198 29.28 17.62 1.46
N ASN B 199 28.94 16.58 0.69
CA ASN B 199 27.80 16.77 -0.21
C ASN B 199 26.49 16.88 0.55
N THR B 200 26.35 16.15 1.66
CA THR B 200 25.16 16.31 2.46
C THR B 200 25.04 17.74 2.98
N LYS B 201 26.15 18.31 3.42
CA LYS B 201 26.16 19.70 3.86
C LYS B 201 25.78 20.64 2.75
N LYS B 202 26.23 20.37 1.51
CA LYS B 202 25.87 21.24 0.39
C LYS B 202 24.40 21.14 0.06
N VAL B 203 23.82 19.94 0.18
CA VAL B 203 22.37 19.81 -0.01
C VAL B 203 21.64 20.69 0.98
N ILE B 204 22.04 20.60 2.24
CA ILE B 204 21.37 21.35 3.29
C ILE B 204 21.57 22.85 3.07
N GLN B 205 22.78 23.26 2.70
CA GLN B 205 23.05 24.67 2.44
C GLN B 205 22.23 25.18 1.28
N TYR B 206 22.11 24.38 0.22
CA TYR B 206 21.33 24.83 -0.92
C TYR B 206 19.85 24.94 -0.59
N LEU B 207 19.30 23.94 0.08
CA LEU B 207 17.87 24.00 0.40
C LEU B 207 17.59 25.21 1.32
N ALA B 208 18.47 25.46 2.30
CA ALA B 208 18.31 26.65 3.13
C ALA B 208 18.38 27.93 2.31
N SER B 209 19.20 27.94 1.27
CA SER B 209 19.32 29.10 0.40
C SER B 209 18.05 29.32 -0.40
N VAL B 210 17.49 28.27 -0.99
CA VAL B 210 16.34 28.47 -1.85
C VAL B 210 15.02 28.43 -1.11
N ALA B 211 15.00 27.93 0.13
CA ALA B 211 13.75 27.79 0.86
C ALA B 211 13.76 28.47 2.22
N GLY B 212 14.85 29.16 2.57
CA GLY B 212 14.86 29.96 3.76
C GLY B 212 14.06 31.25 3.62
N ARG B 213 13.99 31.97 4.74
CA ARG B 213 13.26 33.22 4.86
C ARG B 213 14.24 34.39 4.98
N ASN B 214 13.81 35.54 4.49
CA ASN B 214 14.64 36.75 4.53
C ASN B 214 14.87 37.26 5.95
N ASN B 217 19.48 34.62 3.77
CA ASN B 217 18.44 33.62 3.52
C ASN B 217 18.63 32.34 4.33
N GLY B 218 19.61 32.35 5.23
CA GLY B 218 20.22 31.09 5.66
C GLY B 218 19.42 30.22 6.60
N SER B 219 18.57 30.83 7.43
CA SER B 219 17.99 30.12 8.57
C SER B 219 19.09 29.32 9.28
N GLY B 220 20.26 29.95 9.47
CA GLY B 220 21.46 29.20 9.85
C GLY B 220 21.36 28.53 11.21
N VAL B 221 20.54 29.08 12.10
CA VAL B 221 20.40 28.54 13.45
C VAL B 221 20.07 27.06 13.40
N LEU B 222 19.04 26.70 12.63
CA LEU B 222 18.63 25.32 12.48
C LEU B 222 19.59 24.57 11.56
N GLU B 223 20.04 25.25 10.50
CA GLU B 223 21.05 24.62 9.65
C GLU B 223 22.22 24.16 10.48
N GLN B 224 22.74 25.06 11.32
CA GLN B 224 23.87 24.74 12.18
C GLN B 224 23.50 23.64 13.14
N GLN B 225 22.26 23.64 13.60
CA GLN B 225 21.81 22.59 14.50
C GLN B 225 21.83 21.24 13.81
N ILE B 226 21.36 21.16 12.56
CA ILE B 226 21.35 19.88 11.87
C ILE B 226 22.75 19.33 11.75
N LEU B 227 23.72 20.18 11.44
CA LEU B 227 25.06 19.69 11.14
C LEU B 227 25.83 19.31 12.39
N GLN B 228 25.54 19.92 13.53
CA GLN B 228 26.25 19.51 14.75
C GLN B 228 25.76 18.16 15.27
N ALA B 229 24.58 17.71 14.83
CA ALA B 229 24.17 16.33 15.09
C ALA B 229 25.27 15.34 14.69
N ASN B 230 25.86 15.53 13.52
CA ASN B 230 26.73 14.50 12.96
C ASN B 230 27.92 14.17 13.87
N PRO B 231 28.64 15.16 14.48
CA PRO B 231 29.69 14.66 15.40
C PRO B 231 29.19 13.77 16.54
N ILE B 232 28.02 14.06 17.11
CA ILE B 232 27.52 13.21 18.18
C ILE B 232 27.26 11.80 17.67
N LEU B 233 26.48 11.68 16.60
CA LEU B 233 26.12 10.35 16.11
C LEU B 233 27.33 9.60 15.59
N GLU B 234 28.35 10.32 15.11
CA GLU B 234 29.55 9.67 14.59
C GLU B 234 30.39 9.09 15.72
N ALA B 235 30.51 9.83 16.82
CA ALA B 235 31.21 9.33 17.98
C ALA B 235 30.60 8.03 18.48
N PHE B 236 29.27 7.93 18.47
CA PHE B 236 28.63 6.75 19.04
C PHE B 236 28.30 5.71 17.99
N GLY B 237 28.34 6.05 16.70
CA GLY B 237 27.84 5.18 15.66
C GLY B 237 28.86 4.80 14.60
N ASN B 238 30.04 5.40 14.65
CA ASN B 238 31.11 5.11 13.70
C ASN B 238 32.27 4.43 14.42
N ALA B 239 33.03 3.63 13.68
CA ALA B 239 34.19 2.94 14.24
C ALA B 239 35.23 2.62 13.18
N LYS B 240 36.46 2.45 13.63
CA LYS B 240 37.51 1.97 12.74
C LYS B 240 37.28 0.49 12.43
N THR B 241 37.19 0.16 11.15
CA THR B 241 37.17 -1.24 10.70
C THR B 241 38.46 -1.53 9.96
N THR B 242 38.59 -2.75 9.47
CA THR B 242 39.81 -3.02 8.72
C THR B 242 39.84 -2.33 7.38
N ARG B 243 38.72 -1.75 6.89
CA ARG B 243 38.70 -1.14 5.58
C ARG B 243 38.47 0.36 5.58
N ASN B 244 38.06 0.95 6.70
CA ASN B 244 37.95 2.39 6.77
C ASN B 244 38.07 2.85 8.21
N ASN B 245 38.73 4.00 8.40
CA ASN B 245 38.97 4.46 9.76
C ASN B 245 37.75 5.09 10.41
N ASN B 246 36.76 5.49 9.63
CA ASN B 246 35.55 6.10 10.17
C ASN B 246 34.33 5.49 9.47
N SER B 247 34.00 4.23 9.82
CA SER B 247 32.93 3.52 9.15
C SER B 247 31.63 3.74 9.94
N SER B 248 30.54 4.04 9.22
CA SER B 248 29.24 4.21 9.86
C SER B 248 28.59 2.84 10.08
N ARG B 249 28.21 2.54 11.33
CA ARG B 249 27.63 1.24 11.65
C ARG B 249 26.17 1.36 12.02
N PHE B 250 25.49 2.33 11.42
CA PHE B 250 24.07 2.55 11.58
C PHE B 250 23.59 3.32 10.37
N GLY B 251 22.29 3.41 10.22
CA GLY B 251 21.68 4.19 9.16
C GLY B 251 21.02 5.40 9.77
N LYS B 252 21.03 6.46 9.04
CA LYS B 252 20.45 7.72 9.48
C LYS B 252 19.60 8.26 8.36
N PHE B 253 18.42 8.76 8.72
CA PHE B 253 17.52 9.41 7.77
C PHE B 253 17.26 10.80 8.34
N ILE B 254 17.87 11.79 7.69
CA ILE B 254 17.78 13.19 8.07
C ILE B 254 16.67 13.85 7.27
N GLU B 255 15.60 14.24 7.93
CA GLU B 255 14.49 14.91 7.27
C GLU B 255 14.76 16.42 7.28
N ILE B 256 14.83 17.04 6.11
CA ILE B 256 14.74 18.50 6.05
C ILE B 256 13.27 18.82 5.82
N GLN B 257 12.63 19.48 6.78
CA GLN B 257 11.18 19.65 6.75
C GLN B 257 10.79 21.02 6.20
N PHE B 258 9.62 21.02 5.52
CA PHE B 258 9.09 22.20 4.85
C PHE B 258 7.60 22.33 5.15
N ASN B 259 7.11 23.59 5.24
CA ASN B 259 5.68 23.81 5.41
C ASN B 259 4.99 23.76 4.06
N SER B 260 3.66 23.76 4.06
CA SER B 260 2.86 23.69 2.84
C SER B 260 3.25 24.71 1.77
N ALA B 261 3.73 25.89 2.18
CA ALA B 261 4.10 26.92 1.23
C ALA B 261 5.47 26.68 0.62
N GLY B 262 6.28 25.83 1.25
CA GLY B 262 7.57 25.52 0.70
C GLY B 262 8.75 26.16 1.38
N PHE B 263 8.54 26.79 2.53
CA PHE B 263 9.63 27.28 3.33
C PHE B 263 10.12 26.17 4.27
N ILE B 264 11.43 26.19 4.55
CA ILE B 264 11.98 25.23 5.50
C ILE B 264 11.41 25.51 6.88
N SER B 265 11.06 24.45 7.60
CA SER B 265 10.34 24.59 8.86
C SER B 265 10.96 23.88 10.05
N GLY B 266 11.94 23.01 9.83
CA GLY B 266 12.49 22.19 10.88
C GLY B 266 13.27 21.06 10.25
N ALA B 267 13.72 20.14 11.12
CA ALA B 267 14.36 18.90 10.70
C ALA B 267 14.06 17.82 11.72
N SER B 268 14.36 16.59 11.34
CA SER B 268 14.14 15.38 12.14
C SER B 268 15.28 14.45 11.81
N ILE B 269 15.70 13.65 12.77
CA ILE B 269 16.71 12.62 12.50
C ILE B 269 16.18 11.30 13.03
N GLN B 270 16.20 10.26 12.19
CA GLN B 270 15.82 8.91 12.56
C GLN B 270 17.03 8.02 12.34
N SER B 271 17.29 7.11 13.27
CA SER B 271 18.40 6.19 13.16
C SER B 271 17.87 4.78 12.94
N TYR B 272 18.73 3.94 12.37
CA TYR B 272 18.34 2.57 12.06
C TYR B 272 19.51 1.63 12.28
N LEU B 273 19.22 0.46 12.82
CA LEU B 273 20.08 -0.70 12.67
C LEU B 273 21.49 -0.53 13.21
N LEU B 274 21.64 0.11 14.37
CA LEU B 274 22.96 0.23 14.98
C LEU B 274 23.57 -1.15 15.24
N GLU B 275 24.86 -1.29 14.96
CA GLU B 275 25.56 -2.57 15.14
C GLU B 275 26.00 -2.71 16.59
N LYS B 276 25.11 -3.20 17.45
CA LYS B 276 25.40 -3.23 18.89
C LYS B 276 26.42 -4.28 19.26
N SER B 277 26.56 -5.34 18.44
CA SER B 277 27.57 -6.35 18.72
C SER B 277 28.98 -5.79 18.82
N ARG B 278 29.30 -4.70 18.09
CA ARG B 278 30.67 -4.17 18.13
C ARG B 278 31.06 -3.68 19.52
N VAL B 279 30.09 -3.35 20.37
CA VAL B 279 30.39 -2.79 21.68
C VAL B 279 31.10 -3.80 22.57
N VAL B 280 30.81 -5.09 22.39
CA VAL B 280 31.38 -6.11 23.26
C VAL B 280 32.53 -6.88 22.60
N PHE B 281 32.65 -6.85 21.27
CA PHE B 281 33.74 -7.53 20.59
C PHE B 281 34.13 -6.81 19.31
N GLN B 282 35.43 -6.82 18.98
CA GLN B 282 35.94 -6.27 17.73
C GLN B 282 37.01 -7.20 17.15
N SER B 283 37.04 -7.31 15.82
CA SER B 283 38.01 -8.17 15.15
C SER B 283 39.41 -7.55 15.22
N GLU B 284 40.42 -8.37 14.93
CA GLU B 284 41.79 -7.90 15.04
C GLU B 284 41.99 -6.66 14.19
N THR B 285 42.59 -5.63 14.79
CA THR B 285 42.97 -4.32 14.26
C THR B 285 41.79 -3.36 14.08
N GLU B 286 40.56 -3.77 14.37
CA GLU B 286 39.44 -2.84 14.39
C GLU B 286 39.33 -2.21 15.77
N ARG B 287 38.46 -1.22 15.91
CA ARG B 287 38.22 -0.61 17.21
C ARG B 287 36.74 -0.65 17.54
N ASN B 288 36.45 -0.48 18.83
CA ASN B 288 35.10 -0.15 19.30
C ASN B 288 34.68 1.22 18.75
N TYR B 289 33.48 1.65 19.10
CA TYR B 289 32.97 2.97 18.70
C TYR B 289 33.88 4.07 19.22
N HIS B 290 34.03 5.13 18.40
CA HIS B 290 34.97 6.20 18.74
C HIS B 290 34.74 6.71 20.16
N ILE B 291 33.49 6.74 20.62
CA ILE B 291 33.16 7.44 21.86
C ILE B 291 33.97 6.88 23.02
N PHE B 292 34.25 5.57 23.01
CA PHE B 292 34.99 5.00 24.13
C PHE B 292 36.44 5.51 24.14
N TYR B 293 37.03 5.70 22.97
CA TYR B 293 38.39 6.24 22.93
C TYR B 293 38.42 7.74 23.17
N GLN B 294 37.36 8.47 22.78
CA GLN B 294 37.33 9.91 23.01
C GLN B 294 37.18 10.23 24.49
N LEU B 295 36.38 9.45 25.21
CA LEU B 295 36.19 9.70 26.63
C LEU B 295 37.46 9.40 27.40
N LEU B 296 38.09 8.27 27.11
CA LEU B 296 39.31 7.91 27.80
C LEU B 296 40.41 8.92 27.54
N ALA B 297 40.54 9.37 26.29
CA ALA B 297 41.63 10.25 25.90
C ALA B 297 41.41 11.70 26.34
N GLY B 298 40.17 12.10 26.58
CA GLY B 298 39.89 13.51 26.77
C GLY B 298 39.19 13.85 28.06
N ALA B 299 39.05 12.90 28.96
CA ALA B 299 38.33 13.18 30.20
C ALA B 299 39.19 14.06 31.11
N THR B 300 38.52 14.85 31.94
CA THR B 300 39.19 15.65 32.95
C THR B 300 39.69 14.75 34.08
N ALA B 301 40.53 15.32 34.94
CA ALA B 301 41.02 14.59 36.10
C ALA B 301 39.88 14.19 37.01
N GLU B 302 38.98 15.13 37.33
CA GLU B 302 37.86 14.75 38.18
C GLU B 302 36.88 13.86 37.41
N GLU B 303 36.71 14.09 36.11
CA GLU B 303 35.92 13.15 35.33
C GLU B 303 36.55 11.77 35.35
N LYS B 304 37.87 11.72 35.25
CA LYS B 304 38.59 10.45 35.35
C LYS B 304 38.29 9.76 36.67
N LYS B 305 38.39 10.51 37.77
CA LYS B 305 38.19 9.88 39.07
C LYS B 305 36.71 9.66 39.38
N ALA B 306 35.84 10.58 39.01
CA ALA B 306 34.43 10.35 39.24
C ALA B 306 33.95 9.07 38.55
N LEU B 307 34.40 8.84 37.33
CA LEU B 307 33.99 7.70 36.53
C LEU B 307 34.96 6.53 36.62
N HIS B 308 35.96 6.59 37.50
CA HIS B 308 36.92 5.51 37.66
C HIS B 308 37.55 5.12 36.32
N LEU B 309 37.96 6.11 35.55
CA LEU B 309 38.51 5.81 34.24
C LEU B 309 39.97 5.42 34.35
N ALA B 310 40.47 4.83 33.27
CA ALA B 310 41.84 4.34 33.15
C ALA B 310 42.18 4.36 31.66
N GLY B 311 43.22 3.64 31.26
CA GLY B 311 43.62 3.58 29.88
C GLY B 311 42.89 2.52 29.07
N PRO B 312 42.91 2.68 27.74
CA PRO B 312 42.22 1.73 26.87
C PRO B 312 42.63 0.29 27.13
N GLU B 313 43.92 0.04 27.31
CA GLU B 313 44.43 -1.31 27.49
C GLU B 313 43.89 -1.98 28.74
N SER B 314 43.29 -1.21 29.65
CA SER B 314 42.82 -1.71 30.93
C SER B 314 41.34 -2.06 30.93
N PHE B 315 40.72 -2.14 29.76
CA PHE B 315 39.30 -2.47 29.66
C PHE B 315 39.13 -3.56 28.61
N ASN B 316 38.48 -4.64 29.01
CA ASN B 316 38.32 -5.80 28.15
C ASN B 316 37.66 -5.45 26.82
N TYR B 317 36.74 -4.49 26.84
CA TYR B 317 35.96 -4.14 25.67
C TYR B 317 36.73 -3.33 24.66
N LEU B 318 37.94 -2.89 25.02
CA LEU B 318 38.75 -2.06 24.16
C LEU B 318 40.17 -2.58 23.93
N ASN B 319 40.53 -3.77 24.44
CA ASN B 319 41.93 -4.16 24.45
C ASN B 319 42.21 -5.53 23.82
N GLN B 320 41.24 -6.10 23.11
CA GLN B 320 41.42 -7.36 22.39
C GLN B 320 41.74 -7.16 20.92
N SER B 321 41.74 -5.92 20.46
CA SER B 321 41.87 -5.59 19.04
C SER B 321 43.31 -5.44 18.60
N GLY B 322 44.20 -5.12 19.52
CA GLY B 322 45.50 -4.62 19.14
C GLY B 322 45.49 -3.22 18.60
N CYS B 323 44.36 -2.53 18.64
CA CYS B 323 44.27 -1.20 18.07
C CYS B 323 43.43 -0.31 18.98
N VAL B 324 44.06 0.71 19.55
CA VAL B 324 43.39 1.72 20.34
C VAL B 324 43.48 3.10 19.71
N ASP B 325 44.32 3.27 18.68
CA ASP B 325 44.65 4.57 18.11
C ASP B 325 44.47 4.54 16.60
N ILE B 326 44.12 5.68 16.01
CA ILE B 326 44.01 5.81 14.58
C ILE B 326 45.05 6.82 14.11
N LYS B 327 45.81 6.46 13.09
CA LYS B 327 46.83 7.34 12.55
C LYS B 327 46.21 8.66 12.17
N GLY B 328 46.82 9.75 12.63
CA GLY B 328 46.34 11.08 12.28
C GLY B 328 44.98 11.42 12.81
N VAL B 329 44.59 10.85 13.95
CA VAL B 329 43.36 11.22 14.66
C VAL B 329 43.71 11.37 16.12
N SER B 330 43.30 12.49 16.72
CA SER B 330 43.46 12.72 18.15
C SER B 330 42.10 12.50 18.80
N ASP B 331 41.98 11.42 19.58
CA ASP B 331 40.70 11.17 20.23
C ASP B 331 40.39 12.24 21.26
N SER B 332 41.41 12.71 21.97
CA SER B 332 41.26 13.90 22.82
C SER B 332 40.62 15.04 22.04
N GLU B 333 41.24 15.42 20.92
CA GLU B 333 40.74 16.53 20.12
C GLU B 333 39.29 16.28 19.70
N GLU B 334 39.01 15.08 19.17
CA GLU B 334 37.65 14.78 18.73
C GLU B 334 36.66 14.84 19.89
N PHE B 335 37.12 14.51 21.11
CA PHE B 335 36.23 14.58 22.26
C PHE B 335 35.73 16.00 22.48
N LYS B 336 36.61 16.99 22.32
CA LYS B 336 36.17 18.37 22.48
C LYS B 336 35.09 18.73 21.47
N ILE B 337 35.28 18.33 20.22
CA ILE B 337 34.28 18.55 19.19
C ILE B 337 32.97 17.87 19.55
N THR B 338 33.04 16.64 20.06
CA THR B 338 31.83 15.94 20.48
C THR B 338 31.13 16.69 21.60
N ARG B 339 31.89 17.22 22.55
CA ARG B 339 31.29 17.95 23.66
C ARG B 339 30.64 19.24 23.18
N GLN B 340 31.36 20.01 22.36
CA GLN B 340 30.79 21.29 21.94
C GLN B 340 29.60 21.05 21.02
N ALA B 341 29.60 19.95 20.28
CA ALA B 341 28.41 19.55 19.54
C ALA B 341 27.23 19.36 20.50
N MET B 342 27.46 18.68 21.63
CA MET B 342 26.37 18.49 22.56
C MET B 342 25.89 19.83 23.10
N ASP B 343 26.82 20.74 23.40
CA ASP B 343 26.47 22.09 23.80
C ASP B 343 25.54 22.74 22.79
N ILE B 344 25.88 22.62 21.51
CA ILE B 344 25.16 23.32 20.45
C ILE B 344 23.76 22.73 20.24
N VAL B 345 23.58 21.43 20.49
CA VAL B 345 22.29 20.79 20.27
C VAL B 345 21.46 20.70 21.54
N GLY B 346 21.91 21.33 22.63
CA GLY B 346 21.09 21.55 23.78
C GLY B 346 21.24 20.61 24.96
N PHE B 347 22.25 19.72 24.94
CA PHE B 347 22.42 18.78 26.05
C PHE B 347 22.87 19.52 27.30
N SER B 348 22.19 19.27 28.41
CA SER B 348 22.61 19.79 29.69
C SER B 348 23.99 19.25 30.08
N GLN B 349 24.66 19.93 31.00
CA GLN B 349 25.92 19.39 31.46
C GLN B 349 25.71 18.23 32.42
N GLU B 350 24.63 18.26 33.21
CA GLU B 350 24.22 17.05 33.91
C GLU B 350 23.95 15.94 32.89
N GLU B 351 23.18 16.26 31.84
CA GLU B 351 22.88 15.29 30.80
C GLU B 351 24.15 14.80 30.12
N GLN B 352 25.13 15.67 29.94
CA GLN B 352 26.40 15.21 29.39
C GLN B 352 27.12 14.29 30.38
N MET B 353 26.95 14.49 31.68
CA MET B 353 27.66 13.64 32.63
C MET B 353 27.04 12.24 32.69
N SER B 354 25.71 12.16 32.68
CA SER B 354 25.05 10.86 32.70
C SER B 354 25.43 10.04 31.48
N ILE B 355 25.62 10.70 30.33
CA ILE B 355 26.09 10.01 29.13
C ILE B 355 27.42 9.32 29.40
N PHE B 356 28.43 10.10 29.80
CA PHE B 356 29.74 9.49 30.04
C PHE B 356 29.70 8.50 31.20
N LYS B 357 28.84 8.73 32.20
CA LYS B 357 28.64 7.73 33.24
C LYS B 357 28.25 6.38 32.63
N ILE B 358 27.30 6.41 31.70
CA ILE B 358 26.82 5.20 31.07
C ILE B 358 27.91 4.58 30.20
N ILE B 359 28.61 5.43 29.43
CA ILE B 359 29.75 4.93 28.66
C ILE B 359 30.76 4.31 29.61
N ALA B 360 31.05 4.99 30.72
CA ALA B 360 31.99 4.45 31.70
C ALA B 360 31.45 3.16 32.31
N GLY B 361 30.17 3.11 32.63
CA GLY B 361 29.63 1.92 33.25
C GLY B 361 29.73 0.71 32.35
N ILE B 362 29.59 0.92 31.05
CA ILE B 362 29.66 -0.18 30.09
C ILE B 362 31.05 -0.80 30.10
N LEU B 363 32.10 0.02 30.09
CA LEU B 363 33.45 -0.54 30.12
C LEU B 363 33.68 -1.30 31.43
N HIS B 364 33.18 -0.77 32.54
CA HIS B 364 33.30 -1.49 33.80
C HIS B 364 32.59 -2.83 33.72
N LEU B 365 31.33 -2.85 33.28
CA LEU B 365 30.67 -4.13 33.06
C LEU B 365 31.55 -5.08 32.26
N GLY B 366 32.30 -4.52 31.32
CA GLY B 366 33.14 -5.36 30.48
C GLY B 366 34.22 -6.09 31.24
N ASN B 367 34.66 -5.53 32.37
CA ASN B 367 35.75 -6.12 33.13
C ASN B 367 35.28 -7.05 34.25
N ILE B 368 33.98 -7.30 34.39
CA ILE B 368 33.52 -8.27 35.37
C ILE B 368 33.96 -9.66 34.91
N LYS B 369 34.79 -10.32 35.71
CA LYS B 369 35.31 -11.65 35.38
C LYS B 369 34.50 -12.69 36.13
N PHE B 370 33.59 -13.35 35.44
CA PHE B 370 32.81 -14.42 36.05
C PHE B 370 33.69 -15.66 36.17
N GLU B 371 33.60 -16.32 37.32
CA GLU B 371 34.41 -17.50 37.65
C GLU B 371 33.51 -18.68 37.98
N LYS B 372 34.06 -19.88 37.91
CA LYS B 372 33.32 -21.06 38.36
C LYS B 372 33.39 -21.13 39.88
N GLY B 373 32.26 -21.39 40.52
CA GLY B 373 32.19 -21.57 41.96
C GLY B 373 32.40 -23.01 42.36
N ALA B 374 31.79 -23.39 43.47
CA ALA B 374 31.90 -24.77 43.93
C ALA B 374 31.26 -25.72 42.93
N GLY B 375 30.15 -25.33 42.33
CA GLY B 375 29.46 -26.16 41.35
C GLY B 375 29.60 -25.63 39.93
N GLU B 376 28.60 -25.86 39.08
CA GLU B 376 28.64 -25.23 37.75
C GLU B 376 28.43 -23.72 37.84
N GLY B 377 27.64 -23.28 38.83
CA GLY B 377 27.28 -21.88 38.94
C GLY B 377 28.46 -20.95 39.10
N ALA B 378 28.28 -19.72 38.61
CA ALA B 378 29.35 -18.75 38.62
C ALA B 378 29.35 -17.89 39.88
N VAL B 379 30.51 -17.27 40.13
CA VAL B 379 30.73 -16.37 41.26
C VAL B 379 31.60 -15.22 40.77
N LEU B 380 31.79 -14.23 41.64
CA LEU B 380 32.56 -13.02 41.35
C LEU B 380 33.55 -12.80 42.48
N LYS B 381 34.81 -13.20 42.27
CA LYS B 381 35.81 -13.20 43.33
C LYS B 381 36.30 -11.79 43.65
N ASP B 382 36.30 -10.88 42.67
CA ASP B 382 36.66 -9.49 42.89
C ASP B 382 35.50 -8.60 42.46
N LYS B 383 35.10 -7.70 43.36
CA LYS B 383 33.92 -6.87 43.14
C LYS B 383 34.22 -5.51 42.55
N THR B 384 35.49 -5.17 42.33
CA THR B 384 35.83 -3.81 41.91
C THR B 384 35.01 -3.38 40.71
N ALA B 385 35.16 -4.08 39.59
CA ALA B 385 34.45 -3.67 38.37
C ALA B 385 32.95 -3.60 38.61
N LEU B 386 32.41 -4.55 39.38
CA LEU B 386 30.99 -4.51 39.69
C LEU B 386 30.63 -3.22 40.42
N ASN B 387 31.37 -2.88 41.47
CA ASN B 387 31.02 -1.69 42.24
C ASN B 387 31.35 -0.43 41.47
N ALA B 388 32.47 -0.44 40.73
CA ALA B 388 32.73 0.63 39.77
C ALA B 388 31.51 0.86 38.88
N ALA B 389 31.07 -0.20 38.19
CA ALA B 389 29.95 -0.08 37.27
C ALA B 389 28.72 0.46 37.99
N SER B 390 28.37 -0.13 39.13
CA SER B 390 27.18 0.29 39.86
C SER B 390 27.31 1.73 40.33
N THR B 391 28.49 2.12 40.80
CA THR B 391 28.64 3.49 41.27
C THR B 391 28.23 4.48 40.19
N VAL B 392 28.84 4.36 39.00
CA VAL B 392 28.51 5.30 37.93
C VAL B 392 27.03 5.19 37.56
N PHE B 393 26.51 3.97 37.47
CA PHE B 393 25.14 3.78 37.03
C PHE B 393 24.10 4.20 38.07
N GLY B 394 24.50 4.40 39.32
CA GLY B 394 23.52 4.75 40.35
C GLY B 394 22.58 3.62 40.68
N VAL B 395 23.09 2.38 40.77
CA VAL B 395 22.31 1.22 41.15
C VAL B 395 23.05 0.45 42.23
N ASN B 396 22.32 -0.46 42.86
CA ASN B 396 22.80 -1.29 43.96
C ASN B 396 23.67 -2.44 43.45
N PRO B 397 24.93 -2.55 43.89
CA PRO B 397 25.78 -3.61 43.35
C PRO B 397 25.30 -5.01 43.67
N SER B 398 24.73 -5.21 44.86
CA SER B 398 24.29 -6.55 45.22
C SER B 398 23.06 -6.93 44.41
N VAL B 399 22.16 -6.00 44.14
CA VAL B 399 21.06 -6.31 43.23
C VAL B 399 21.61 -6.70 41.86
N LEU B 400 22.55 -5.90 41.34
CA LEU B 400 23.08 -6.15 40.00
C LEU B 400 23.81 -7.49 39.96
N GLU B 401 24.62 -7.77 40.98
CA GLU B 401 25.32 -9.04 41.05
C GLU B 401 24.34 -10.20 40.95
N LYS B 402 23.24 -10.12 41.69
CA LYS B 402 22.26 -11.19 41.69
C LYS B 402 21.48 -11.22 40.38
N ALA B 403 21.19 -10.05 39.82
CA ALA B 403 20.53 -10.02 38.52
C ALA B 403 21.40 -10.62 37.43
N LEU B 404 22.72 -10.48 37.54
CA LEU B 404 23.61 -11.05 36.54
C LEU B 404 23.69 -12.57 36.66
N MET B 405 23.95 -13.09 37.86
CA MET B 405 24.26 -14.50 38.02
C MET B 405 23.12 -15.36 38.56
N GLU B 406 22.12 -14.80 39.21
CA GLU B 406 20.97 -15.58 39.65
C GLU B 406 19.68 -14.88 39.28
N PRO B 407 19.42 -14.63 38.02
CA PRO B 407 18.18 -13.98 37.63
C PRO B 407 16.98 -14.87 37.92
N ARG B 408 15.86 -14.24 38.28
CA ARG B 408 14.61 -14.97 38.52
C ARG B 408 13.89 -15.20 37.22
N ILE B 409 13.30 -16.38 37.10
CA ILE B 409 12.62 -16.81 35.89
C ILE B 409 11.29 -17.40 36.33
N LEU B 410 10.24 -17.11 35.58
CA LEU B 410 8.90 -17.57 35.94
C LEU B 410 8.81 -19.09 35.78
N ALA B 411 8.24 -19.73 36.80
CA ALA B 411 7.92 -21.16 36.81
C ALA B 411 6.45 -21.19 37.20
N GLY B 412 5.58 -21.21 36.20
CA GLY B 412 4.17 -21.05 36.50
C GLY B 412 3.94 -19.72 37.20
N ARG B 413 3.18 -19.75 38.29
CA ARG B 413 2.84 -18.53 39.02
C ARG B 413 3.98 -18.04 39.92
N ASP B 414 4.99 -18.87 40.17
CA ASP B 414 6.07 -18.55 41.10
C ASP B 414 7.33 -18.11 40.35
N LEU B 415 8.10 -17.23 40.99
CA LEU B 415 9.32 -16.67 40.42
C LEU B 415 10.53 -17.34 41.07
N VAL B 416 11.30 -18.10 40.29
CA VAL B 416 12.35 -18.93 40.86
C VAL B 416 13.71 -18.58 40.27
N ALA B 417 14.69 -18.42 41.14
CA ALA B 417 16.00 -17.94 40.75
C ALA B 417 16.86 -19.06 40.18
N GLN B 418 17.40 -18.83 38.99
CA GLN B 418 18.41 -19.67 38.42
C GLN B 418 19.75 -19.39 39.07
N HIS B 419 20.71 -20.26 38.81
CA HIS B 419 22.11 -19.93 39.08
C HIS B 419 22.84 -20.24 37.78
N LEU B 420 23.34 -19.20 37.13
CA LEU B 420 23.93 -19.30 35.80
C LEU B 420 25.41 -19.60 35.87
N ASN B 421 25.90 -20.45 34.96
CA ASN B 421 27.32 -20.73 34.82
C ASN B 421 28.04 -19.53 34.21
N VAL B 422 29.34 -19.70 34.03
CA VAL B 422 30.20 -18.60 33.61
C VAL B 422 29.74 -18.03 32.29
N GLU B 423 29.46 -18.90 31.31
CA GLU B 423 29.22 -18.40 29.96
C GLU B 423 27.87 -17.70 29.86
N LYS B 424 26.83 -18.26 30.48
CA LYS B 424 25.54 -17.59 30.45
C LYS B 424 25.54 -16.31 31.29
N SER B 425 26.25 -16.31 32.41
CA SER B 425 26.45 -15.06 33.14
C SER B 425 27.16 -14.04 32.25
N SER B 426 28.22 -14.48 31.59
CA SER B 426 28.99 -13.60 30.72
C SER B 426 28.14 -13.11 29.54
N SER B 427 27.26 -13.97 29.02
CA SER B 427 26.37 -13.56 27.95
C SER B 427 25.33 -12.56 28.45
N SER B 428 24.70 -12.86 29.58
CA SER B 428 23.74 -11.91 30.12
C SER B 428 24.39 -10.55 30.30
N ARG B 429 25.63 -10.52 30.79
CA ARG B 429 26.28 -9.24 31.00
C ARG B 429 26.45 -8.50 29.68
N ASP B 430 26.81 -9.22 28.61
CA ASP B 430 26.93 -8.60 27.29
C ASP B 430 25.57 -8.12 26.79
N ALA B 431 24.52 -8.92 27.01
CA ALA B 431 23.17 -8.51 26.64
C ALA B 431 22.83 -7.19 27.30
N LEU B 432 23.17 -7.04 28.58
CA LEU B 432 22.90 -5.79 29.27
C LEU B 432 23.62 -4.63 28.60
N VAL B 433 24.88 -4.84 28.27
CA VAL B 433 25.73 -3.79 27.71
C VAL B 433 25.16 -3.30 26.39
N LYS B 434 24.77 -4.22 25.52
CA LYS B 434 24.22 -3.82 24.23
C LYS B 434 22.87 -3.17 24.36
N ALA B 435 22.06 -3.58 25.34
CA ALA B 435 20.79 -2.90 25.57
C ALA B 435 21.03 -1.48 26.05
N LEU B 436 21.97 -1.32 26.97
CA LEU B 436 22.36 0.01 27.43
C LEU B 436 22.78 0.90 26.27
N TYR B 437 23.71 0.42 25.45
CA TYR B 437 24.25 1.25 24.38
C TYR B 437 23.18 1.56 23.34
N GLY B 438 22.42 0.56 22.93
CA GLY B 438 21.35 0.81 21.98
C GLY B 438 20.33 1.81 22.48
N ARG B 439 19.90 1.65 23.73
CA ARG B 439 18.92 2.58 24.30
C ARG B 439 19.51 3.98 24.46
N LEU B 440 20.76 4.08 24.88
CA LEU B 440 21.41 5.37 24.95
C LEU B 440 21.43 6.05 23.59
N PHE B 441 21.74 5.29 22.54
CA PHE B 441 21.79 5.87 21.20
C PHE B 441 20.43 6.42 20.81
N LEU B 442 19.36 5.70 21.13
CA LEU B 442 18.03 6.20 20.83
C LEU B 442 17.70 7.44 21.62
N TRP B 443 18.22 7.51 22.85
CA TRP B 443 17.97 8.68 23.68
C TRP B 443 18.71 9.89 23.14
N LEU B 444 19.98 9.70 22.79
CA LEU B 444 20.73 10.73 22.06
C LEU B 444 19.93 11.28 20.89
N VAL B 445 19.34 10.40 20.09
CA VAL B 445 18.66 10.84 18.89
C VAL B 445 17.35 11.55 19.26
N LYS B 446 16.67 11.06 20.29
CA LYS B 446 15.48 11.74 20.77
C LYS B 446 15.80 13.14 21.24
N LYS B 447 16.92 13.31 21.94
CA LYS B 447 17.26 14.61 22.48
C LYS B 447 17.58 15.59 21.38
N ILE B 448 18.32 15.17 20.36
CA ILE B 448 18.60 16.03 19.21
C ILE B 448 17.30 16.44 18.54
N ASN B 449 16.37 15.50 18.40
CA ASN B 449 15.10 15.84 17.75
C ASN B 449 14.28 16.82 18.57
N ASN B 450 14.44 16.82 19.89
CA ASN B 450 13.66 17.73 20.71
C ASN B 450 14.04 19.16 20.42
N VAL B 451 15.31 19.40 20.11
CA VAL B 451 15.75 20.75 19.81
C VAL B 451 15.41 21.16 18.37
N LEU B 452 15.48 20.25 17.41
CA LEU B 452 15.04 20.57 16.06
C LEU B 452 13.53 20.75 16.07
N CYS B 453 13.02 21.66 15.24
CA CYS B 453 11.74 22.30 15.57
C CYS B 453 10.51 21.43 15.36
N GLN B 454 10.28 20.96 14.12
CA GLN B 454 9.23 20.05 13.63
C GLN B 454 7.82 20.63 13.60
N GLU B 455 7.69 21.92 13.92
CA GLU B 455 6.39 22.57 13.93
C GLU B 455 5.94 22.86 12.49
N ARG B 456 4.63 22.73 12.22
CA ARG B 456 4.02 22.98 10.91
C ARG B 456 4.58 22.21 9.70
N LYS B 457 5.14 21.02 9.92
CA LYS B 457 5.65 20.23 8.80
C LYS B 457 4.53 19.90 7.85
N ALA B 458 4.75 20.11 6.55
CA ALA B 458 3.89 19.50 5.53
C ALA B 458 4.62 18.46 4.67
N TYR B 459 5.89 18.68 4.32
CA TYR B 459 6.62 17.77 3.44
C TYR B 459 8.01 17.58 4.00
N PHE B 460 8.76 16.63 3.44
CA PHE B 460 10.18 16.62 3.73
C PHE B 460 11.01 16.22 2.52
N ILE B 461 12.29 16.58 2.60
CA ILE B 461 13.37 16.06 1.73
C ILE B 461 14.35 15.38 2.68
N GLY B 462 14.37 14.03 2.63
CA GLY B 462 15.16 13.21 3.49
C GLY B 462 16.47 12.67 2.94
N VAL B 463 17.58 12.90 3.65
CA VAL B 463 18.88 12.35 3.25
C VAL B 463 19.15 11.05 4.02
N LEU B 464 19.36 9.97 3.26
CA LEU B 464 19.58 8.63 3.82
C LEU B 464 21.06 8.28 3.71
N ASP B 465 21.65 7.92 4.82
CA ASP B 465 23.06 7.57 4.97
C ASP B 465 23.10 6.21 5.67
N ILE B 466 23.51 5.16 4.98
CA ILE B 466 23.54 3.82 5.55
C ILE B 466 24.84 3.11 5.23
N SER B 467 25.21 2.14 6.08
CA SER B 467 26.40 1.33 5.88
C SER B 467 26.44 0.80 4.46
N GLY B 468 27.59 0.95 3.80
CA GLY B 468 27.75 0.46 2.44
C GLY B 468 28.04 -1.03 2.35
N PHE B 469 27.79 -1.56 1.15
CA PHE B 469 28.11 -2.94 0.86
C PHE B 469 29.56 -3.22 1.26
N GLU B 470 29.76 -4.35 1.96
CA GLU B 470 30.96 -4.59 2.77
C GLU B 470 31.47 -5.99 2.53
N ILE B 471 32.74 -6.12 2.14
CA ILE B 471 33.42 -7.44 2.08
C ILE B 471 34.72 -7.31 2.87
N PHE B 472 34.80 -8.01 4.01
CA PHE B 472 36.04 -8.13 4.77
C PHE B 472 36.69 -9.48 4.44
N LYS B 473 37.86 -9.74 5.03
CA LYS B 473 38.49 -11.05 4.91
C LYS B 473 37.62 -12.15 5.48
N VAL B 474 36.98 -11.89 6.61
CA VAL B 474 36.02 -12.78 7.25
C VAL B 474 34.74 -11.99 7.41
N ASN B 475 33.64 -12.56 6.95
CA ASN B 475 32.35 -11.89 7.00
C ASN B 475 31.42 -12.70 7.87
N SER B 476 30.76 -12.03 8.79
CA SER B 476 29.93 -12.65 9.78
C SER B 476 28.50 -12.15 9.59
N PHE B 477 27.66 -12.45 10.57
CA PHE B 477 26.24 -12.09 10.53
C PHE B 477 26.03 -10.61 10.32
N GLU B 478 26.88 -9.77 10.90
CA GLU B 478 26.73 -8.32 10.73
C GLU B 478 26.86 -7.92 9.26
N GLN B 479 27.82 -8.54 8.57
CA GLN B 479 28.03 -8.27 7.16
C GLN B 479 26.86 -8.74 6.31
N LEU B 480 26.31 -9.92 6.61
CA LEU B 480 25.13 -10.38 5.88
C LEU B 480 24.01 -9.38 6.01
N CYS B 481 23.76 -8.92 7.23
CA CYS B 481 22.69 -7.97 7.45
C CYS B 481 22.92 -6.68 6.65
N ILE B 482 24.13 -6.14 6.70
CA ILE B 482 24.42 -4.90 5.99
C ILE B 482 24.27 -5.11 4.49
N ASN B 483 24.76 -6.24 4.00
CA ASN B 483 24.71 -6.51 2.57
C ASN B 483 23.29 -6.79 2.09
N TYR B 484 22.47 -7.39 2.96
CA TYR B 484 21.03 -7.53 2.71
C TYR B 484 20.37 -6.18 2.53
N THR B 485 20.63 -5.25 3.46
CA THR B 485 20.09 -3.91 3.37
C THR B 485 20.48 -3.28 2.03
N ASN B 486 21.73 -3.45 1.63
CA ASN B 486 22.18 -2.88 0.37
C ASN B 486 21.54 -3.57 -0.82
N GLU B 487 21.27 -4.87 -0.70
CA GLU B 487 20.61 -5.58 -1.78
C GLU B 487 19.20 -5.02 -1.99
N LYS B 488 18.48 -4.79 -0.89
CA LYS B 488 17.14 -4.22 -0.99
C LYS B 488 17.17 -2.80 -1.52
N LEU B 489 18.16 -2.00 -1.08
CA LEU B 489 18.24 -0.63 -1.58
C LEU B 489 18.58 -0.61 -3.06
N GLN B 490 19.40 -1.55 -3.51
CA GLN B 490 19.70 -1.57 -4.95
C GLN B 490 18.52 -2.08 -5.76
N GLN B 491 17.74 -3.02 -5.21
CA GLN B 491 16.49 -3.38 -5.89
C GLN B 491 15.53 -2.19 -5.98
N PHE B 492 15.44 -1.38 -4.92
CA PHE B 492 14.66 -0.15 -4.93
C PHE B 492 15.12 0.80 -6.05
N PHE B 493 16.43 0.98 -6.20
CA PHE B 493 16.95 1.76 -7.33
C PHE B 493 16.53 1.15 -8.66
N ASN B 494 16.78 -0.16 -8.85
CA ASN B 494 16.50 -0.80 -10.13
C ASN B 494 15.03 -0.68 -10.49
N HIS B 495 14.18 -0.88 -9.51
CA HIS B 495 12.74 -0.80 -9.73
C HIS B 495 12.29 0.63 -10.05
N HIS B 496 12.91 1.64 -9.43
CA HIS B 496 12.56 3.02 -9.78
C HIS B 496 12.98 3.35 -11.21
N MET B 497 14.14 2.90 -11.61
CA MET B 497 14.59 3.08 -12.96
C MET B 497 13.60 2.39 -13.92
N PHE B 498 13.16 1.19 -13.57
CA PHE B 498 12.18 0.46 -14.37
C PHE B 498 10.91 1.29 -14.58
N LYS B 499 10.36 1.85 -13.51
CA LYS B 499 9.15 2.67 -13.68
C LYS B 499 9.40 3.88 -14.60
N LEU B 500 10.57 4.55 -14.50
CA LEU B 500 10.86 5.67 -15.37
C LEU B 500 11.04 5.24 -16.81
N GLU B 501 11.71 4.11 -17.03
CA GLU B 501 11.93 3.61 -18.38
C GLU B 501 10.64 3.14 -19.03
N GLN B 502 9.76 2.50 -18.28
CA GLN B 502 8.44 2.18 -18.81
C GLN B 502 7.76 3.45 -19.32
N GLU B 503 7.83 4.54 -18.56
CA GLU B 503 7.11 5.73 -18.98
C GLU B 503 7.79 6.37 -20.19
N GLU B 504 9.12 6.36 -20.22
CA GLU B 504 9.84 6.92 -21.39
C GLU B 504 9.50 6.16 -22.67
N TYR B 505 9.50 4.83 -22.63
CA TYR B 505 9.18 4.06 -23.84
C TYR B 505 7.73 4.28 -24.27
N LEU B 506 6.82 4.37 -23.30
CA LEU B 506 5.42 4.69 -23.63
C LEU B 506 5.31 6.06 -24.29
N LYS B 507 5.94 7.08 -23.71
CA LYS B 507 5.84 8.43 -24.24
C LYS B 507 6.36 8.53 -25.67
N GLU B 508 7.46 7.87 -25.94
CA GLU B 508 8.12 7.90 -27.24
C GLU B 508 7.52 6.89 -28.19
N LYS B 509 6.58 6.08 -27.71
CA LYS B 509 5.87 5.12 -28.51
C LYS B 509 6.81 4.09 -29.12
N ILE B 510 7.69 3.56 -28.29
CA ILE B 510 8.72 2.63 -28.76
C ILE B 510 8.23 1.21 -28.64
N ASN B 511 8.38 0.46 -29.72
CA ASN B 511 8.03 -0.94 -29.85
C ASN B 511 9.16 -1.80 -29.29
N TRP B 512 9.14 -1.98 -27.96
CA TRP B 512 10.11 -2.80 -27.26
C TRP B 512 9.60 -3.06 -25.85
N THR B 513 9.57 -4.30 -25.41
CA THR B 513 9.10 -4.59 -24.07
C THR B 513 10.23 -5.13 -23.19
N PHE B 514 10.11 -4.88 -21.89
CA PHE B 514 11.09 -5.35 -20.95
C PHE B 514 10.43 -5.54 -19.59
N ILE B 515 10.98 -6.41 -18.80
CA ILE B 515 10.37 -6.75 -17.53
C ILE B 515 11.10 -6.07 -16.38
N ASP B 516 10.41 -6.02 -15.25
CA ASP B 516 10.84 -5.25 -14.09
C ASP B 516 12.26 -5.59 -13.69
N PHE B 517 13.15 -4.57 -13.76
CA PHE B 517 14.54 -4.75 -13.39
C PHE B 517 14.69 -5.17 -11.94
N GLY B 518 13.74 -4.76 -11.09
CA GLY B 518 13.72 -5.21 -9.71
C GLY B 518 13.71 -6.71 -9.52
N LEU B 519 13.14 -7.46 -10.47
CA LEU B 519 13.12 -8.92 -10.36
C LEU B 519 14.53 -9.52 -10.35
N ASP B 520 15.51 -8.84 -10.94
CA ASP B 520 16.87 -9.37 -10.95
C ASP B 520 17.49 -9.52 -9.56
N SER B 521 16.97 -8.82 -8.57
CA SER B 521 17.53 -8.88 -7.23
C SER B 521 16.75 -9.85 -6.34
N GLN B 522 15.63 -10.33 -6.81
CA GLN B 522 14.70 -11.05 -5.93
C GLN B 522 15.25 -12.41 -5.52
N ALA B 523 16.03 -13.07 -6.39
CA ALA B 523 16.52 -14.38 -5.98
C ALA B 523 17.45 -14.22 -4.78
N THR B 524 18.35 -13.27 -4.85
CA THR B 524 19.25 -13.06 -3.72
C THR B 524 18.47 -12.64 -2.48
N ILE B 525 17.50 -11.72 -2.62
CA ILE B 525 16.74 -11.26 -1.47
CA ILE B 525 16.73 -11.25 -1.47
C ILE B 525 16.00 -12.42 -0.84
N ASP B 526 15.30 -13.21 -1.64
CA ASP B 526 14.58 -14.38 -1.13
C ASP B 526 15.51 -15.38 -0.44
N LEU B 527 16.70 -15.57 -0.98
CA LEU B 527 17.64 -16.48 -0.35
C LEU B 527 17.99 -16.03 1.06
N ILE B 528 17.97 -14.72 1.32
CA ILE B 528 18.28 -14.20 2.67
C ILE B 528 17.04 -14.16 3.54
N ASP B 529 15.95 -13.56 3.06
CA ASP B 529 14.85 -13.21 3.94
C ASP B 529 13.54 -13.92 3.59
N GLY B 530 13.56 -14.86 2.63
CA GLY B 530 12.32 -15.46 2.18
C GLY B 530 11.64 -16.31 3.24
N ARG B 531 10.33 -16.56 3.07
CA ARG B 531 9.63 -17.42 4.03
C ARG B 531 9.31 -18.80 3.50
N GLN B 532 9.01 -18.91 2.24
CA GLN B 532 8.66 -20.19 1.62
C GLN B 532 9.11 -20.11 0.18
N PRO B 533 10.23 -20.77 -0.22
CA PRO B 533 11.12 -21.61 0.62
C PRO B 533 11.79 -20.73 1.67
N PRO B 534 12.06 -21.28 2.87
CA PRO B 534 12.69 -20.46 3.91
C PRO B 534 14.10 -20.05 3.51
N GLY B 535 14.44 -18.78 3.80
CA GLY B 535 15.76 -18.25 3.53
C GLY B 535 16.71 -18.44 4.69
N ILE B 536 17.91 -17.89 4.52
CA ILE B 536 18.96 -18.01 5.53
C ILE B 536 18.49 -17.52 6.89
N LEU B 537 17.84 -16.36 6.93
CA LEU B 537 17.43 -15.78 8.20
C LEU B 537 16.33 -16.61 8.88
N ALA B 538 15.42 -17.15 8.09
CA ALA B 538 14.37 -17.99 8.64
C ALA B 538 14.94 -19.31 9.16
N LEU B 539 15.94 -19.90 8.45
CA LEU B 539 16.55 -21.14 8.96
C LEU B 539 17.37 -20.88 10.21
N LEU B 540 18.04 -19.73 10.26
CA LEU B 540 18.74 -19.31 11.49
C LEU B 540 17.76 -19.19 12.64
N ASP B 541 16.59 -18.58 12.41
CA ASP B 541 15.59 -18.50 13.47
C ASP B 541 15.14 -19.90 13.90
N GLU B 542 14.93 -20.79 12.93
CA GLU B 542 14.42 -22.13 13.29
C GLU B 542 15.40 -22.88 14.17
N GLN B 543 16.68 -22.72 13.91
CA GLN B 543 17.74 -23.37 14.65
C GLN B 543 17.92 -22.74 16.02
N SER B 544 17.70 -21.42 16.08
CA SER B 544 17.90 -20.64 17.30
C SER B 544 16.98 -21.09 18.43
N VAL B 545 15.81 -21.60 18.11
CA VAL B 545 14.89 -22.01 19.15
C VAL B 545 15.43 -23.21 19.92
N PHE B 546 16.31 -24.00 19.32
CA PHE B 546 16.85 -25.17 19.99
C PHE B 546 18.11 -24.84 20.71
N PRO B 547 18.20 -24.98 22.05
CA PRO B 547 19.45 -24.67 22.76
C PRO B 547 20.58 -25.59 22.36
N ASN B 548 20.29 -26.76 21.77
CA ASN B 548 21.31 -27.72 21.39
C ASN B 548 21.79 -27.57 19.94
N ALA B 549 21.24 -26.61 19.19
CA ALA B 549 21.75 -26.38 17.84
C ALA B 549 23.19 -25.87 17.93
N THR B 550 23.96 -26.10 16.89
CA THR B 550 25.36 -25.71 16.91
C THR B 550 25.73 -25.01 15.60
N ASP B 551 26.92 -24.40 15.57
CA ASP B 551 27.46 -23.90 14.31
C ASP B 551 27.29 -24.93 13.20
N ASN B 552 27.56 -26.20 13.53
CA ASN B 552 27.59 -27.23 12.50
C ASN B 552 26.20 -27.66 12.07
N THR B 553 25.26 -27.80 13.00
CA THR B 553 23.90 -28.10 12.56
C THR B 553 23.35 -26.96 11.72
N LEU B 554 23.72 -25.73 12.06
CA LEU B 554 23.18 -24.57 11.33
C LEU B 554 23.72 -24.52 9.90
N ILE B 555 25.04 -24.60 9.73
CA ILE B 555 25.57 -24.60 8.37
C ILE B 555 25.09 -25.82 7.58
N THR B 556 24.98 -26.98 8.25
CA THR B 556 24.46 -28.17 7.57
C THR B 556 23.06 -27.92 7.05
N LYS B 557 22.25 -27.22 7.84
CA LYS B 557 20.89 -26.92 7.42
C LYS B 557 20.86 -25.97 6.22
N LEU B 558 21.72 -24.95 6.23
CA LEU B 558 21.82 -24.05 5.08
C LEU B 558 22.21 -24.82 3.82
N HIS B 559 23.30 -25.59 3.90
CA HIS B 559 23.69 -26.40 2.75
C HIS B 559 22.58 -27.33 2.32
N SER B 560 21.93 -28.03 3.28
CA SER B 560 20.90 -28.98 2.88
C SER B 560 19.76 -28.26 2.14
N HIS B 561 19.54 -26.98 2.44
CA HIS B 561 18.45 -26.27 1.74
C HIS B 561 18.88 -25.60 0.46
N PHE B 562 20.12 -25.16 0.33
CA PHE B 562 20.51 -24.32 -0.79
C PHE B 562 21.62 -24.87 -1.68
N SER B 563 22.45 -25.77 -1.20
CA SER B 563 23.63 -26.18 -1.96
C SER B 563 23.21 -26.93 -3.21
N LYS B 564 23.65 -26.45 -4.37
CA LYS B 564 23.34 -27.04 -5.69
C LYS B 564 21.84 -26.96 -6.01
N LYS B 565 21.10 -26.19 -5.23
CA LYS B 565 19.68 -25.99 -5.44
C LYS B 565 19.31 -24.53 -5.69
N ASN B 566 20.17 -23.60 -5.37
CA ASN B 566 19.89 -22.17 -5.51
C ASN B 566 21.10 -21.55 -6.21
N ALA B 567 20.88 -20.96 -7.36
CA ALA B 567 22.00 -20.45 -8.15
C ALA B 567 22.73 -19.29 -7.47
N LYS B 568 22.17 -18.68 -6.43
CA LYS B 568 22.85 -17.58 -5.77
C LYS B 568 23.66 -18.02 -4.59
N TYR B 569 23.63 -19.31 -4.24
CA TYR B 569 24.29 -19.86 -3.06
C TYR B 569 25.43 -20.74 -3.46
N GLU B 570 26.48 -20.76 -2.65
CA GLU B 570 27.58 -21.69 -2.89
C GLU B 570 28.07 -22.35 -1.62
N GLU B 571 28.10 -23.67 -1.62
CA GLU B 571 28.84 -24.43 -0.62
C GLU B 571 30.29 -24.56 -1.10
N PRO B 572 31.26 -23.97 -0.43
CA PRO B 572 32.64 -24.09 -0.92
C PRO B 572 33.16 -25.51 -0.76
N ARG B 573 34.18 -25.87 -1.56
CA ARG B 573 34.68 -27.25 -1.50
C ARG B 573 35.50 -27.52 -0.26
N PHE B 574 36.22 -26.54 0.26
CA PHE B 574 37.21 -26.82 1.29
C PHE B 574 37.04 -26.00 2.55
N SER B 575 35.84 -25.47 2.80
CA SER B 575 35.49 -24.91 4.10
C SER B 575 34.25 -25.60 4.60
N LYS B 576 34.19 -25.88 5.90
CA LYS B 576 33.04 -26.51 6.52
C LYS B 576 32.16 -25.53 7.26
N THR B 577 32.55 -24.25 7.31
CA THR B 577 31.88 -23.24 8.11
C THR B 577 31.51 -21.98 7.32
N GLU B 578 31.71 -21.99 6.00
CA GLU B 578 31.44 -20.84 5.16
C GLU B 578 30.42 -21.20 4.08
N PHE B 579 29.62 -20.19 3.69
CA PHE B 579 28.76 -20.28 2.52
C PHE B 579 28.85 -18.96 1.78
N GLY B 580 28.61 -18.99 0.47
CA GLY B 580 28.67 -17.80 -0.38
C GLY B 580 27.29 -17.36 -0.81
N VAL B 581 27.06 -16.03 -0.82
CA VAL B 581 25.89 -15.43 -1.46
C VAL B 581 26.37 -14.56 -2.61
N THR B 582 25.74 -14.72 -3.76
CA THR B 582 26.02 -13.86 -4.91
C THR B 582 25.11 -12.63 -4.84
N HIS B 583 25.70 -11.49 -4.52
CA HIS B 583 24.99 -10.24 -4.37
C HIS B 583 25.09 -9.45 -5.69
N TYR B 584 24.32 -8.35 -5.81
CA TYR B 584 24.46 -7.50 -6.99
C TYR B 584 25.91 -7.05 -7.16
N ALA B 585 26.62 -6.83 -6.06
CA ALA B 585 27.99 -6.35 -6.06
C ALA B 585 29.04 -7.47 -6.08
N GLY B 586 28.63 -8.73 -6.12
CA GLY B 586 29.51 -9.86 -6.22
C GLY B 586 29.27 -10.88 -5.12
N GLN B 587 30.01 -11.98 -5.20
CA GLN B 587 29.88 -13.03 -4.19
C GLN B 587 30.54 -12.62 -2.89
N VAL B 588 29.85 -12.84 -1.78
CA VAL B 588 30.44 -12.68 -0.48
C VAL B 588 30.42 -14.04 0.21
N MET B 589 31.55 -14.42 0.80
CA MET B 589 31.65 -15.63 1.60
C MET B 589 31.46 -15.32 3.09
N TYR B 590 30.50 -15.98 3.73
CA TYR B 590 30.14 -15.74 5.13
C TYR B 590 30.52 -16.91 6.04
N GLU B 591 31.10 -16.58 7.20
CA GLU B 591 31.53 -17.55 8.21
C GLU B 591 30.47 -17.64 9.31
N ILE B 592 30.01 -18.88 9.58
CA ILE B 592 28.84 -19.13 10.42
C ILE B 592 29.12 -19.05 11.91
N GLN B 593 30.37 -18.93 12.30
CA GLN B 593 30.72 -19.02 13.69
C GLN B 593 29.90 -18.04 14.52
N ASP B 594 29.28 -18.59 15.58
CA ASP B 594 28.55 -17.86 16.62
C ASP B 594 27.25 -17.22 16.15
N TRP B 595 26.75 -17.56 14.96
CA TRP B 595 25.52 -16.92 14.51
C TRP B 595 24.34 -17.23 15.43
N LEU B 596 24.29 -18.45 16.00
CA LEU B 596 23.20 -18.77 16.91
C LEU B 596 23.18 -17.80 18.08
N GLU B 597 24.34 -17.51 18.65
CA GLU B 597 24.38 -16.59 19.77
C GLU B 597 24.10 -15.17 19.33
N LYS B 598 24.61 -14.76 18.16
CA LYS B 598 24.36 -13.39 17.70
C LYS B 598 22.89 -13.14 17.45
N ASN B 599 22.13 -14.19 17.15
CA ASN B 599 20.73 -14.03 16.82
C ASN B 599 19.84 -13.88 18.03
N LYS B 600 20.36 -14.07 19.23
CA LYS B 600 19.52 -14.04 20.43
C LYS B 600 19.76 -12.73 21.17
N ASP B 601 18.68 -12.11 21.57
CA ASP B 601 18.73 -10.80 22.17
C ASP B 601 17.93 -10.65 23.45
N PRO B 602 17.88 -11.63 24.34
CA PRO B 602 17.11 -11.45 25.57
C PRO B 602 17.86 -10.61 26.59
N LEU B 603 17.10 -9.88 27.38
CA LEU B 603 17.59 -9.21 28.58
C LEU B 603 16.76 -9.73 29.75
N GLN B 604 17.44 -10.16 30.81
CA GLN B 604 16.73 -10.72 31.95
C GLN B 604 15.90 -9.64 32.64
N GLN B 605 14.65 -9.97 32.96
CA GLN B 605 13.80 -8.97 33.60
C GLN B 605 14.45 -8.42 34.87
N ASP B 606 15.14 -9.26 35.64
CA ASP B 606 15.77 -8.77 36.87
C ASP B 606 16.82 -7.69 36.61
N LEU B 607 17.50 -7.73 35.46
CA LEU B 607 18.41 -6.65 35.13
C LEU B 607 17.64 -5.37 34.82
N GLU B 608 16.49 -5.51 34.14
CA GLU B 608 15.61 -4.38 33.94
C GLU B 608 15.23 -3.77 35.29
N LEU B 609 14.68 -4.59 36.19
CA LEU B 609 14.23 -4.11 37.49
C LEU B 609 15.34 -3.39 38.22
N CYS B 610 16.56 -3.90 38.10
CA CYS B 610 17.69 -3.30 38.79
C CYS B 610 17.98 -1.90 38.26
N PHE B 611 17.99 -1.72 36.93
CA PHE B 611 18.34 -0.42 36.41
C PHE B 611 17.20 0.58 36.44
N LYS B 612 15.95 0.10 36.48
CA LYS B 612 14.84 1.05 36.58
C LYS B 612 14.78 1.70 37.95
N ASP B 613 15.45 1.13 38.95
CA ASP B 613 15.67 1.77 40.25
C ASP B 613 16.98 2.54 40.28
N SER B 614 17.44 3.05 39.14
CA SER B 614 18.69 3.78 39.13
C SER B 614 18.52 5.16 39.76
N SER B 615 19.63 5.65 40.33
CA SER B 615 19.71 7.01 40.83
C SER B 615 19.84 8.04 39.72
N ASP B 616 20.21 7.64 38.51
CA ASP B 616 20.54 8.59 37.47
C ASP B 616 19.33 8.94 36.61
N ASN B 617 19.20 10.22 36.29
CA ASN B 617 18.03 10.68 35.57
C ASN B 617 17.96 10.10 34.17
N VAL B 618 19.08 10.07 33.45
CA VAL B 618 19.04 9.51 32.10
C VAL B 618 18.88 7.99 32.15
N VAL B 619 19.70 7.33 32.99
CA VAL B 619 19.60 5.87 33.12
C VAL B 619 18.17 5.44 33.37
N THR B 620 17.43 6.20 34.18
CA THR B 620 16.05 5.82 34.45
C THR B 620 15.21 5.91 33.19
N LYS B 621 15.47 6.93 32.35
CA LYS B 621 14.69 7.08 31.13
C LYS B 621 14.90 5.88 30.21
N LEU B 622 16.10 5.31 30.20
CA LEU B 622 16.40 4.19 29.30
C LEU B 622 15.60 2.94 29.65
N PHE B 623 15.22 2.76 30.92
CA PHE B 623 14.51 1.54 31.30
C PHE B 623 13.04 1.77 31.63
N ASN B 624 12.58 3.02 31.68
CA ASN B 624 11.20 3.30 32.01
C ASN B 624 10.38 3.90 30.88
N ASP B 625 11.03 4.41 29.82
CA ASP B 625 10.27 5.18 28.83
C ASP B 625 9.26 4.32 28.08
N PRO B 626 9.61 3.14 27.53
CA PRO B 626 8.60 2.37 26.77
C PRO B 626 7.90 1.26 27.56
N ASN B 627 8.44 0.87 28.70
CA ASN B 627 7.91 -0.26 29.47
C ASN B 627 8.14 -0.02 30.96
N PHE B 638 9.97 -12.97 22.63
CA PHE B 638 11.36 -12.58 22.38
C PHE B 638 11.68 -12.69 20.89
N ILE B 639 11.89 -11.52 20.27
CA ILE B 639 12.11 -11.40 18.84
C ILE B 639 13.59 -11.60 18.56
N THR B 640 13.92 -12.46 17.59
CA THR B 640 15.34 -12.68 17.29
C THR B 640 15.93 -11.43 16.64
N VAL B 641 17.25 -11.35 16.62
CA VAL B 641 17.94 -10.22 16.01
C VAL B 641 17.67 -10.18 14.52
N ALA B 642 17.60 -11.35 13.89
CA ALA B 642 17.30 -11.36 12.45
C ALA B 642 15.91 -10.82 12.22
N ALA B 643 14.97 -11.23 13.04
CA ALA B 643 13.60 -10.76 12.88
C ALA B 643 13.52 -9.26 13.09
N GLN B 644 14.25 -8.75 14.06
CA GLN B 644 14.24 -7.31 14.29
C GLN B 644 14.86 -6.58 13.11
N TYR B 645 15.98 -7.10 12.65
CA TYR B 645 16.67 -6.49 11.53
C TYR B 645 15.76 -6.44 10.33
N LYS B 646 15.05 -7.53 10.06
CA LYS B 646 14.16 -7.56 8.92
C LYS B 646 13.01 -6.56 9.06
N GLU B 647 12.46 -6.40 10.27
CA GLU B 647 11.31 -5.50 10.38
C GLU B 647 11.75 -4.05 10.37
N GLN B 648 12.95 -3.74 10.89
CA GLN B 648 13.46 -2.39 10.83
C GLN B 648 13.77 -1.96 9.40
N LEU B 649 14.37 -2.85 8.64
CA LEU B 649 14.63 -2.58 7.24
C LEU B 649 13.33 -2.44 6.48
N ALA B 650 12.35 -3.28 6.78
CA ALA B 650 11.06 -3.14 6.13
C ALA B 650 10.44 -1.77 6.37
N SER B 651 10.60 -1.25 7.59
CA SER B 651 10.09 0.09 7.95
C SER B 651 10.80 1.19 7.16
N LEU B 652 12.11 1.10 7.07
CA LEU B 652 12.86 2.06 6.25
C LEU B 652 12.38 2.04 4.80
N MET B 653 12.23 0.83 4.22
CA MET B 653 11.85 0.74 2.82
C MET B 653 10.46 1.31 2.60
N ALA B 654 9.55 1.05 3.56
CA ALA B 654 8.20 1.62 3.52
C ALA B 654 8.24 3.14 3.49
N THR B 655 9.10 3.74 4.32
CA THR B 655 9.30 5.19 4.27
C THR B 655 9.82 5.61 2.90
N LEU B 656 10.81 4.90 2.40
CA LEU B 656 11.38 5.27 1.11
C LEU B 656 10.37 5.14 -0.02
N GLU B 657 9.48 4.16 0.07
CA GLU B 657 8.45 3.97 -0.96
C GLU B 657 7.45 5.11 -1.04
N THR B 658 7.32 5.91 0.01
CA THR B 658 6.46 7.08 -0.06
C THR B 658 7.14 8.26 -0.73
N THR B 659 8.47 8.19 -0.94
CA THR B 659 9.18 9.33 -1.47
C THR B 659 9.48 9.16 -2.96
N ASN B 660 9.73 10.27 -3.59
CA ASN B 660 10.43 10.33 -4.87
C ASN B 660 11.93 10.34 -4.62
N PRO B 661 12.68 9.31 -5.02
CA PRO B 661 14.09 9.22 -4.60
C PRO B 661 15.11 9.79 -5.59
N HIS B 662 16.28 10.18 -5.07
CA HIS B 662 17.38 10.73 -5.84
C HIS B 662 18.63 10.04 -5.31
N PHE B 663 19.56 9.73 -6.20
CA PHE B 663 20.69 8.87 -5.86
C PHE B 663 22.03 9.53 -6.14
N VAL B 664 22.82 9.69 -5.09
CA VAL B 664 24.09 10.39 -5.15
C VAL B 664 25.16 9.40 -4.69
N ARG B 665 26.26 9.30 -5.43
CA ARG B 665 27.26 8.26 -5.24
C ARG B 665 28.60 8.97 -5.07
N CYS B 666 29.09 9.09 -3.85
CA CYS B 666 30.35 9.78 -3.59
C CYS B 666 31.49 8.76 -3.54
N ILE B 667 32.59 9.04 -4.26
CA ILE B 667 33.68 8.09 -4.31
C ILE B 667 35.04 8.77 -4.22
N ILE B 668 36.04 7.98 -3.83
CA ILE B 668 37.43 8.44 -3.85
C ILE B 668 38.14 7.96 -5.10
N PRO B 669 38.98 8.79 -5.71
CA PRO B 669 39.72 8.38 -6.91
C PRO B 669 40.93 7.51 -6.59
N ASN B 670 41.40 7.49 -5.35
CA ASN B 670 42.56 6.72 -4.94
C ASN B 670 42.59 6.61 -3.43
N ASN B 671 43.38 5.66 -2.92
CA ASN B 671 43.45 5.43 -1.49
C ASN B 671 44.56 6.23 -0.80
N LYS B 672 45.12 7.24 -1.45
CA LYS B 672 46.21 8.00 -0.83
C LYS B 672 45.88 9.46 -0.56
N GLN B 673 44.60 9.85 -0.62
CA GLN B 673 44.18 11.23 -0.38
C GLN B 673 44.96 12.22 -1.25
N LEU B 674 45.22 11.86 -2.46
CA LEU B 674 46.02 12.66 -3.36
C LEU B 674 45.15 13.27 -4.44
N PRO B 675 45.38 14.53 -4.81
CA PRO B 675 44.70 15.08 -5.99
C PRO B 675 45.33 14.58 -7.27
N ALA B 676 44.58 14.74 -8.36
CA ALA B 676 45.07 14.50 -9.71
C ALA B 676 45.63 13.10 -9.88
N LYS B 677 44.94 12.12 -9.33
CA LYS B 677 45.44 10.74 -9.38
C LYS B 677 44.27 9.78 -9.37
N LEU B 678 44.02 9.16 -10.50
CA LEU B 678 42.93 8.21 -10.62
C LEU B 678 43.47 6.80 -10.68
N GLU B 679 42.76 5.89 -10.01
CA GLU B 679 43.09 4.48 -9.97
C GLU B 679 41.82 3.73 -10.32
N ASP B 680 41.84 3.05 -11.48
CA ASP B 680 40.63 2.38 -11.94
C ASP B 680 40.19 1.28 -10.97
N LYS B 681 41.14 0.58 -10.36
CA LYS B 681 40.79 -0.48 -9.41
C LYS B 681 40.04 0.09 -8.21
N VAL B 682 40.48 1.26 -7.75
CA VAL B 682 39.85 1.87 -6.57
C VAL B 682 38.48 2.40 -6.95
N VAL B 683 38.40 3.05 -8.12
CA VAL B 683 37.12 3.66 -8.55
C VAL B 683 36.11 2.58 -8.85
N LEU B 684 36.50 1.58 -9.62
CA LEU B 684 35.51 0.60 -10.05
C LEU B 684 35.06 -0.29 -8.89
N ASP B 685 35.91 -0.54 -7.89
CA ASP B 685 35.45 -1.26 -6.70
C ASP B 685 34.28 -0.51 -6.04
N GLN B 686 34.44 0.81 -5.88
CA GLN B 686 33.37 1.60 -5.27
C GLN B 686 32.13 1.63 -6.16
N LEU B 687 32.30 1.80 -7.46
CA LEU B 687 31.12 1.83 -8.32
C LEU B 687 30.40 0.49 -8.34
N ARG B 688 31.10 -0.62 -8.10
CA ARG B 688 30.43 -1.93 -7.96
C ARG B 688 29.61 -1.98 -6.68
N CYS B 689 30.23 -1.62 -5.55
CA CYS B 689 29.57 -1.68 -4.27
C CYS B 689 28.40 -0.70 -4.13
N ASN B 690 28.48 0.48 -4.74
CA ASN B 690 27.43 1.48 -4.59
C ASN B 690 26.36 1.39 -5.67
N GLY B 691 26.44 0.41 -6.57
CA GLY B 691 25.36 0.11 -7.48
C GLY B 691 25.46 0.76 -8.87
N VAL B 692 26.42 1.64 -9.10
CA VAL B 692 26.52 2.26 -10.42
C VAL B 692 26.74 1.20 -11.51
N LEU B 693 27.60 0.22 -11.23
CA LEU B 693 27.89 -0.78 -12.28
C LEU B 693 26.68 -1.67 -12.54
N GLU B 694 25.86 -1.89 -11.52
CA GLU B 694 24.57 -2.56 -11.73
C GLU B 694 23.65 -1.72 -12.63
N GLY B 695 23.62 -0.40 -12.40
CA GLY B 695 22.86 0.48 -13.28
C GLY B 695 23.35 0.39 -14.72
N ILE B 696 24.66 0.36 -14.90
CA ILE B 696 25.24 0.18 -16.23
C ILE B 696 24.80 -1.15 -16.84
N ARG B 697 24.85 -2.21 -16.04
CA ARG B 697 24.44 -3.52 -16.52
C ARG B 697 23.06 -3.49 -17.11
N ILE B 698 22.14 -2.75 -16.49
CA ILE B 698 20.78 -2.71 -16.99
C ILE B 698 20.70 -1.78 -18.16
N THR B 699 21.34 -0.62 -18.05
CA THR B 699 21.22 0.42 -19.05
C THR B 699 21.72 -0.07 -20.39
N ARG B 700 22.80 -0.86 -20.40
CA ARG B 700 23.40 -1.26 -21.66
C ARG B 700 22.57 -2.27 -22.42
N LYS B 701 21.56 -2.89 -21.79
CA LYS B 701 20.85 -3.94 -22.48
C LYS B 701 19.75 -3.49 -23.42
N GLY B 702 19.23 -2.29 -23.28
CA GLY B 702 18.12 -1.96 -24.16
C GLY B 702 18.52 -1.03 -25.31
N PHE B 703 17.92 0.14 -25.31
CA PHE B 703 18.25 1.22 -26.25
C PHE B 703 18.69 2.41 -25.43
N PRO B 704 19.94 2.43 -24.96
CA PRO B 704 20.38 3.51 -24.07
C PRO B 704 20.49 4.89 -24.72
N ASN B 705 20.87 4.98 -26.00
CA ASN B 705 21.15 6.25 -26.65
C ASN B 705 19.93 6.75 -27.41
N ARG B 706 19.55 8.00 -27.16
CA ARG B 706 18.25 8.55 -27.54
C ARG B 706 18.50 9.95 -28.08
N ILE B 707 18.46 10.10 -29.39
CA ILE B 707 18.88 11.33 -30.07
C ILE B 707 17.68 11.98 -30.73
N ILE B 708 17.48 13.26 -30.44
CA ILE B 708 16.48 14.06 -31.14
C ILE B 708 16.78 14.04 -32.63
N TYR B 709 15.77 13.76 -33.47
CA TYR B 709 16.05 13.54 -34.89
C TYR B 709 16.85 14.67 -35.53
N ALA B 710 16.46 15.93 -35.32
CA ALA B 710 17.19 17.00 -35.99
C ALA B 710 18.67 17.02 -35.58
N ASP B 711 18.98 16.62 -34.34
CA ASP B 711 20.36 16.55 -33.88
C ASP B 711 21.12 15.44 -34.57
N PHE B 712 20.47 14.29 -34.74
CA PHE B 712 21.08 13.20 -35.49
C PHE B 712 21.40 13.65 -36.92
N VAL B 713 20.42 14.29 -37.57
CA VAL B 713 20.64 14.71 -38.96
C VAL B 713 21.74 15.76 -39.05
N LYS B 714 21.76 16.72 -38.12
CA LYS B 714 22.79 17.75 -38.18
C LYS B 714 24.19 17.15 -38.18
N ARG B 715 24.37 16.01 -37.50
CA ARG B 715 25.68 15.39 -37.39
C ARG B 715 25.97 14.41 -38.52
N TYR B 716 24.97 13.66 -38.97
CA TYR B 716 25.24 12.54 -39.84
C TYR B 716 24.63 12.62 -41.23
N TYR B 717 24.03 13.75 -41.60
CA TYR B 717 23.53 13.97 -42.96
C TYR B 717 24.59 13.60 -44.01
N LEU B 718 25.86 13.84 -43.71
CA LEU B 718 26.91 13.70 -44.72
C LEU B 718 27.24 12.25 -45.04
N LEU B 719 26.70 11.28 -44.29
CA LEU B 719 26.91 9.86 -44.54
C LEU B 719 26.02 9.29 -45.63
N ALA B 720 25.04 10.05 -46.11
CA ALA B 720 24.17 9.62 -47.19
C ALA B 720 24.07 10.70 -48.25
N PRO B 721 23.90 10.31 -49.51
CA PRO B 721 23.77 11.32 -50.57
C PRO B 721 22.48 12.12 -50.46
N ASN B 722 22.59 13.42 -50.73
CA ASN B 722 21.43 14.30 -50.89
C ASN B 722 20.54 14.31 -49.65
N VAL B 723 21.14 14.27 -48.47
CA VAL B 723 20.45 14.55 -47.23
C VAL B 723 21.00 15.89 -46.71
N PRO B 724 20.19 16.95 -46.66
CA PRO B 724 20.68 18.22 -46.12
C PRO B 724 20.85 18.18 -44.61
N ARG B 725 21.81 18.98 -44.11
CA ARG B 725 22.05 19.05 -42.67
C ARG B 725 20.85 19.60 -41.92
N ASP B 726 20.03 20.40 -42.57
CA ASP B 726 18.86 21.02 -41.97
C ASP B 726 17.58 20.54 -42.66
N ALA B 727 17.60 19.30 -43.15
CA ALA B 727 16.43 18.70 -43.78
C ALA B 727 15.17 18.95 -42.96
N GLU B 728 14.09 19.30 -43.65
CA GLU B 728 12.86 19.75 -43.00
C GLU B 728 12.17 18.61 -42.27
N ASP B 729 12.15 17.41 -42.86
CA ASP B 729 11.55 16.24 -42.22
C ASP B 729 12.69 15.44 -41.59
N SER B 730 12.95 15.72 -40.32
CA SER B 730 14.11 15.14 -39.67
C SER B 730 14.01 13.64 -39.54
N GLN B 731 12.78 13.10 -39.39
CA GLN B 731 12.67 11.66 -39.26
C GLN B 731 12.96 10.95 -40.55
N LYS B 732 12.45 11.47 -41.66
CA LYS B 732 12.70 10.81 -42.94
C LYS B 732 14.17 10.95 -43.35
N ALA B 733 14.81 12.06 -42.97
CA ALA B 733 16.23 12.20 -43.23
C ALA B 733 17.03 11.23 -42.36
N THR B 734 16.62 11.05 -41.10
CA THR B 734 17.28 10.03 -40.28
C THR B 734 17.14 8.66 -40.91
N ASP B 735 15.96 8.36 -41.44
CA ASP B 735 15.76 7.05 -42.06
C ASP B 735 16.59 6.93 -43.33
N ALA B 736 16.71 8.01 -44.09
CA ALA B 736 17.54 7.99 -45.29
C ALA B 736 18.96 7.58 -44.96
N VAL B 737 19.52 8.16 -43.90
CA VAL B 737 20.88 7.89 -43.50
C VAL B 737 21.02 6.44 -43.03
N LEU B 738 20.10 5.97 -42.19
CA LEU B 738 20.22 4.61 -41.68
C LEU B 738 20.13 3.58 -42.80
N LYS B 739 19.18 3.77 -43.72
CA LYS B 739 19.05 2.83 -44.82
C LYS B 739 20.28 2.85 -45.72
N HIS B 740 20.82 4.03 -46.05
CA HIS B 740 22.02 4.08 -46.89
C HIS B 740 23.18 3.36 -46.22
N LEU B 741 23.33 3.53 -44.91
CA LEU B 741 24.39 2.81 -44.24
C LEU B 741 24.08 1.35 -44.01
N ASN B 742 22.90 0.88 -44.40
CA ASN B 742 22.54 -0.54 -44.24
CA ASN B 742 22.53 -0.54 -44.23
C ASN B 742 22.58 -0.96 -42.78
N ILE B 743 22.14 -0.07 -41.88
CA ILE B 743 22.08 -0.39 -40.48
C ILE B 743 21.00 -1.44 -40.26
N ASP B 744 21.35 -2.49 -39.52
CA ASP B 744 20.41 -3.51 -39.06
C ASP B 744 19.26 -2.84 -38.32
N PRO B 745 18.03 -2.93 -38.83
CA PRO B 745 16.92 -2.25 -38.15
C PRO B 745 16.63 -2.76 -36.75
N GLU B 746 17.12 -3.95 -36.38
CA GLU B 746 16.91 -4.40 -35.02
C GLU B 746 17.69 -3.55 -34.03
N GLN B 747 18.68 -2.75 -34.50
CA GLN B 747 19.56 -1.99 -33.62
C GLN B 747 19.03 -0.61 -33.27
N TYR B 748 17.86 -0.24 -33.77
CA TYR B 748 17.28 1.04 -33.43
C TYR B 748 15.76 0.96 -33.43
N ARG B 749 15.14 1.97 -32.83
CA ARG B 749 13.71 2.16 -32.92
C ARG B 749 13.38 3.62 -33.10
N PHE B 750 12.43 3.91 -33.98
CA PHE B 750 11.95 5.27 -34.17
C PHE B 750 10.93 5.63 -33.09
N GLY B 751 11.25 6.63 -32.28
CA GLY B 751 10.31 7.22 -31.36
C GLY B 751 9.59 8.42 -31.95
N ILE B 752 8.74 9.04 -31.14
CA ILE B 752 7.99 10.20 -31.60
C ILE B 752 8.90 11.38 -31.85
N THR B 753 9.86 11.63 -30.93
CA THR B 753 10.80 12.72 -31.06
C THR B 753 12.27 12.28 -31.16
N LYS B 754 12.59 11.03 -30.87
CA LYS B 754 13.97 10.58 -30.82
C LYS B 754 14.14 9.24 -31.51
N ILE B 755 15.36 9.06 -32.03
CA ILE B 755 15.82 7.77 -32.51
C ILE B 755 16.52 7.09 -31.36
N PHE B 756 16.10 5.87 -31.04
CA PHE B 756 16.63 5.05 -29.95
C PHE B 756 17.62 4.07 -30.55
N PHE B 757 18.81 3.97 -29.97
CA PHE B 757 19.81 3.01 -30.44
C PHE B 757 20.22 2.02 -29.37
N ARG B 758 20.43 0.78 -29.80
CA ARG B 758 21.10 -0.22 -28.98
C ARG B 758 22.56 0.15 -28.80
N ALA B 759 23.15 -0.36 -27.72
CA ALA B 759 24.55 -0.10 -27.44
C ALA B 759 25.44 -0.46 -28.63
N GLY B 760 26.46 0.34 -28.83
CA GLY B 760 27.39 0.14 -29.92
C GLY B 760 27.00 0.80 -31.21
N GLN B 761 25.71 0.94 -31.49
CA GLN B 761 25.31 1.28 -32.84
C GLN B 761 25.62 2.75 -33.16
N LEU B 762 25.38 3.66 -32.22
CA LEU B 762 25.71 5.05 -32.46
C LEU B 762 27.22 5.24 -32.59
N ALA B 763 28.02 4.54 -31.79
CA ALA B 763 29.47 4.60 -31.97
C ALA B 763 29.87 4.18 -33.39
N ARG B 764 29.22 3.16 -33.95
CA ARG B 764 29.64 2.77 -35.30
C ARG B 764 29.24 3.81 -36.35
N ILE B 765 28.15 4.52 -36.13
CA ILE B 765 27.76 5.64 -37.01
C ILE B 765 28.75 6.79 -36.88
N GLU B 766 29.15 7.10 -35.65
CA GLU B 766 30.22 8.08 -35.42
C GLU B 766 31.52 7.67 -36.10
N GLU B 767 31.94 6.41 -35.95
CA GLU B 767 33.14 5.93 -36.65
C GLU B 767 33.01 6.12 -38.15
N ALA B 768 31.83 5.86 -38.70
CA ALA B 768 31.65 6.07 -40.13
C ALA B 768 31.79 7.55 -40.47
N ARG B 769 31.30 8.41 -39.60
CA ARG B 769 31.49 9.84 -39.85
C ARG B 769 32.96 10.24 -39.78
N GLU B 770 33.69 9.76 -38.76
CA GLU B 770 35.10 10.07 -38.66
C GLU B 770 35.83 9.65 -39.93
N GLN B 771 35.49 8.48 -40.48
CA GLN B 771 36.13 8.01 -41.68
CA GLN B 771 36.12 7.98 -41.69
C GLN B 771 35.71 8.80 -42.92
N ARG B 772 34.44 9.17 -43.01
CA ARG B 772 33.97 9.91 -44.18
C ARG B 772 34.62 11.29 -44.27
N LEU B 773 34.86 11.92 -43.13
CA LEU B 773 35.42 13.27 -43.19
C LEU B 773 36.83 13.29 -43.72
N GLU B 774 37.56 12.21 -43.54
CA GLU B 774 38.94 12.18 -44.02
C GLU B 774 39.09 11.34 -45.28
N SER B 775 37.99 10.99 -45.95
CA SER B 775 38.16 10.17 -47.14
C SER B 775 37.92 10.99 -48.41
N ASN B 776 38.46 10.48 -49.51
CA ASN B 776 38.40 11.23 -50.77
C ASN B 776 37.15 10.95 -51.56
N GLU B 777 36.41 9.91 -51.19
CA GLU B 777 35.16 9.53 -51.85
C GLU B 777 34.36 8.70 -50.84
N PRO B 778 33.09 8.39 -51.17
CA PRO B 778 32.38 7.51 -50.25
C PRO B 778 32.95 6.07 -50.24
N PRO B 779 32.64 5.29 -49.18
CA PRO B 779 33.10 3.91 -49.05
C PRO B 779 32.80 2.91 -50.19
N MET B 780 33.43 1.74 -50.07
CA MET B 780 33.35 0.60 -51.00
C MET B 780 33.41 1.02 -52.47
MG MG C . -35.11 -5.89 -5.34
MG MG D . -35.38 -8.91 4.39
C1 EDO E . -22.16 -0.16 2.95
O1 EDO E . -22.27 -0.52 4.33
C2 EDO E . -22.01 -1.40 2.10
O2 EDO E . -23.21 -2.16 2.25
H11 EDO E . -23.06 0.38 2.64
H12 EDO E . -21.30 0.49 2.79
HO1 EDO E . -22.32 0.28 4.86
H21 EDO E . -21.86 -1.12 1.05
H22 EDO E . -21.14 -1.97 2.41
HO2 EDO E . -23.19 -2.92 1.63
C1 EDO F . -39.51 -9.02 3.86
O1 EDO F . -40.27 -8.39 2.83
C2 EDO F . -39.63 -8.19 5.14
O2 EDO F . -38.34 -8.09 5.75
H11 EDO F . -39.88 -10.04 4.05
H12 EDO F . -38.47 -9.10 3.56
HO1 EDO F . -40.19 -8.89 2.01
H21 EDO F . -39.99 -7.19 4.88
H22 EDO F . -40.33 -8.65 5.81
HO2 EDO F . -38.42 -7.62 6.60
C1 EDO G . -18.59 -32.48 10.99
O1 EDO G . -19.94 -32.04 10.91
C2 EDO G . -18.08 -32.08 12.36
O2 EDO G . -16.86 -31.35 12.34
H11 EDO G . -17.98 -32.02 10.21
H12 EDO G . -18.52 -33.56 10.87
HO1 EDO G . -20.30 -32.25 10.04
H21 EDO G . -17.94 -32.98 12.97
H22 EDO G . -18.85 -31.47 12.86
HO2 EDO G . -16.39 -31.48 13.18
C1 EDO H . -39.23 -3.61 24.27
O1 EDO H . -37.93 -3.56 23.70
C2 EDO H . -40.14 -4.44 23.38
O2 EDO H . -39.51 -5.70 23.05
H11 EDO H . -39.19 -4.06 25.27
H12 EDO H . -39.63 -2.59 24.37
HO1 EDO H . -37.36 -3.03 24.27
H21 EDO H . -41.09 -4.62 23.90
H22 EDO H . -40.36 -3.88 22.46
HO2 EDO H . -40.11 -6.21 22.49
C1 EDO I . -23.26 12.47 8.38
O1 EDO I . -22.29 13.32 9.06
C2 EDO I . -23.36 11.12 9.08
O2 EDO I . -22.25 10.89 9.95
H11 EDO I . -24.24 12.96 8.40
H12 EDO I . -22.96 12.33 7.35
HO1 EDO I . -22.30 14.20 8.64
H21 EDO I . -23.40 10.32 8.33
H22 EDO I . -24.29 11.07 9.66
HO2 EDO I . -22.00 9.96 9.91
C1 EDO J . -15.10 -7.23 7.92
O1 EDO J . -14.86 -8.06 9.08
C2 EDO J . -16.26 -7.88 7.13
O2 EDO J . -16.19 -9.30 7.29
H11 EDO J . -15.36 -6.22 8.22
H12 EDO J . -14.20 -7.17 7.30
HO1 EDO J . -14.12 -7.71 9.60
H21 EDO J . -17.21 -7.50 7.50
H22 EDO J . -16.18 -7.61 6.07
HO2 EDO J . -16.95 -9.71 6.85
C1 EDO K . -0.09 11.50 -24.71
O1 EDO K . -0.66 11.04 -25.94
C2 EDO K . 0.57 12.85 -24.93
O2 EDO K . -0.23 13.87 -24.31
H11 EDO K . -0.88 11.59 -23.96
H12 EDO K . 0.65 10.79 -24.35
HO1 EDO K . -1.08 10.17 -25.80
H21 EDO K . 0.66 13.06 -26.00
H22 EDO K . 1.57 12.86 -24.50
HO2 EDO K . 0.18 14.73 -24.45
C1 EDO L . -49.31 22.76 5.50
O1 EDO L . -48.29 23.32 6.35
C2 EDO L . -49.63 21.36 6.00
O2 EDO L . -50.79 20.80 5.35
H11 EDO L . -50.21 23.39 5.55
H12 EDO L . -48.98 22.72 4.47
HO1 EDO L . -48.08 24.22 6.03
H21 EDO L . -49.81 21.39 7.07
H22 EDO L . -48.77 20.70 5.82
HO2 EDO L . -51.07 20.01 5.82
C1 EDO M . -44.25 16.04 15.74
O1 EDO M . -43.44 14.86 15.96
C2 EDO M . -44.90 16.00 14.36
O2 EDO M . -45.63 14.77 14.18
H11 EDO M . -45.02 16.11 16.51
H12 EDO M . -43.61 16.94 15.82
HO1 EDO M . -43.05 14.91 16.84
H21 EDO M . -45.58 16.85 14.24
H22 EDO M . -44.13 16.09 13.59
HO2 EDO M . -45.47 14.42 13.29
C1 EDO N . -21.06 -6.52 -18.88
O1 EDO N . -20.66 -5.44 -18.04
C2 EDO N . -22.39 -7.11 -18.40
O2 EDO N . -22.34 -8.53 -18.25
H11 EDO N . -20.29 -7.29 -18.85
H12 EDO N . -21.16 -6.17 -19.90
HO1 EDO N . -19.99 -4.91 -18.49
H21 EDO N . -23.17 -6.85 -19.12
H22 EDO N . -22.66 -6.66 -17.45
HO2 EDO N . -23.12 -8.92 -18.68
C1 GOL O . -9.58 -5.21 8.25
O1 GOL O . -8.87 -4.80 9.42
C2 GOL O . -10.38 -3.96 8.05
O2 GOL O . -9.72 -2.99 7.25
C3 GOL O . -11.77 -4.08 7.48
O3 GOL O . -12.10 -5.38 7.34
H11 GOL O . -10.15 -6.00 8.35
H12 GOL O . -9.02 -5.41 7.47
HO1 GOL O . -8.34 -5.46 9.67
H2 GOL O . -10.49 -3.71 8.99
HO2 GOL O . -9.74 -3.27 6.39
H31 GOL O . -11.79 -3.60 6.64
H32 GOL O . -12.38 -3.60 8.06
HO3 GOL O . -12.87 -5.41 6.89
C1 GOL P . -29.65 6.08 13.78
O1 GOL P . -29.99 4.74 13.95
C2 GOL P . -28.16 6.49 13.91
O2 GOL P . -27.43 6.19 12.82
C3 GOL P . -28.51 8.01 14.20
O3 GOL P . -27.43 8.90 14.09
H11 GOL P . -30.13 6.62 14.43
H12 GOL P . -29.94 6.39 12.91
HO1 GOL P . -30.81 4.61 13.58
H2 GOL P . -27.59 6.07 14.58
HO2 GOL P . -27.94 5.99 12.18
H31 GOL P . -28.90 8.04 15.09
H32 GOL P . -29.22 8.26 13.59
HO3 GOL P . -27.74 9.70 14.28
C1 GOL Q . -29.70 12.53 16.10
O1 GOL Q . -28.53 13.32 15.83
C2 GOL Q . -30.29 13.09 17.48
O2 GOL Q . -29.74 14.32 17.75
C3 GOL Q . -31.83 13.03 17.33
O3 GOL Q . -32.40 14.16 18.02
H11 GOL Q . -29.52 11.59 16.18
H12 GOL Q . -30.37 12.61 15.41
HO1 GOL Q . -28.32 13.21 15.02
H2 GOL Q . -30.06 12.53 18.24
H31 GOL Q . -32.14 12.18 17.68
H32 GOL Q . -32.04 13.02 16.38
HO3 GOL Q . -33.25 14.15 17.88
C1 GOL R . -25.46 -23.53 12.20
O1 GOL R . -24.54 -22.45 12.44
C2 GOL R . -25.30 -24.83 13.17
O2 GOL R . -25.91 -24.69 14.37
C3 GOL R . -25.97 -25.89 12.20
O3 GOL R . -26.40 -27.07 12.84
H11 GOL R . -25.37 -23.86 11.29
H12 GOL R . -26.37 -23.23 12.29
HO1 GOL R . -24.78 -21.79 11.90
H2 GOL R . -24.38 -25.03 13.44
HO2 GOL R . -26.27 -25.41 14.52
H31 GOL R . -25.33 -26.07 11.50
H32 GOL R . -26.71 -25.43 11.75
HO3 GOL R . -26.93 -27.46 12.30
C1 GOL S . -37.85 -8.33 -4.91
O1 GOL S . -38.54 -7.26 -5.46
C2 GOL S . -38.21 -8.44 -3.44
O2 GOL S . -37.13 -8.85 -2.69
C3 GOL S . -38.56 -7.06 -2.94
O3 GOL S . -38.81 -7.06 -1.55
H11 GOL S . -36.88 -8.23 -4.98
H12 GOL S . -38.04 -9.18 -5.34
HO1 GOL S . -38.45 -7.30 -6.34
H2 GOL S . -38.96 -9.05 -3.38
HO2 GOL S . -36.54 -8.19 -2.70
H31 GOL S . -37.83 -6.47 -3.18
H32 GOL S . -39.33 -6.75 -3.45
HO3 GOL S . -38.54 -6.23 -1.24
MG MG T . 32.42 9.96 2.71
MG MG U . 32.90 12.72 -3.46
C1 EDO V . 40.53 -1.38 -4.25
O1 EDO V . 41.97 -1.33 -4.36
C2 EDO V . 40.08 -0.95 -2.86
O2 EDO V . 40.40 0.43 -2.60
H11 EDO V . 40.08 -0.71 -5.00
H12 EDO V . 40.18 -2.38 -4.45
HO1 EDO V . 42.23 -1.62 -5.23
H21 EDO V . 39.01 -1.09 -2.76
H22 EDO V . 40.57 -1.58 -2.11
HO2 EDO V . 40.11 0.67 -1.71
C1 EDO W . 33.68 17.04 -2.56
O1 EDO W . 33.54 16.57 -1.21
C2 EDO W . 33.50 15.87 -3.55
O2 EDO W . 32.19 15.96 -4.09
H11 EDO W . 34.67 17.47 -2.70
H12 EDO W . 32.95 17.80 -2.76
HO1 EDO W . 33.65 17.31 -0.60
H21 EDO W . 33.64 14.92 -3.04
H22 EDO W . 34.24 15.93 -4.34
HO2 EDO W . 32.23 15.93 -5.06
C1 EDO X . 25.71 21.74 -20.11
O1 EDO X . 26.68 21.89 -19.07
C2 EDO X . 24.43 21.17 -19.52
O2 EDO X . 23.52 20.84 -20.58
H11 EDO X . 25.50 22.71 -20.58
H12 EDO X . 26.09 21.07 -20.89
HO1 EDO X . 27.50 22.26 -19.43
H21 EDO X . 24.65 20.28 -18.93
H22 EDO X . 23.96 21.91 -18.86
HO2 EDO X . 22.70 20.47 -20.20
C1 EDO Y . 22.53 0.28 -3.31
O1 EDO Y . 22.11 1.24 -4.29
C2 EDO Y . 23.20 1.04 -2.17
O2 EDO Y . 24.59 1.18 -2.57
H11 EDO Y . 21.68 -0.28 -2.92
H12 EDO Y . 23.23 -0.43 -3.75
HO1 EDO Y . 21.57 0.78 -4.96
H21 EDO Y . 23.13 0.48 -1.23
H22 EDO Y . 22.73 2.01 -2.02
HO2 EDO Y . 25.07 1.67 -1.88
C1 EDO Z . 10.15 5.33 -5.76
O1 EDO Z . 10.17 4.17 -6.57
C2 EDO Z . 9.02 5.26 -4.71
O2 EDO Z . 8.03 4.32 -5.17
H11 EDO Z . 10.00 6.21 -6.38
H12 EDO Z . 11.10 5.44 -5.25
HO1 EDO Z . 10.98 4.15 -7.11
H21 EDO Z . 9.43 4.95 -3.74
H22 EDO Z . 8.57 6.24 -4.57
HO2 EDO Z . 7.32 4.26 -4.52
C1 EDO AA . 7.77 6.67 -11.11
O1 EDO AA . 6.89 6.53 -12.23
C2 EDO AA . 7.17 7.58 -10.04
O2 EDO AA . 7.58 8.93 -10.31
H11 EDO AA . 8.72 7.11 -11.45
H12 EDO AA . 7.98 5.70 -10.67
HO1 EDO AA . 7.30 5.97 -12.89
H21 EDO AA . 6.08 7.51 -10.06
H22 EDO AA . 7.52 7.28 -9.05
HO2 EDO AA . 7.22 9.52 -9.63
C1 EDO BA . 7.14 30.73 6.53
O1 EDO BA . 7.87 31.97 6.42
C2 EDO BA . 5.82 30.86 5.78
O2 EDO BA . 4.76 30.79 6.72
H11 EDO BA . 6.96 30.49 7.58
H12 EDO BA . 7.74 29.91 6.11
HO1 EDO BA . 8.22 32.22 7.29
H21 EDO BA . 5.79 31.81 5.26
H22 EDO BA . 5.73 30.06 5.05
HO2 EDO BA . 3.91 30.90 6.27
C1 EDO CA . 11.20 -26.20 4.03
O1 EDO CA . 11.18 -25.95 5.44
C2 EDO CA . 9.98 -25.54 3.42
O2 EDO CA . 10.20 -25.39 2.01
H11 EDO CA . 11.18 -27.27 3.85
H12 EDO CA . 12.12 -25.80 3.59
HO1 EDO CA . 11.73 -26.61 5.90
H21 EDO CA . 9.09 -26.15 3.61
H22 EDO CA . 9.81 -24.56 3.88
HO2 EDO CA . 9.41 -25.00 1.61
C1 EDO DA . -0.36 15.49 -6.02
O1 EDO DA . -1.18 15.60 -7.19
C2 EDO DA . -1.07 15.67 -4.67
O2 EDO DA . -2.43 15.22 -4.63
H11 EDO DA . 0.11 14.51 -6.02
H12 EDO DA . 0.43 16.25 -6.08
HO1 EDO DA . -0.63 15.49 -7.98
H21 EDO DA . -0.51 15.12 -3.91
H22 EDO DA . -1.05 16.72 -4.41
HO2 EDO DA . -2.80 15.38 -3.75
C1 EDO EA . 33.89 12.69 4.13
O1 EDO EA . 34.92 12.02 3.39
C2 EDO EA . 33.90 14.14 3.69
O2 EDO EA . 32.59 14.47 3.27
H11 EDO EA . 34.09 12.62 5.21
H12 EDO EA . 32.92 12.24 3.94
HO1 EDO EA . 35.24 12.61 2.69
H21 EDO EA . 34.21 14.79 4.50
H22 EDO EA . 34.60 14.28 2.86
HO2 EDO EA . 32.29 15.26 3.74
C1 GOL FA . 46.05 4.31 -17.90
O1 GOL FA . 47.15 3.69 -18.50
C2 GOL FA . 45.09 3.19 -17.51
O2 GOL FA . 44.13 3.59 -16.63
C3 GOL FA . 44.52 2.70 -18.83
O3 GOL FA . 43.80 3.74 -19.44
H11 GOL FA . 45.60 4.93 -18.49
H12 GOL FA . 46.29 4.82 -17.11
HO1 GOL FA . 47.76 4.33 -18.68
H2 GOL FA . 45.57 2.49 -17.05
HO2 GOL FA . 43.66 2.86 -16.43
H31 GOL FA . 45.26 2.38 -19.39
H32 GOL FA . 43.98 1.91 -18.67
HO3 GOL FA . 43.77 3.59 -20.33
C1 GOL GA . 26.41 13.19 -31.30
O1 GOL GA . 27.10 12.01 -30.86
C2 GOL GA . 25.06 12.78 -31.93
O2 GOL GA . 24.30 13.89 -32.33
C3 GOL GA . 24.36 11.98 -30.85
O3 GOL GA . 24.23 12.82 -29.74
H11 GOL GA . 26.94 13.69 -31.95
H12 GOL GA . 26.24 13.81 -30.58
HO1 GOL GA . 27.91 12.27 -30.52
H2 GOL GA . 25.22 12.26 -32.74
HO2 GOL GA . 23.57 13.57 -32.76
H31 GOL GA . 24.86 11.17 -30.66
H32 GOL GA . 23.50 11.68 -31.18
HO3 GOL GA . 23.84 12.37 -29.08
C1 GOL HA . 33.96 17.76 -36.74
O1 GOL HA . 33.00 17.58 -35.78
C2 GOL HA . 33.53 18.97 -37.61
O2 GOL HA . 32.25 18.80 -38.06
C3 GOL HA . 34.60 19.03 -38.69
O3 GOL HA . 34.48 20.28 -39.27
H11 GOL HA . 34.07 16.99 -37.31
H12 GOL HA . 34.84 17.94 -36.36
HO1 GOL HA . 33.38 17.72 -35.04
H2 GOL HA . 33.50 19.81 -37.12
HO2 GOL HA . 32.08 19.45 -38.57
H31 GOL HA . 34.48 18.29 -39.31
H32 GOL HA . 35.48 18.87 -38.28
C1 GOL IA . 26.29 26.36 -0.35
O1 GOL IA . 27.33 25.59 0.20
C2 GOL IA . 26.40 27.86 0.07
O2 GOL IA . 27.35 28.54 -0.64
C3 GOL IA . 24.94 28.34 -0.20
O3 GOL IA . 24.72 29.51 0.51
H11 GOL IA . 25.42 26.03 -0.07
H12 GOL IA . 26.30 26.32 -1.32
HO1 GOL IA . 27.64 25.09 -0.43
H2 GOL IA . 26.68 27.98 1.00
HO2 GOL IA . 27.14 28.52 -1.45
H31 GOL IA . 24.33 27.62 0.06
H32 GOL IA . 24.82 28.45 -1.15
HO3 GOL IA . 23.90 29.70 0.44
C1 GOL JA . 13.55 10.48 -10.75
O1 GOL JA . 12.35 10.20 -9.96
C2 GOL JA . 14.74 10.63 -9.77
O2 GOL JA . 15.54 9.47 -9.55
C3 GOL JA . 15.64 11.73 -10.41
O3 GOL JA . 16.60 12.12 -9.45
H11 GOL JA . 13.47 11.30 -11.27
H12 GOL JA . 13.75 9.77 -11.38
HO1 GOL JA . 12.30 10.79 -9.34
H2 GOL JA . 14.36 10.85 -8.91
HO2 GOL JA . 15.67 9.40 -8.71
H31 GOL JA . 16.04 11.36 -11.22
H32 GOL JA . 15.07 12.46 -10.71
HO3 GOL JA . 16.82 12.94 -9.63
C1 PGE KA . 37.58 18.79 -24.87
O1 PGE KA . 38.30 17.58 -25.10
C2 PGE KA . 36.42 18.51 -23.94
O2 PGE KA . 36.64 17.26 -23.30
C3 PGE KA . 35.45 16.64 -22.84
C4 PGE KA . 34.82 17.49 -21.76
O4 PGE KA . 30.59 18.21 -20.47
C6 PGE KA . 31.60 19.02 -21.03
C5 PGE KA . 32.89 18.27 -20.79
O3 PGE KA . 33.43 17.69 -21.98
H1 PGE KA . 38.20 19.56 -24.40
H12 PGE KA . 37.16 19.20 -25.79
HO1 PGE KA . 39.02 17.73 -25.73
H2 PGE KA . 36.35 19.31 -23.18
H22 PGE KA . 35.48 18.50 -24.51
H3 PGE KA . 34.72 16.52 -23.66
H32 PGE KA . 35.65 15.64 -22.42
H4 PGE KA . 34.98 17.00 -20.79
H42 PGE KA . 35.33 18.47 -21.74
HO4 PGE KA . 29.75 18.66 -20.57
H6 PGE KA . 31.65 20.01 -20.56
H62 PGE KA . 31.46 19.18 -22.12
H5 PGE KA . 32.68 17.48 -20.04
H52 PGE KA . 33.61 18.97 -20.34
C1 PEG LA . 7.73 12.22 -10.16
O1 PEG LA . 6.53 12.14 -10.90
C2 PEG LA . 8.53 13.43 -10.60
O2 PEG LA . 7.67 14.48 -10.99
C3 PEG LA . 8.34 15.70 -11.21
C4 PEG LA . 7.41 16.67 -11.92
O4 PEG LA . 6.60 17.31 -10.97
H11 PEG LA . 8.24 11.40 -10.33
H12 PEG LA . 7.52 12.29 -9.22
HO1 PEG LA . 5.93 11.78 -10.43
H21 PEG LA . 9.09 13.73 -9.86
H22 PEG LA . 9.10 13.19 -11.34
H31 PEG LA . 8.62 16.06 -10.37
H32 PEG LA . 9.11 15.53 -11.77
H41 PEG LA . 7.93 17.34 -12.40
H42 PEG LA . 6.85 16.19 -12.55
HO4 PEG LA . 6.42 18.09 -11.23
#